data_5BZQ
# 
_entry.id   5BZQ 
# 
_audit_conform.dict_name       mmcif_pdbx.dic 
_audit_conform.dict_version    5.398 
_audit_conform.dict_location   http://mmcif.pdb.org/dictionaries/ascii/mmcif_pdbx.dic 
# 
loop_
_database_2.database_id 
_database_2.database_code 
_database_2.pdbx_database_accession 
_database_2.pdbx_DOI 
PDB   5BZQ         pdb_00005bzq 10.2210/pdb5bzq/pdb 
WWPDB D_1000210191 ?            ?                   
# 
loop_
_pdbx_audit_revision_history.ordinal 
_pdbx_audit_revision_history.data_content_type 
_pdbx_audit_revision_history.major_revision 
_pdbx_audit_revision_history.minor_revision 
_pdbx_audit_revision_history.revision_date 
1 'Structure model' 1 0 2016-06-29 
2 'Structure model' 1 1 2024-11-13 
# 
_pdbx_audit_revision_details.ordinal             1 
_pdbx_audit_revision_details.revision_ordinal    1 
_pdbx_audit_revision_details.data_content_type   'Structure model' 
_pdbx_audit_revision_details.provider            repository 
_pdbx_audit_revision_details.type                'Initial release' 
_pdbx_audit_revision_details.description         ? 
_pdbx_audit_revision_details.details             ? 
# 
loop_
_pdbx_audit_revision_group.ordinal 
_pdbx_audit_revision_group.revision_ordinal 
_pdbx_audit_revision_group.data_content_type 
_pdbx_audit_revision_group.group 
1 2 'Structure model' 'Data collection'      
2 2 'Structure model' 'Database references'  
3 2 'Structure model' 'Derived calculations' 
4 2 'Structure model' 'Structure summary'    
# 
loop_
_pdbx_audit_revision_category.ordinal 
_pdbx_audit_revision_category.revision_ordinal 
_pdbx_audit_revision_category.data_content_type 
_pdbx_audit_revision_category.category 
1 2 'Structure model' chem_comp_atom              
2 2 'Structure model' chem_comp_bond              
3 2 'Structure model' citation                    
4 2 'Structure model' database_2                  
5 2 'Structure model' diffrn_radiation_wavelength 
6 2 'Structure model' pdbx_entry_details          
7 2 'Structure model' pdbx_modification_feature   
8 2 'Structure model' pdbx_struct_oper_list       
# 
loop_
_pdbx_audit_revision_item.ordinal 
_pdbx_audit_revision_item.revision_ordinal 
_pdbx_audit_revision_item.data_content_type 
_pdbx_audit_revision_item.item 
1 2 'Structure model' '_citation.journal_id_CSD'                  
2 2 'Structure model' '_database_2.pdbx_DOI'                      
3 2 'Structure model' '_database_2.pdbx_database_accession'       
4 2 'Structure model' '_pdbx_struct_oper_list.symmetry_operation' 
# 
_pdbx_database_status.status_code                     REL 
_pdbx_database_status.status_code_sf                  REL 
_pdbx_database_status.status_code_mr                  ? 
_pdbx_database_status.entry_id                        5BZQ 
_pdbx_database_status.recvd_initial_deposition_date   2015-06-11 
_pdbx_database_status.SG_entry                        N 
_pdbx_database_status.deposit_site                    RCSB 
_pdbx_database_status.process_site                    RCSB 
_pdbx_database_status.status_code_cs                  ? 
_pdbx_database_status.methods_development_category    ? 
_pdbx_database_status.pdb_format_compatible           Y 
_pdbx_database_status.status_code_nmr_data            ? 
# 
loop_
_audit_author.name 
_audit_author.pdbx_ordinal 
'Liu, L.K.'    1 
'Finzel, B.C.' 2 
# 
_citation.abstract                  ? 
_citation.abstract_id_CAS           ? 
_citation.book_id_ISBN              ? 
_citation.book_publisher            ? 
_citation.book_publisher_city       ? 
_citation.book_title                ? 
_citation.coordinate_linkage        ? 
_citation.country                   ? 
_citation.database_id_Medline       ? 
_citation.details                   ? 
_citation.id                        primary 
_citation.journal_abbrev            'To Be Published' 
_citation.journal_id_ASTM           ? 
_citation.journal_id_CSD            0353 
_citation.journal_id_ISSN           ? 
_citation.journal_full              ? 
_citation.journal_issue             ? 
_citation.journal_volume            ? 
_citation.language                  ? 
_citation.page_first                ? 
_citation.page_last                 ? 
_citation.title                     'Crystal structure of the murine cd44 hyaluronan binding domain complex with a small molecule' 
_citation.year                      ? 
_citation.database_id_CSD           ? 
_citation.pdbx_database_id_DOI      ? 
_citation.pdbx_database_id_PubMed   ? 
_citation.unpublished_flag          ? 
# 
loop_
_citation_author.citation_id 
_citation_author.name 
_citation_author.ordinal 
_citation_author.identifier_ORCID 
primary 'Liu, L.K.'    1 ? 
primary 'Finzel, B.C.' 2 ? 
# 
loop_
_entity.id 
_entity.type 
_entity.src_method 
_entity.pdbx_description 
_entity.formula_weight 
_entity.pdbx_number_of_molecules 
_entity.pdbx_ec 
_entity.pdbx_mutation 
_entity.pdbx_fragment 
_entity.details 
1 polymer     man 'CD44 antigen'                                                       16855.803 1   ? 'H23M; Q24N' 
'HYALURONAN BINDING DOMAIN, UNP RESIDUES 21-171' ? 
2 non-polymer syn '2-[3-(morpholin-4-yl)propyl]-1,2,3,4-tetrahydroisoquinolin-8-amine' 275.389   1   ? ?            ? ? 
3 non-polymer syn 'DIMETHYL SULFOXIDE'                                                 78.133    1   ? ?            ? ? 
4 non-polymer syn 'SULFATE ION'                                                        96.063    1   ? ?            ? ? 
5 water       nat water                                                                18.015    109 ? ?            ? ? 
# 
_entity_name_com.entity_id   1 
_entity_name_com.name        
;Extracellular matrix receptor III,ECMR-III,GP90 lymphocyte homing/adhesion receptor,HUTCH-I,Hermes antigen,Hyaluronate receptor,Lymphocyte antigen 24,Ly-24,Phagocytic glycoprotein 1,PGP-1,Phagocytic glycoprotein I,PGP-I
;
# 
_entity_poly.entity_id                      1 
_entity_poly.type                           'polypeptide(L)' 
_entity_poly.nstd_linkage                   no 
_entity_poly.nstd_monomer                   no 
_entity_poly.pdbx_seq_one_letter_code       
;MNQIDLNVTCRYAGVFHVEKNGRYSISRTEAADLCQAFNSTLPTMDQMKLALSKGFETCRYGFIEGNVVIPRIHPNAICA
ANHTGVYILVTSNTSHYDTYCFNASAPPEEDCTSVTDLPNSFDGPVTITIVNRDGTRYSKKGEYRTHQEDI
;
_entity_poly.pdbx_seq_one_letter_code_can   
;MNQIDLNVTCRYAGVFHVEKNGRYSISRTEAADLCQAFNSTLPTMDQMKLALSKGFETCRYGFIEGNVVIPRIHPNAICA
ANHTGVYILVTSNTSHYDTYCFNASAPPEEDCTSVTDLPNSFDGPVTITIVNRDGTRYSKKGEYRTHQEDI
;
_entity_poly.pdbx_strand_id                 A 
_entity_poly.pdbx_target_identifier         ? 
# 
loop_
_pdbx_entity_nonpoly.entity_id 
_pdbx_entity_nonpoly.name 
_pdbx_entity_nonpoly.comp_id 
2 '2-[3-(morpholin-4-yl)propyl]-1,2,3,4-tetrahydroisoquinolin-8-amine' 4XL 
3 'DIMETHYL SULFOXIDE'                                                 DMS 
4 'SULFATE ION'                                                        SO4 
5 water                                                                HOH 
# 
loop_
_entity_poly_seq.entity_id 
_entity_poly_seq.num 
_entity_poly_seq.mon_id 
_entity_poly_seq.hetero 
1 1   MET n 
1 2   ASN n 
1 3   GLN n 
1 4   ILE n 
1 5   ASP n 
1 6   LEU n 
1 7   ASN n 
1 8   VAL n 
1 9   THR n 
1 10  CYS n 
1 11  ARG n 
1 12  TYR n 
1 13  ALA n 
1 14  GLY n 
1 15  VAL n 
1 16  PHE n 
1 17  HIS n 
1 18  VAL n 
1 19  GLU n 
1 20  LYS n 
1 21  ASN n 
1 22  GLY n 
1 23  ARG n 
1 24  TYR n 
1 25  SER n 
1 26  ILE n 
1 27  SER n 
1 28  ARG n 
1 29  THR n 
1 30  GLU n 
1 31  ALA n 
1 32  ALA n 
1 33  ASP n 
1 34  LEU n 
1 35  CYS n 
1 36  GLN n 
1 37  ALA n 
1 38  PHE n 
1 39  ASN n 
1 40  SER n 
1 41  THR n 
1 42  LEU n 
1 43  PRO n 
1 44  THR n 
1 45  MET n 
1 46  ASP n 
1 47  GLN n 
1 48  MET n 
1 49  LYS n 
1 50  LEU n 
1 51  ALA n 
1 52  LEU n 
1 53  SER n 
1 54  LYS n 
1 55  GLY n 
1 56  PHE n 
1 57  GLU n 
1 58  THR n 
1 59  CYS n 
1 60  ARG n 
1 61  TYR n 
1 62  GLY n 
1 63  PHE n 
1 64  ILE n 
1 65  GLU n 
1 66  GLY n 
1 67  ASN n 
1 68  VAL n 
1 69  VAL n 
1 70  ILE n 
1 71  PRO n 
1 72  ARG n 
1 73  ILE n 
1 74  HIS n 
1 75  PRO n 
1 76  ASN n 
1 77  ALA n 
1 78  ILE n 
1 79  CYS n 
1 80  ALA n 
1 81  ALA n 
1 82  ASN n 
1 83  HIS n 
1 84  THR n 
1 85  GLY n 
1 86  VAL n 
1 87  TYR n 
1 88  ILE n 
1 89  LEU n 
1 90  VAL n 
1 91  THR n 
1 92  SER n 
1 93  ASN n 
1 94  THR n 
1 95  SER n 
1 96  HIS n 
1 97  TYR n 
1 98  ASP n 
1 99  THR n 
1 100 TYR n 
1 101 CYS n 
1 102 PHE n 
1 103 ASN n 
1 104 ALA n 
1 105 SER n 
1 106 ALA n 
1 107 PRO n 
1 108 PRO n 
1 109 GLU n 
1 110 GLU n 
1 111 ASP n 
1 112 CYS n 
1 113 THR n 
1 114 SER n 
1 115 VAL n 
1 116 THR n 
1 117 ASP n 
1 118 LEU n 
1 119 PRO n 
1 120 ASN n 
1 121 SER n 
1 122 PHE n 
1 123 ASP n 
1 124 GLY n 
1 125 PRO n 
1 126 VAL n 
1 127 THR n 
1 128 ILE n 
1 129 THR n 
1 130 ILE n 
1 131 VAL n 
1 132 ASN n 
1 133 ARG n 
1 134 ASP n 
1 135 GLY n 
1 136 THR n 
1 137 ARG n 
1 138 TYR n 
1 139 SER n 
1 140 LYS n 
1 141 LYS n 
1 142 GLY n 
1 143 GLU n 
1 144 TYR n 
1 145 ARG n 
1 146 THR n 
1 147 HIS n 
1 148 GLN n 
1 149 GLU n 
1 150 ASP n 
1 151 ILE n 
# 
_entity_src_gen.entity_id                          1 
_entity_src_gen.pdbx_src_id                        1 
_entity_src_gen.pdbx_alt_source_flag               sample 
_entity_src_gen.pdbx_seq_type                      'Biological sequence' 
_entity_src_gen.pdbx_beg_seq_num                   1 
_entity_src_gen.pdbx_end_seq_num                   151 
_entity_src_gen.gene_src_common_name               Mouse 
_entity_src_gen.gene_src_genus                     ? 
_entity_src_gen.pdbx_gene_src_gene                 'Cd44, Ly-24' 
_entity_src_gen.gene_src_species                   ? 
_entity_src_gen.gene_src_strain                    ? 
_entity_src_gen.gene_src_tissue                    ? 
_entity_src_gen.gene_src_tissue_fraction           ? 
_entity_src_gen.gene_src_details                   ? 
_entity_src_gen.pdbx_gene_src_fragment             ? 
_entity_src_gen.pdbx_gene_src_scientific_name      'Mus musculus' 
_entity_src_gen.pdbx_gene_src_ncbi_taxonomy_id     10090 
_entity_src_gen.pdbx_gene_src_variant              ? 
_entity_src_gen.pdbx_gene_src_cell_line            ? 
_entity_src_gen.pdbx_gene_src_atcc                 ? 
_entity_src_gen.pdbx_gene_src_organ                ? 
_entity_src_gen.pdbx_gene_src_organelle            ? 
_entity_src_gen.pdbx_gene_src_cell                 ? 
_entity_src_gen.pdbx_gene_src_cellular_location    ? 
_entity_src_gen.host_org_common_name               ? 
_entity_src_gen.pdbx_host_org_scientific_name      'Escherichia coli' 
_entity_src_gen.pdbx_host_org_ncbi_taxonomy_id     469008 
_entity_src_gen.host_org_genus                     ? 
_entity_src_gen.pdbx_host_org_gene                 ? 
_entity_src_gen.pdbx_host_org_organ                ? 
_entity_src_gen.host_org_species                   ? 
_entity_src_gen.pdbx_host_org_tissue               ? 
_entity_src_gen.pdbx_host_org_tissue_fraction      ? 
_entity_src_gen.pdbx_host_org_strain               'BL21(DE3)' 
_entity_src_gen.pdbx_host_org_variant              ? 
_entity_src_gen.pdbx_host_org_cell_line            ? 
_entity_src_gen.pdbx_host_org_atcc                 ? 
_entity_src_gen.pdbx_host_org_culture_collection   ? 
_entity_src_gen.pdbx_host_org_cell                 ? 
_entity_src_gen.pdbx_host_org_organelle            ? 
_entity_src_gen.pdbx_host_org_cellular_location    ? 
_entity_src_gen.pdbx_host_org_vector_type          plasmid 
_entity_src_gen.pdbx_host_org_vector               ? 
_entity_src_gen.host_org_details                   ? 
_entity_src_gen.expression_system_id               ? 
_entity_src_gen.plasmid_name                       pMCSG7 
_entity_src_gen.plasmid_details                    ? 
_entity_src_gen.pdbx_description                   ? 
# 
loop_
_chem_comp.id 
_chem_comp.type 
_chem_comp.mon_nstd_flag 
_chem_comp.name 
_chem_comp.pdbx_synonyms 
_chem_comp.formula 
_chem_comp.formula_weight 
4XL non-polymer         . '2-[3-(morpholin-4-yl)propyl]-1,2,3,4-tetrahydroisoquinolin-8-amine' ? 'C16 H25 N3 O'   275.389 
ALA 'L-peptide linking' y ALANINE                                                              ? 'C3 H7 N O2'     89.093  
ARG 'L-peptide linking' y ARGININE                                                             ? 'C6 H15 N4 O2 1' 175.209 
ASN 'L-peptide linking' y ASPARAGINE                                                           ? 'C4 H8 N2 O3'    132.118 
ASP 'L-peptide linking' y 'ASPARTIC ACID'                                                      ? 'C4 H7 N O4'     133.103 
CYS 'L-peptide linking' y CYSTEINE                                                             ? 'C3 H7 N O2 S'   121.158 
DMS non-polymer         . 'DIMETHYL SULFOXIDE'                                                 ? 'C2 H6 O S'      78.133  
GLN 'L-peptide linking' y GLUTAMINE                                                            ? 'C5 H10 N2 O3'   146.144 
GLU 'L-peptide linking' y 'GLUTAMIC ACID'                                                      ? 'C5 H9 N O4'     147.129 
GLY 'peptide linking'   y GLYCINE                                                              ? 'C2 H5 N O2'     75.067  
HIS 'L-peptide linking' y HISTIDINE                                                            ? 'C6 H10 N3 O2 1' 156.162 
HOH non-polymer         . WATER                                                                ? 'H2 O'           18.015  
ILE 'L-peptide linking' y ISOLEUCINE                                                           ? 'C6 H13 N O2'    131.173 
LEU 'L-peptide linking' y LEUCINE                                                              ? 'C6 H13 N O2'    131.173 
LYS 'L-peptide linking' y LYSINE                                                               ? 'C6 H15 N2 O2 1' 147.195 
MET 'L-peptide linking' y METHIONINE                                                           ? 'C5 H11 N O2 S'  149.211 
PHE 'L-peptide linking' y PHENYLALANINE                                                        ? 'C9 H11 N O2'    165.189 
PRO 'L-peptide linking' y PROLINE                                                              ? 'C5 H9 N O2'     115.130 
SER 'L-peptide linking' y SERINE                                                               ? 'C3 H7 N O3'     105.093 
SO4 non-polymer         . 'SULFATE ION'                                                        ? 'O4 S -2'        96.063  
THR 'L-peptide linking' y THREONINE                                                            ? 'C4 H9 N O3'     119.119 
TYR 'L-peptide linking' y TYROSINE                                                             ? 'C9 H11 N O3'    181.189 
VAL 'L-peptide linking' y VALINE                                                               ? 'C5 H11 N O2'    117.146 
# 
loop_
_pdbx_poly_seq_scheme.asym_id 
_pdbx_poly_seq_scheme.entity_id 
_pdbx_poly_seq_scheme.seq_id 
_pdbx_poly_seq_scheme.mon_id 
_pdbx_poly_seq_scheme.ndb_seq_num 
_pdbx_poly_seq_scheme.pdb_seq_num 
_pdbx_poly_seq_scheme.auth_seq_num 
_pdbx_poly_seq_scheme.pdb_mon_id 
_pdbx_poly_seq_scheme.auth_mon_id 
_pdbx_poly_seq_scheme.pdb_strand_id 
_pdbx_poly_seq_scheme.pdb_ins_code 
_pdbx_poly_seq_scheme.hetero 
A 1 1   MET 1   23  ?   ?   ?   A . n 
A 1 2   ASN 2   24  24  ASN ASN A . n 
A 1 3   GLN 3   25  25  GLN GLN A . n 
A 1 4   ILE 4   26  26  ILE ILE A . n 
A 1 5   ASP 5   27  27  ASP ASP A . n 
A 1 6   LEU 6   28  28  LEU LEU A . n 
A 1 7   ASN 7   29  29  ASN ASN A . n 
A 1 8   VAL 8   30  30  VAL VAL A . n 
A 1 9   THR 9   31  31  THR THR A . n 
A 1 10  CYS 10  32  32  CYS CYS A . n 
A 1 11  ARG 11  33  33  ARG ARG A . n 
A 1 12  TYR 12  34  34  TYR TYR A . n 
A 1 13  ALA 13  35  35  ALA ALA A . n 
A 1 14  GLY 14  36  36  GLY GLY A . n 
A 1 15  VAL 15  37  37  VAL VAL A . n 
A 1 16  PHE 16  38  38  PHE PHE A . n 
A 1 17  HIS 17  39  39  HIS HIS A . n 
A 1 18  VAL 18  40  40  VAL VAL A . n 
A 1 19  GLU 19  41  41  GLU GLU A . n 
A 1 20  LYS 20  42  42  LYS LYS A . n 
A 1 21  ASN 21  43  43  ASN ASN A . n 
A 1 22  GLY 22  44  44  GLY GLY A . n 
A 1 23  ARG 23  45  45  ARG ARG A . n 
A 1 24  TYR 24  46  46  TYR TYR A . n 
A 1 25  SER 25  47  47  SER SER A . n 
A 1 26  ILE 26  48  48  ILE ILE A . n 
A 1 27  SER 27  49  49  SER SER A . n 
A 1 28  ARG 28  50  50  ARG ARG A . n 
A 1 29  THR 29  51  51  THR THR A . n 
A 1 30  GLU 30  52  52  GLU GLU A . n 
A 1 31  ALA 31  53  53  ALA ALA A . n 
A 1 32  ALA 32  54  54  ALA ALA A . n 
A 1 33  ASP 33  55  55  ASP ASP A . n 
A 1 34  LEU 34  56  56  LEU LEU A . n 
A 1 35  CYS 35  57  57  CYS CYS A . n 
A 1 36  GLN 36  58  58  GLN GLN A . n 
A 1 37  ALA 37  59  59  ALA ALA A . n 
A 1 38  PHE 38  60  60  PHE PHE A . n 
A 1 39  ASN 39  61  61  ASN ASN A . n 
A 1 40  SER 40  62  62  SER SER A . n 
A 1 41  THR 41  63  63  THR THR A . n 
A 1 42  LEU 42  64  64  LEU LEU A . n 
A 1 43  PRO 43  65  65  PRO PRO A . n 
A 1 44  THR 44  66  66  THR THR A . n 
A 1 45  MET 45  67  67  MET MET A . n 
A 1 46  ASP 46  68  68  ASP ASP A . n 
A 1 47  GLN 47  69  69  GLN GLN A . n 
A 1 48  MET 48  70  70  MET MET A . n 
A 1 49  LYS 49  71  71  LYS LYS A . n 
A 1 50  LEU 50  72  72  LEU LEU A . n 
A 1 51  ALA 51  73  73  ALA ALA A . n 
A 1 52  LEU 52  74  74  LEU LEU A . n 
A 1 53  SER 53  75  75  SER SER A . n 
A 1 54  LYS 54  76  76  LYS LYS A . n 
A 1 55  GLY 55  77  77  GLY GLY A . n 
A 1 56  PHE 56  78  78  PHE PHE A . n 
A 1 57  GLU 57  79  79  GLU GLU A . n 
A 1 58  THR 58  80  80  THR THR A . n 
A 1 59  CYS 59  81  81  CYS CYS A . n 
A 1 60  ARG 60  82  82  ARG ARG A . n 
A 1 61  TYR 61  83  83  TYR TYR A . n 
A 1 62  GLY 62  84  84  GLY GLY A . n 
A 1 63  PHE 63  85  85  PHE PHE A . n 
A 1 64  ILE 64  86  86  ILE ILE A . n 
A 1 65  GLU 65  87  87  GLU GLU A . n 
A 1 66  GLY 66  88  88  GLY GLY A . n 
A 1 67  ASN 67  89  89  ASN ASN A . n 
A 1 68  VAL 68  90  90  VAL VAL A . n 
A 1 69  VAL 69  91  91  VAL VAL A . n 
A 1 70  ILE 70  92  92  ILE ILE A . n 
A 1 71  PRO 71  93  93  PRO PRO A . n 
A 1 72  ARG 72  94  94  ARG ARG A . n 
A 1 73  ILE 73  95  95  ILE ILE A . n 
A 1 74  HIS 74  96  96  HIS HIS A . n 
A 1 75  PRO 75  97  97  PRO PRO A . n 
A 1 76  ASN 76  98  98  ASN ASN A . n 
A 1 77  ALA 77  99  99  ALA ALA A . n 
A 1 78  ILE 78  100 100 ILE ILE A . n 
A 1 79  CYS 79  101 101 CYS CYS A . n 
A 1 80  ALA 80  102 102 ALA ALA A . n 
A 1 81  ALA 81  103 103 ALA ALA A . n 
A 1 82  ASN 82  104 104 ASN ASN A . n 
A 1 83  HIS 83  105 105 HIS HIS A . n 
A 1 84  THR 84  106 106 THR THR A . n 
A 1 85  GLY 85  107 107 GLY GLY A . n 
A 1 86  VAL 86  108 108 VAL VAL A . n 
A 1 87  TYR 87  109 109 TYR TYR A . n 
A 1 88  ILE 88  110 110 ILE ILE A . n 
A 1 89  LEU 89  111 111 LEU LEU A . n 
A 1 90  VAL 90  112 112 VAL VAL A . n 
A 1 91  THR 91  113 113 THR THR A . n 
A 1 92  SER 92  114 114 SER SER A . n 
A 1 93  ASN 93  115 115 ASN ASN A . n 
A 1 94  THR 94  116 116 THR THR A . n 
A 1 95  SER 95  117 117 SER SER A . n 
A 1 96  HIS 96  118 118 HIS HIS A . n 
A 1 97  TYR 97  119 119 TYR TYR A . n 
A 1 98  ASP 98  120 120 ASP ASP A . n 
A 1 99  THR 99  121 121 THR THR A . n 
A 1 100 TYR 100 122 122 TYR TYR A . n 
A 1 101 CYS 101 123 123 CYS CYS A . n 
A 1 102 PHE 102 124 124 PHE PHE A . n 
A 1 103 ASN 103 125 125 ASN ASN A . n 
A 1 104 ALA 104 126 126 ALA ALA A . n 
A 1 105 SER 105 127 127 SER SER A . n 
A 1 106 ALA 106 128 128 ALA ALA A . n 
A 1 107 PRO 107 129 129 PRO PRO A . n 
A 1 108 PRO 108 130 130 PRO PRO A . n 
A 1 109 GLU 109 131 131 GLU GLU A . n 
A 1 110 GLU 110 132 132 GLU GLU A . n 
A 1 111 ASP 111 133 133 ASP ASP A . n 
A 1 112 CYS 112 134 134 CYS CYS A . n 
A 1 113 THR 113 135 135 THR THR A . n 
A 1 114 SER 114 136 136 SER SER A . n 
A 1 115 VAL 115 137 137 VAL VAL A . n 
A 1 116 THR 116 138 138 THR THR A . n 
A 1 117 ASP 117 139 139 ASP ASP A . n 
A 1 118 LEU 118 140 140 LEU LEU A . n 
A 1 119 PRO 119 141 141 PRO PRO A . n 
A 1 120 ASN 120 142 142 ASN ASN A . n 
A 1 121 SER 121 143 143 SER SER A . n 
A 1 122 PHE 122 144 144 PHE PHE A . n 
A 1 123 ASP 123 145 145 ASP ASP A . n 
A 1 124 GLY 124 146 146 GLY GLY A . n 
A 1 125 PRO 125 147 147 PRO PRO A . n 
A 1 126 VAL 126 148 148 VAL VAL A . n 
A 1 127 THR 127 149 149 THR THR A . n 
A 1 128 ILE 128 150 150 ILE ILE A . n 
A 1 129 THR 129 151 151 THR THR A . n 
A 1 130 ILE 130 152 152 ILE ILE A . n 
A 1 131 VAL 131 153 153 VAL VAL A . n 
A 1 132 ASN 132 154 154 ASN ASN A . n 
A 1 133 ARG 133 155 155 ARG ARG A . n 
A 1 134 ASP 134 156 156 ASP ASP A . n 
A 1 135 GLY 135 157 157 GLY GLY A . n 
A 1 136 THR 136 158 158 THR THR A . n 
A 1 137 ARG 137 159 159 ARG ARG A . n 
A 1 138 TYR 138 160 160 TYR TYR A . n 
A 1 139 SER 139 161 161 SER SER A . n 
A 1 140 LYS 140 162 162 LYS LYS A . n 
A 1 141 LYS 141 163 163 LYS LYS A . n 
A 1 142 GLY 142 164 164 GLY GLY A . n 
A 1 143 GLU 143 165 165 GLU GLU A . n 
A 1 144 TYR 144 166 166 TYR TYR A . n 
A 1 145 ARG 145 167 167 ARG ARG A . n 
A 1 146 THR 146 168 168 THR THR A . n 
A 1 147 HIS 147 169 169 HIS HIS A . n 
A 1 148 GLN 148 170 170 GLN GLN A . n 
A 1 149 GLU 149 171 171 GLU GLU A . n 
A 1 150 ASP 150 172 172 ASP ASP A . n 
A 1 151 ILE 151 173 173 ILE ILE A . n 
# 
loop_
_pdbx_nonpoly_scheme.asym_id 
_pdbx_nonpoly_scheme.entity_id 
_pdbx_nonpoly_scheme.mon_id 
_pdbx_nonpoly_scheme.ndb_seq_num 
_pdbx_nonpoly_scheme.pdb_seq_num 
_pdbx_nonpoly_scheme.auth_seq_num 
_pdbx_nonpoly_scheme.pdb_mon_id 
_pdbx_nonpoly_scheme.auth_mon_id 
_pdbx_nonpoly_scheme.pdb_strand_id 
_pdbx_nonpoly_scheme.pdb_ins_code 
B 2 4XL 1   201 1   4XL DRG A . 
C 3 DMS 1   202 1   DMS DMS A . 
D 4 SO4 1   203 1   SO4 SO4 A . 
E 5 HOH 1   301 93  HOH HOH A . 
E 5 HOH 2   302 17  HOH HOH A . 
E 5 HOH 3   303 99  HOH HOH A . 
E 5 HOH 4   304 96  HOH HOH A . 
E 5 HOH 5   305 48  HOH HOH A . 
E 5 HOH 6   306 73  HOH HOH A . 
E 5 HOH 7   307 46  HOH HOH A . 
E 5 HOH 8   308 16  HOH HOH A . 
E 5 HOH 9   309 21  HOH HOH A . 
E 5 HOH 10  310 18  HOH HOH A . 
E 5 HOH 11  311 107 HOH HOH A . 
E 5 HOH 12  312 92  HOH HOH A . 
E 5 HOH 13  313 72  HOH HOH A . 
E 5 HOH 14  314 80  HOH HOH A . 
E 5 HOH 15  315 90  HOH HOH A . 
E 5 HOH 16  316 101 HOH HOH A . 
E 5 HOH 17  317 67  HOH HOH A . 
E 5 HOH 18  318 7   HOH HOH A . 
E 5 HOH 19  319 95  HOH HOH A . 
E 5 HOH 20  320 53  HOH HOH A . 
E 5 HOH 21  321 25  HOH HOH A . 
E 5 HOH 22  322 76  HOH HOH A . 
E 5 HOH 23  323 31  HOH HOH A . 
E 5 HOH 24  324 68  HOH HOH A . 
E 5 HOH 25  325 22  HOH HOH A . 
E 5 HOH 26  326 2   HOH HOH A . 
E 5 HOH 27  327 52  HOH HOH A . 
E 5 HOH 28  328 6   HOH HOH A . 
E 5 HOH 29  329 33  HOH HOH A . 
E 5 HOH 30  330 63  HOH HOH A . 
E 5 HOH 31  331 4   HOH HOH A . 
E 5 HOH 32  332 47  HOH HOH A . 
E 5 HOH 33  333 1   HOH HOH A . 
E 5 HOH 34  334 77  HOH HOH A . 
E 5 HOH 35  335 8   HOH HOH A . 
E 5 HOH 36  336 88  HOH HOH A . 
E 5 HOH 37  337 12  HOH HOH A . 
E 5 HOH 38  338 59  HOH HOH A . 
E 5 HOH 39  339 44  HOH HOH A . 
E 5 HOH 40  340 5   HOH HOH A . 
E 5 HOH 41  341 10  HOH HOH A . 
E 5 HOH 42  342 70  HOH HOH A . 
E 5 HOH 43  343 94  HOH HOH A . 
E 5 HOH 44  344 15  HOH HOH A . 
E 5 HOH 45  345 49  HOH HOH A . 
E 5 HOH 46  346 104 HOH HOH A . 
E 5 HOH 47  347 28  HOH HOH A . 
E 5 HOH 48  348 97  HOH HOH A . 
E 5 HOH 49  349 69  HOH HOH A . 
E 5 HOH 50  350 102 HOH HOH A . 
E 5 HOH 51  351 23  HOH HOH A . 
E 5 HOH 52  352 32  HOH HOH A . 
E 5 HOH 53  353 108 HOH HOH A . 
E 5 HOH 54  354 41  HOH HOH A . 
E 5 HOH 55  355 82  HOH HOH A . 
E 5 HOH 56  356 75  HOH HOH A . 
E 5 HOH 57  357 78  HOH HOH A . 
E 5 HOH 58  358 29  HOH HOH A . 
E 5 HOH 59  359 51  HOH HOH A . 
E 5 HOH 60  360 81  HOH HOH A . 
E 5 HOH 61  361 89  HOH HOH A . 
E 5 HOH 62  362 3   HOH HOH A . 
E 5 HOH 63  363 19  HOH HOH A . 
E 5 HOH 64  364 84  HOH HOH A . 
E 5 HOH 65  365 26  HOH HOH A . 
E 5 HOH 66  366 56  HOH HOH A . 
E 5 HOH 67  367 38  HOH HOH A . 
E 5 HOH 68  368 57  HOH HOH A . 
E 5 HOH 69  369 50  HOH HOH A . 
E 5 HOH 70  370 55  HOH HOH A . 
E 5 HOH 71  371 39  HOH HOH A . 
E 5 HOH 72  372 106 HOH HOH A . 
E 5 HOH 73  373 40  HOH HOH A . 
E 5 HOH 74  374 43  HOH HOH A . 
E 5 HOH 75  375 66  HOH HOH A . 
E 5 HOH 76  376 74  HOH HOH A . 
E 5 HOH 77  377 37  HOH HOH A . 
E 5 HOH 78  378 42  HOH HOH A . 
E 5 HOH 79  379 14  HOH HOH A . 
E 5 HOH 80  380 20  HOH HOH A . 
E 5 HOH 81  381 30  HOH HOH A . 
E 5 HOH 82  382 65  HOH HOH A . 
E 5 HOH 83  383 85  HOH HOH A . 
E 5 HOH 84  384 11  HOH HOH A . 
E 5 HOH 85  385 100 HOH HOH A . 
E 5 HOH 86  386 9   HOH HOH A . 
E 5 HOH 87  387 105 HOH HOH A . 
E 5 HOH 88  388 24  HOH HOH A . 
E 5 HOH 89  389 36  HOH HOH A . 
E 5 HOH 90  390 45  HOH HOH A . 
E 5 HOH 91  391 13  HOH HOH A . 
E 5 HOH 92  392 60  HOH HOH A . 
E 5 HOH 93  393 34  HOH HOH A . 
E 5 HOH 94  394 109 HOH HOH A . 
E 5 HOH 95  395 103 HOH HOH A . 
E 5 HOH 96  396 71  HOH HOH A . 
E 5 HOH 97  397 64  HOH HOH A . 
E 5 HOH 98  398 62  HOH HOH A . 
E 5 HOH 99  399 35  HOH HOH A . 
E 5 HOH 100 400 58  HOH HOH A . 
E 5 HOH 101 401 87  HOH HOH A . 
E 5 HOH 102 402 54  HOH HOH A . 
E 5 HOH 103 403 86  HOH HOH A . 
E 5 HOH 104 404 27  HOH HOH A . 
E 5 HOH 105 405 83  HOH HOH A . 
E 5 HOH 106 406 98  HOH HOH A . 
E 5 HOH 107 407 79  HOH HOH A . 
E 5 HOH 108 408 61  HOH HOH A . 
E 5 HOH 109 409 91  HOH HOH A . 
# 
loop_
_software.citation_id 
_software.classification 
_software.compiler_name 
_software.compiler_version 
_software.contact_author 
_software.contact_author_email 
_software.date 
_software.description 
_software.dependencies 
_software.hardware 
_software.language 
_software.location 
_software.mods 
_software.name 
_software.os 
_software.os_version 
_software.type 
_software.version 
_software.pdbx_ordinal 
? 'data scaling'    ? ? ? ? ? ? ? ? ? ? ? SCALA       ? ? ? .     1 
? phasing           ? ? ? ? ? ? ? ? ? ? ? PHASER      ? ? ? 2.1.4 2 
? refinement        ? ? ? ? ? ? ? ? ? ? ? REFMAC      ? ? ? .     3 
? 'data extraction' ? ? ? ? ? ? ? ? ? ? ? PDB_EXTRACT ? ? ? 3.15  4 
# 
_cell.angle_alpha                  90.000 
_cell.angle_alpha_esd              ? 
_cell.angle_beta                   117.850 
_cell.angle_beta_esd               ? 
_cell.angle_gamma                  90.000 
_cell.angle_gamma_esd              ? 
_cell.entry_id                     5BZQ 
_cell.details                      ? 
_cell.formula_units_Z              ? 
_cell.length_a                     30.849 
_cell.length_a_esd                 ? 
_cell.length_b                     81.845 
_cell.length_b_esd                 ? 
_cell.length_c                     32.180 
_cell.length_c_esd                 ? 
_cell.volume                       ? 
_cell.volume_esd                   ? 
_cell.Z_PDB                        2 
_cell.reciprocal_angle_alpha       ? 
_cell.reciprocal_angle_beta        ? 
_cell.reciprocal_angle_gamma       ? 
_cell.reciprocal_angle_alpha_esd   ? 
_cell.reciprocal_angle_beta_esd    ? 
_cell.reciprocal_angle_gamma_esd   ? 
_cell.reciprocal_length_a          ? 
_cell.reciprocal_length_b          ? 
_cell.reciprocal_length_c          ? 
_cell.reciprocal_length_a_esd      ? 
_cell.reciprocal_length_b_esd      ? 
_cell.reciprocal_length_c_esd      ? 
_cell.pdbx_unique_axis             ? 
# 
_symmetry.entry_id                         5BZQ 
_symmetry.cell_setting                     ? 
_symmetry.Int_Tables_number                4 
_symmetry.space_group_name_Hall            ? 
_symmetry.space_group_name_H-M             'P 1 21 1' 
_symmetry.pdbx_full_space_group_name_H-M   ? 
# 
_exptl.absorpt_coefficient_mu     ? 
_exptl.absorpt_correction_T_max   ? 
_exptl.absorpt_correction_T_min   ? 
_exptl.absorpt_correction_type    ? 
_exptl.absorpt_process_details    ? 
_exptl.entry_id                   5BZQ 
_exptl.crystals_number            1 
_exptl.details                    ? 
_exptl.method                     'X-RAY DIFFRACTION' 
_exptl.method_details             ? 
# 
_exptl_crystal.colour                      ? 
_exptl_crystal.density_diffrn              ? 
_exptl_crystal.density_Matthews            2.15 
_exptl_crystal.density_method              ? 
_exptl_crystal.density_percent_sol         42.73 
_exptl_crystal.description                 ? 
_exptl_crystal.F_000                       ? 
_exptl_crystal.id                          1 
_exptl_crystal.preparation                 ? 
_exptl_crystal.size_max                    ? 
_exptl_crystal.size_mid                    ? 
_exptl_crystal.size_min                    ? 
_exptl_crystal.size_rad                    ? 
_exptl_crystal.colour_lustre               ? 
_exptl_crystal.colour_modifier             ? 
_exptl_crystal.colour_primary              ? 
_exptl_crystal.density_meas                ? 
_exptl_crystal.density_meas_esd            ? 
_exptl_crystal.density_meas_gt             ? 
_exptl_crystal.density_meas_lt             ? 
_exptl_crystal.density_meas_temp           ? 
_exptl_crystal.density_meas_temp_esd       ? 
_exptl_crystal.density_meas_temp_gt        ? 
_exptl_crystal.density_meas_temp_lt        ? 
_exptl_crystal.pdbx_crystal_image_url      ? 
_exptl_crystal.pdbx_crystal_image_format   ? 
_exptl_crystal.pdbx_mosaicity              ? 
_exptl_crystal.pdbx_mosaicity_esd          ? 
# 
_exptl_crystal_grow.apparatus       ? 
_exptl_crystal_grow.atmosphere      ? 
_exptl_crystal_grow.crystal_id      1 
_exptl_crystal_grow.details         ? 
_exptl_crystal_grow.method          'VAPOR DIFFUSION, HANGING DROP' 
_exptl_crystal_grow.method_ref      ? 
_exptl_crystal_grow.pH              6.5 
_exptl_crystal_grow.pressure        ? 
_exptl_crystal_grow.pressure_esd    ? 
_exptl_crystal_grow.seeding         ? 
_exptl_crystal_grow.seeding_ref     ? 
_exptl_crystal_grow.temp            298 
_exptl_crystal_grow.temp_details    ? 
_exptl_crystal_grow.temp_esd        ? 
_exptl_crystal_grow.time            ? 
_exptl_crystal_grow.pdbx_details    'PEG MME 5000, MES, (NH4)2SO4' 
_exptl_crystal_grow.pdbx_pH_range   ? 
# 
_diffrn.ambient_environment    ? 
_diffrn.ambient_temp           100 
_diffrn.ambient_temp_details   ? 
_diffrn.ambient_temp_esd       ? 
_diffrn.crystal_id             1 
_diffrn.crystal_support        ? 
_diffrn.crystal_treatment      ? 
_diffrn.details                ? 
_diffrn.id                     1 
_diffrn.ambient_pressure       ? 
_diffrn.ambient_pressure_esd   ? 
_diffrn.ambient_pressure_gt    ? 
_diffrn.ambient_pressure_lt    ? 
_diffrn.ambient_temp_gt        ? 
_diffrn.ambient_temp_lt        ? 
# 
_diffrn_detector.details                      ? 
_diffrn_detector.detector                     PIXEL 
_diffrn_detector.diffrn_id                    1 
_diffrn_detector.type                         'DECTRIS PILATUS 6M' 
_diffrn_detector.area_resol_mean              ? 
_diffrn_detector.dtime                        ? 
_diffrn_detector.pdbx_frames_total            ? 
_diffrn_detector.pdbx_collection_time_total   ? 
_diffrn_detector.pdbx_collection_date         2013-12-15 
# 
_diffrn_radiation.collimation                      ? 
_diffrn_radiation.diffrn_id                        1 
_diffrn_radiation.filter_edge                      ? 
_diffrn_radiation.inhomogeneity                    ? 
_diffrn_radiation.monochromator                    'Si(111)' 
_diffrn_radiation.polarisn_norm                    ? 
_diffrn_radiation.polarisn_ratio                   ? 
_diffrn_radiation.probe                            ? 
_diffrn_radiation.type                             ? 
_diffrn_radiation.xray_symbol                      ? 
_diffrn_radiation.wavelength_id                    1 
_diffrn_radiation.pdbx_monochromatic_or_laue_m_l   M 
_diffrn_radiation.pdbx_wavelength_list             ? 
_diffrn_radiation.pdbx_wavelength                  ? 
_diffrn_radiation.pdbx_diffrn_protocol             'SINGLE WAVELENGTH' 
_diffrn_radiation.pdbx_analyzer                    ? 
_diffrn_radiation.pdbx_scattering_type             x-ray 
# 
_diffrn_radiation_wavelength.id           1 
_diffrn_radiation_wavelength.wavelength   1.000 
_diffrn_radiation_wavelength.wt           1.0 
# 
_diffrn_source.current                     ? 
_diffrn_source.details                     ? 
_diffrn_source.diffrn_id                   1 
_diffrn_source.power                       ? 
_diffrn_source.size                        ? 
_diffrn_source.source                      SYNCHROTRON 
_diffrn_source.target                      ? 
_diffrn_source.type                        'APS BEAMLINE 17-ID' 
_diffrn_source.voltage                     ? 
_diffrn_source.take-off_angle              ? 
_diffrn_source.pdbx_wavelength_list        1.000 
_diffrn_source.pdbx_wavelength             ? 
_diffrn_source.pdbx_synchrotron_beamline   17-ID 
_diffrn_source.pdbx_synchrotron_site       APS 
# 
_reflns.B_iso_Wilson_estimate            ? 
_reflns.entry_id                         5BZQ 
_reflns.data_reduction_details           ? 
_reflns.data_reduction_method            ? 
_reflns.d_resolution_high                1.200 
_reflns.d_resolution_low                 40.923 
_reflns.details                          ? 
_reflns.limit_h_max                      ? 
_reflns.limit_h_min                      ? 
_reflns.limit_k_max                      ? 
_reflns.limit_k_min                      ? 
_reflns.limit_l_max                      ? 
_reflns.limit_l_min                      ? 
_reflns.number_all                       ? 
_reflns.number_obs                       43048 
_reflns.observed_criterion               ? 
_reflns.observed_criterion_F_max         ? 
_reflns.observed_criterion_F_min         ? 
_reflns.observed_criterion_I_max         ? 
_reflns.observed_criterion_I_min         ? 
_reflns.observed_criterion_sigma_F       ? 
_reflns.observed_criterion_sigma_I       ? 
_reflns.percent_possible_obs             97.800 
_reflns.R_free_details                   ? 
_reflns.Rmerge_F_all                     ? 
_reflns.Rmerge_F_obs                     ? 
_reflns.Friedel_coverage                 ? 
_reflns.number_gt                        ? 
_reflns.threshold_expression             ? 
_reflns.pdbx_redundancy                  3.100 
_reflns.pdbx_Rmerge_I_obs                0.043 
_reflns.pdbx_Rmerge_I_all                ? 
_reflns.pdbx_Rsym_value                  ? 
_reflns.pdbx_netI_over_av_sigmaI         ? 
_reflns.pdbx_netI_over_sigmaI            19.7 
_reflns.pdbx_res_netI_over_av_sigmaI_2   ? 
_reflns.pdbx_res_netI_over_sigmaI_2      ? 
_reflns.pdbx_chi_squared                 ? 
_reflns.pdbx_scaling_rejects             ? 
_reflns.pdbx_d_res_high_opt              ? 
_reflns.pdbx_d_res_low_opt               ? 
_reflns.pdbx_d_res_opt_method            ? 
_reflns.phase_calculation_details        ? 
_reflns.pdbx_Rrim_I_all                  ? 
_reflns.pdbx_Rpim_I_all                  ? 
_reflns.pdbx_d_opt                       ? 
_reflns.pdbx_number_measured_all         135217 
_reflns.pdbx_diffrn_id                   1 
_reflns.pdbx_ordinal                     1 
_reflns.pdbx_CC_half                     ? 
_reflns.pdbx_R_split                     ? 
# 
loop_
_reflns_shell.d_res_high 
_reflns_shell.d_res_low 
_reflns_shell.meanI_over_sigI_all 
_reflns_shell.meanI_over_sigI_obs 
_reflns_shell.number_measured_all 
_reflns_shell.number_measured_obs 
_reflns_shell.number_possible 
_reflns_shell.number_unique_all 
_reflns_shell.number_unique_obs 
_reflns_shell.percent_possible_all 
_reflns_shell.percent_possible_obs 
_reflns_shell.Rmerge_F_all 
_reflns_shell.Rmerge_F_obs 
_reflns_shell.Rmerge_I_all 
_reflns_shell.Rmerge_I_obs 
_reflns_shell.meanI_over_sigI_gt 
_reflns_shell.meanI_over_uI_all 
_reflns_shell.meanI_over_uI_gt 
_reflns_shell.number_measured_gt 
_reflns_shell.number_unique_gt 
_reflns_shell.percent_possible_gt 
_reflns_shell.Rmerge_F_gt 
_reflns_shell.Rmerge_I_gt 
_reflns_shell.pdbx_redundancy 
_reflns_shell.pdbx_Rsym_value 
_reflns_shell.pdbx_chi_squared 
_reflns_shell.pdbx_netI_over_sigmaI_all 
_reflns_shell.pdbx_netI_over_sigmaI_obs 
_reflns_shell.pdbx_Rrim_I_all 
_reflns_shell.pdbx_Rpim_I_all 
_reflns_shell.pdbx_rejects 
_reflns_shell.pdbx_ordinal 
_reflns_shell.pdbx_diffrn_id 
_reflns_shell.pdbx_CC_half 
_reflns_shell.pdbx_R_split 
1.200 1.204  ? ? 853  ? ? 380 ? 81.900 ? ? ? ? 0.205 ? ? ? ? ? ? ? ? 2.200 ? ? ? ? ? ? 0 1 1 ? ? 
5.565 40.923 ? ? 1358 ? ? 440 ? 95.700 ? ? ? ? 0.030 ? ? ? ? ? ? ? ? 3.100 ? ? ? ? ? ? 0 2 1 ? ? 
# 
_refine.aniso_B[1][1]                            -0.0600 
_refine.aniso_B[1][2]                            0.0000 
_refine.aniso_B[1][3]                            -0.1700 
_refine.aniso_B[2][2]                            0.0300 
_refine.aniso_B[2][3]                            -0.0000 
_refine.aniso_B[3][3]                            -0.1300 
_refine.B_iso_max                                43.660 
_refine.B_iso_mean                               11.7070 
_refine.B_iso_min                                4.310 
_refine.correlation_coeff_Fo_to_Fc               0.9680 
_refine.correlation_coeff_Fo_to_Fc_free          0.9560 
_refine.details                                  
'HYDROGENS HAVE BEEN ADDED IN THE RIDING POSITIONS U VALUES      : REFINED INDIVIDUALLY' 
_refine.diff_density_max                         ? 
_refine.diff_density_max_esd                     ? 
_refine.diff_density_min                         ? 
_refine.diff_density_min_esd                     ? 
_refine.diff_density_rms                         ? 
_refine.diff_density_rms_esd                     ? 
_refine.entry_id                                 5BZQ 
_refine.pdbx_refine_id                           'X-RAY DIFFRACTION' 
_refine.ls_abs_structure_details                 ? 
_refine.ls_abs_structure_Flack                   ? 
_refine.ls_abs_structure_Flack_esd               ? 
_refine.ls_abs_structure_Rogers                  ? 
_refine.ls_abs_structure_Rogers_esd              ? 
_refine.ls_d_res_high                            1.2000 
_refine.ls_d_res_low                             40.9200 
_refine.ls_extinction_coef                       ? 
_refine.ls_extinction_coef_esd                   ? 
_refine.ls_extinction_expression                 ? 
_refine.ls_extinction_method                     ? 
_refine.ls_goodness_of_fit_all                   ? 
_refine.ls_goodness_of_fit_all_esd               ? 
_refine.ls_goodness_of_fit_obs                   ? 
_refine.ls_goodness_of_fit_obs_esd               ? 
_refine.ls_hydrogen_treatment                    ? 
_refine.ls_matrix_type                           ? 
_refine.ls_number_constraints                    ? 
_refine.ls_number_parameters                     ? 
_refine.ls_number_reflns_all                     ? 
_refine.ls_number_reflns_obs                     40738 
_refine.ls_number_reflns_R_free                  2198 
_refine.ls_number_reflns_R_work                  ? 
_refine.ls_number_restraints                     ? 
_refine.ls_percent_reflns_obs                    97.7500 
_refine.ls_percent_reflns_R_free                 5.1000 
_refine.ls_R_factor_all                          ? 
_refine.ls_R_factor_obs                          0.1666 
_refine.ls_R_factor_R_free                       0.1814 
_refine.ls_R_factor_R_free_error                 ? 
_refine.ls_R_factor_R_free_error_details         ? 
_refine.ls_R_factor_R_work                       0.1658 
_refine.ls_R_Fsqd_factor_obs                     ? 
_refine.ls_R_I_factor_obs                        ? 
_refine.ls_redundancy_reflns_all                 ? 
_refine.ls_redundancy_reflns_obs                 ? 
_refine.ls_restrained_S_all                      ? 
_refine.ls_restrained_S_obs                      ? 
_refine.ls_shift_over_esd_max                    ? 
_refine.ls_shift_over_esd_mean                   ? 
_refine.ls_structure_factor_coef                 ? 
_refine.ls_weighting_details                     ? 
_refine.ls_weighting_scheme                      ? 
_refine.ls_wR_factor_all                         ? 
_refine.ls_wR_factor_obs                         ? 
_refine.ls_wR_factor_R_free                      0.1885 
_refine.ls_wR_factor_R_work                      0.1756 
_refine.occupancy_max                            ? 
_refine.occupancy_min                            ? 
_refine.solvent_model_details                    MASK 
_refine.solvent_model_param_bsol                 ? 
_refine.solvent_model_param_ksol                 ? 
_refine.ls_R_factor_gt                           ? 
_refine.ls_goodness_of_fit_gt                    ? 
_refine.ls_goodness_of_fit_ref                   ? 
_refine.ls_shift_over_su_max                     ? 
_refine.ls_shift_over_su_max_lt                  ? 
_refine.ls_shift_over_su_mean                    ? 
_refine.ls_shift_over_su_mean_lt                 ? 
_refine.pdbx_ls_sigma_I                          ? 
_refine.pdbx_ls_sigma_F                          0.000 
_refine.pdbx_ls_sigma_Fsqd                       ? 
_refine.pdbx_data_cutoff_high_absF               ? 
_refine.pdbx_data_cutoff_high_rms_absF           ? 
_refine.pdbx_data_cutoff_low_absF                ? 
_refine.pdbx_isotropic_thermal_model             ? 
_refine.pdbx_ls_cross_valid_method               THROUGHOUT 
_refine.pdbx_method_to_determine_struct          'MOLECULAR REPLACEMENT' 
_refine.pdbx_starting_model                      ? 
_refine.pdbx_stereochemistry_target_values       'MAXIMUM LIKELIHOOD' 
_refine.pdbx_R_Free_selection_details            RANDOM 
_refine.pdbx_stereochem_target_val_spec_case     ? 
_refine.pdbx_overall_ESU_R                       0.0410 
_refine.pdbx_overall_ESU_R_Free                  0.0410 
_refine.pdbx_solvent_vdw_probe_radii             1.4000 
_refine.pdbx_solvent_ion_probe_radii             0.8000 
_refine.pdbx_solvent_shrinkage_radii             0.8000 
_refine.pdbx_real_space_R                        ? 
_refine.pdbx_density_correlation                 ? 
_refine.pdbx_pd_number_of_powder_patterns        ? 
_refine.pdbx_pd_number_of_points                 ? 
_refine.pdbx_pd_meas_number_of_points            ? 
_refine.pdbx_pd_proc_ls_prof_R_factor            ? 
_refine.pdbx_pd_proc_ls_prof_wR_factor           ? 
_refine.pdbx_pd_Marquardt_correlation_coeff      ? 
_refine.pdbx_pd_Fsqrd_R_factor                   ? 
_refine.pdbx_pd_ls_matrix_band_width             ? 
_refine.pdbx_overall_phase_error                 ? 
_refine.pdbx_overall_SU_R_free_Cruickshank_DPI   ? 
_refine.pdbx_overall_SU_R_free_Blow_DPI          ? 
_refine.pdbx_overall_SU_R_Blow_DPI               ? 
_refine.pdbx_TLS_residual_ADP_flag               ? 
_refine.pdbx_diffrn_id                           1 
_refine.overall_SU_B                             0.5300 
_refine.overall_SU_ML                            0.0250 
_refine.overall_SU_R_Cruickshank_DPI             0.0407 
_refine.overall_SU_R_free                        0.0413 
_refine.overall_FOM_free_R_set                   ? 
_refine.overall_FOM_work_R_set                   0.9057 
_refine.pdbx_average_fsc_overall                 ? 
_refine.pdbx_average_fsc_work                    ? 
_refine.pdbx_average_fsc_free                    ? 
# 
_refine_hist.cycle_id                         final 
_refine_hist.pdbx_refine_id                   'X-RAY DIFFRACTION' 
_refine_hist.d_res_high                       1.2000 
_refine_hist.d_res_low                        40.9200 
_refine_hist.pdbx_number_atoms_ligand         29 
_refine_hist.number_atoms_solvent             109 
_refine_hist.number_atoms_total               1309 
_refine_hist.pdbx_number_residues_total       150 
_refine_hist.pdbx_B_iso_mean_ligand           21.25 
_refine_hist.pdbx_B_iso_mean_solvent          19.31 
_refine_hist.pdbx_number_atoms_protein        1171 
_refine_hist.pdbx_number_atoms_nucleic_acid   0 
# 
loop_
_refine_ls_restr.pdbx_refine_id 
_refine_ls_restr.criterion 
_refine_ls_restr.dev_ideal 
_refine_ls_restr.dev_ideal_target 
_refine_ls_restr.number 
_refine_ls_restr.rejects 
_refine_ls_restr.type 
_refine_ls_restr.weight 
_refine_ls_restr.pdbx_restraint_function 
'X-RAY DIFFRACTION' ? 0.010  0.021  1326 ? r_bond_refined_d       ? ? 
'X-RAY DIFFRACTION' ? 1.387  1.961  1821 ? r_angle_refined_deg    ? ? 
'X-RAY DIFFRACTION' ? 7.432  5.000  170  ? r_dihedral_angle_1_deg ? ? 
'X-RAY DIFFRACTION' ? 35.304 24.219 64   ? r_dihedral_angle_2_deg ? ? 
'X-RAY DIFFRACTION' ? 10.914 15.000 206  ? r_dihedral_angle_3_deg ? ? 
'X-RAY DIFFRACTION' ? 19.031 15.000 9    ? r_dihedral_angle_4_deg ? ? 
'X-RAY DIFFRACTION' ? 0.090  0.200  199  ? r_chiral_restr         ? ? 
'X-RAY DIFFRACTION' ? 0.007  0.021  1046 ? r_gen_planes_refined   ? ? 
'X-RAY DIFFRACTION' ? 0.734  1.500  813  ? r_mcbond_it            ? ? 
'X-RAY DIFFRACTION' ? 1.387  2.000  1339 ? r_mcangle_it           ? ? 
'X-RAY DIFFRACTION' ? 2.017  3.000  513  ? r_scbond_it            ? ? 
'X-RAY DIFFRACTION' ? 3.218  4.500  482  ? r_scangle_it           ? ? 
# 
_refine_ls_shell.pdbx_refine_id                   'X-RAY DIFFRACTION' 
_refine_ls_shell.d_res_high                       1.2000 
_refine_ls_shell.d_res_low                        1.2310 
_refine_ls_shell.number_reflns_all                2837 
_refine_ls_shell.number_reflns_obs                ? 
_refine_ls_shell.number_reflns_R_free             139 
_refine_ls_shell.number_reflns_R_work             2698 
_refine_ls_shell.percent_reflns_obs               89.4700 
_refine_ls_shell.percent_reflns_R_free            ? 
_refine_ls_shell.R_factor_all                     ? 
_refine_ls_shell.R_factor_obs                     ? 
_refine_ls_shell.R_factor_R_free                  0.1920 
_refine_ls_shell.R_factor_R_free_error            ? 
_refine_ls_shell.R_factor_R_work                  0.1970 
_refine_ls_shell.redundancy_reflns_all            ? 
_refine_ls_shell.redundancy_reflns_obs            ? 
_refine_ls_shell.wR_factor_all                    ? 
_refine_ls_shell.wR_factor_obs                    ? 
_refine_ls_shell.wR_factor_R_free                 ? 
_refine_ls_shell.wR_factor_R_work                 ? 
_refine_ls_shell.pdbx_total_number_of_bins_used   20 
_refine_ls_shell.pdbx_phase_error                 ? 
_refine_ls_shell.pdbx_fsc_work                    ? 
_refine_ls_shell.pdbx_fsc_free                    ? 
# 
_struct.entry_id                     5BZQ 
_struct.title                        'Crystal structure of the murine cd44 hyaluronan binding domain complex with a small molecule' 
_struct.pdbx_model_details           ? 
_struct.pdbx_formula_weight          ? 
_struct.pdbx_formula_weight_method   ? 
_struct.pdbx_model_type_details      ? 
_struct.pdbx_CASP_flag               ? 
# 
_struct_keywords.entry_id        5BZQ 
_struct_keywords.text            'Link module, PROTEIN BINDING' 
_struct_keywords.pdbx_keywords   'PROTEIN BINDING' 
# 
loop_
_struct_asym.id 
_struct_asym.pdbx_blank_PDB_chainid_flag 
_struct_asym.pdbx_modified 
_struct_asym.entity_id 
_struct_asym.details 
A N N 1 ? 
B N N 2 ? 
C N N 3 ? 
D N N 4 ? 
E N N 5 ? 
# 
_struct_ref.id                         1 
_struct_ref.db_name                    UNP 
_struct_ref.db_code                    CD44_MOUSE 
_struct_ref.pdbx_db_accession          P15379 
_struct_ref.pdbx_db_isoform            ? 
_struct_ref.entity_id                  1 
_struct_ref.pdbx_seq_one_letter_code   
;HQQIDLNVTCRYAGVFHVEKNGRYSISRTEAADLCQAFNSTLPTMDQMKLALSKGFETCRYGFIEGNVVIPRIHPNAICA
ANHTGVYILVTSNTSHYDTYCFNASAPPEEDCTSVTDLPNSFDGPVTITIVNRDGTRYSKKGEYRTHQEDI
;
_struct_ref.pdbx_align_begin           21 
# 
_struct_ref_seq.align_id                      1 
_struct_ref_seq.ref_id                        1 
_struct_ref_seq.pdbx_PDB_id_code              5BZQ 
_struct_ref_seq.pdbx_strand_id                A 
_struct_ref_seq.seq_align_beg                 1 
_struct_ref_seq.pdbx_seq_align_beg_ins_code   ? 
_struct_ref_seq.seq_align_end                 151 
_struct_ref_seq.pdbx_seq_align_end_ins_code   ? 
_struct_ref_seq.pdbx_db_accession             P15379 
_struct_ref_seq.db_align_beg                  21 
_struct_ref_seq.pdbx_db_align_beg_ins_code    ? 
_struct_ref_seq.db_align_end                  171 
_struct_ref_seq.pdbx_db_align_end_ins_code    ? 
_struct_ref_seq.pdbx_auth_seq_align_beg       23 
_struct_ref_seq.pdbx_auth_seq_align_end       173 
# 
loop_
_struct_ref_seq_dif.align_id 
_struct_ref_seq_dif.pdbx_pdb_id_code 
_struct_ref_seq_dif.mon_id 
_struct_ref_seq_dif.pdbx_pdb_strand_id 
_struct_ref_seq_dif.seq_num 
_struct_ref_seq_dif.pdbx_pdb_ins_code 
_struct_ref_seq_dif.pdbx_seq_db_name 
_struct_ref_seq_dif.pdbx_seq_db_accession_code 
_struct_ref_seq_dif.db_mon_id 
_struct_ref_seq_dif.pdbx_seq_db_seq_num 
_struct_ref_seq_dif.details 
_struct_ref_seq_dif.pdbx_auth_seq_num 
_struct_ref_seq_dif.pdbx_ordinal 
1 5BZQ MET A 1 ? UNP P15379 HIS 21 'engineered mutation' 23 1 
1 5BZQ ASN A 2 ? UNP P15379 GLN 22 'engineered mutation' 24 2 
# 
_pdbx_struct_assembly.id                   1 
_pdbx_struct_assembly.details              author_and_software_defined_assembly 
_pdbx_struct_assembly.method_details       PISA 
_pdbx_struct_assembly.oligomeric_details   monomeric 
_pdbx_struct_assembly.oligomeric_count     1 
# 
_pdbx_struct_assembly_gen.assembly_id       1 
_pdbx_struct_assembly_gen.oper_expression   1 
_pdbx_struct_assembly_gen.asym_id_list      A,B,C,D,E 
# 
_pdbx_struct_oper_list.id                   1 
_pdbx_struct_oper_list.type                 'identity operation' 
_pdbx_struct_oper_list.name                 1_555 
_pdbx_struct_oper_list.symmetry_operation   x,y,z 
_pdbx_struct_oper_list.matrix[1][1]         1.0000000000 
_pdbx_struct_oper_list.matrix[1][2]         0.0000000000 
_pdbx_struct_oper_list.matrix[1][3]         0.0000000000 
_pdbx_struct_oper_list.vector[1]            0.0000000000 
_pdbx_struct_oper_list.matrix[2][1]         0.0000000000 
_pdbx_struct_oper_list.matrix[2][2]         1.0000000000 
_pdbx_struct_oper_list.matrix[2][3]         0.0000000000 
_pdbx_struct_oper_list.vector[2]            0.0000000000 
_pdbx_struct_oper_list.matrix[3][1]         0.0000000000 
_pdbx_struct_oper_list.matrix[3][2]         0.0000000000 
_pdbx_struct_oper_list.matrix[3][3]         1.0000000000 
_pdbx_struct_oper_list.vector[3]            0.0000000000 
# 
loop_
_struct_conf.conf_type_id 
_struct_conf.id 
_struct_conf.pdbx_PDB_helix_id 
_struct_conf.beg_label_comp_id 
_struct_conf.beg_label_asym_id 
_struct_conf.beg_label_seq_id 
_struct_conf.pdbx_beg_PDB_ins_code 
_struct_conf.end_label_comp_id 
_struct_conf.end_label_asym_id 
_struct_conf.end_label_seq_id 
_struct_conf.pdbx_end_PDB_ins_code 
_struct_conf.beg_auth_comp_id 
_struct_conf.beg_auth_asym_id 
_struct_conf.beg_auth_seq_id 
_struct_conf.end_auth_comp_id 
_struct_conf.end_auth_asym_id 
_struct_conf.end_auth_seq_id 
_struct_conf.pdbx_PDB_helix_class 
_struct_conf.details 
_struct_conf.pdbx_PDB_helix_length 
HELX_P HELX_P1 AA1 SER A 27  ? PHE A 38  ? SER A 49  PHE A 60  1 ? 12 
HELX_P HELX_P2 AA2 THR A 44  ? LYS A 54  ? THR A 66  LYS A 76  1 ? 11 
HELX_P HELX_P3 AA3 CYS A 79  ? HIS A 83  ? CYS A 101 HIS A 105 5 ? 5  
HELX_P HELX_P4 AA4 HIS A 147 ? ILE A 151 ? HIS A 169 ILE A 173 5 ? 5  
# 
_struct_conf_type.id          HELX_P 
_struct_conf_type.criteria    ? 
_struct_conf_type.reference   ? 
# 
loop_
_struct_conn.id 
_struct_conn.conn_type_id 
_struct_conn.pdbx_leaving_atom_flag 
_struct_conn.pdbx_PDB_id 
_struct_conn.ptnr1_label_asym_id 
_struct_conn.ptnr1_label_comp_id 
_struct_conn.ptnr1_label_seq_id 
_struct_conn.ptnr1_label_atom_id 
_struct_conn.pdbx_ptnr1_label_alt_id 
_struct_conn.pdbx_ptnr1_PDB_ins_code 
_struct_conn.pdbx_ptnr1_standard_comp_id 
_struct_conn.ptnr1_symmetry 
_struct_conn.ptnr2_label_asym_id 
_struct_conn.ptnr2_label_comp_id 
_struct_conn.ptnr2_label_seq_id 
_struct_conn.ptnr2_label_atom_id 
_struct_conn.pdbx_ptnr2_label_alt_id 
_struct_conn.pdbx_ptnr2_PDB_ins_code 
_struct_conn.ptnr1_auth_asym_id 
_struct_conn.ptnr1_auth_comp_id 
_struct_conn.ptnr1_auth_seq_id 
_struct_conn.ptnr2_auth_asym_id 
_struct_conn.ptnr2_auth_comp_id 
_struct_conn.ptnr2_auth_seq_id 
_struct_conn.ptnr2_symmetry 
_struct_conn.pdbx_ptnr3_label_atom_id 
_struct_conn.pdbx_ptnr3_label_seq_id 
_struct_conn.pdbx_ptnr3_label_comp_id 
_struct_conn.pdbx_ptnr3_label_asym_id 
_struct_conn.pdbx_ptnr3_label_alt_id 
_struct_conn.pdbx_ptnr3_PDB_ins_code 
_struct_conn.details 
_struct_conn.pdbx_dist_value 
_struct_conn.pdbx_value_order 
_struct_conn.pdbx_role 
disulf1 disulf ? ? A CYS 10 SG ? ? ? 1_555 A CYS 112 SG ? ? A CYS 32 A CYS 134 1_555 ? ? ? ? ? ? ? 2.058 ? ? 
disulf2 disulf ? ? A CYS 35 SG ? ? ? 1_555 A CYS 101 SG ? ? A CYS 57 A CYS 123 1_555 ? ? ? ? ? ? ? 2.097 ? ? 
disulf3 disulf ? ? A CYS 59 SG ? ? ? 1_555 A CYS 79  SG ? ? A CYS 81 A CYS 101 1_555 ? ? ? ? ? ? ? 2.042 ? ? 
# 
_struct_conn_type.id          disulf 
_struct_conn_type.criteria    ? 
_struct_conn_type.reference   ? 
# 
loop_
_pdbx_modification_feature.ordinal 
_pdbx_modification_feature.label_comp_id 
_pdbx_modification_feature.label_asym_id 
_pdbx_modification_feature.label_seq_id 
_pdbx_modification_feature.label_alt_id 
_pdbx_modification_feature.modified_residue_label_comp_id 
_pdbx_modification_feature.modified_residue_label_asym_id 
_pdbx_modification_feature.modified_residue_label_seq_id 
_pdbx_modification_feature.modified_residue_label_alt_id 
_pdbx_modification_feature.auth_comp_id 
_pdbx_modification_feature.auth_asym_id 
_pdbx_modification_feature.auth_seq_id 
_pdbx_modification_feature.PDB_ins_code 
_pdbx_modification_feature.symmetry 
_pdbx_modification_feature.modified_residue_auth_comp_id 
_pdbx_modification_feature.modified_residue_auth_asym_id 
_pdbx_modification_feature.modified_residue_auth_seq_id 
_pdbx_modification_feature.modified_residue_PDB_ins_code 
_pdbx_modification_feature.modified_residue_symmetry 
_pdbx_modification_feature.comp_id_linking_atom 
_pdbx_modification_feature.modified_residue_id_linking_atom 
_pdbx_modification_feature.modified_residue_id 
_pdbx_modification_feature.ref_pcm_id 
_pdbx_modification_feature.ref_comp_id 
_pdbx_modification_feature.type 
_pdbx_modification_feature.category 
1 CYS A 10 ? CYS A 112 ? CYS A 32 ? 1_555 CYS A 134 ? 1_555 SG SG . . . None 'Disulfide bridge' 
2 CYS A 35 ? CYS A 101 ? CYS A 57 ? 1_555 CYS A 123 ? 1_555 SG SG . . . None 'Disulfide bridge' 
3 CYS A 59 ? CYS A 79  ? CYS A 81 ? 1_555 CYS A 101 ? 1_555 SG SG . . . None 'Disulfide bridge' 
# 
loop_
_struct_sheet.id 
_struct_sheet.type 
_struct_sheet.number_strands 
_struct_sheet.details 
AA1 ? 8 ? 
AA2 ? 2 ? 
# 
loop_
_struct_sheet_order.sheet_id 
_struct_sheet_order.range_id_1 
_struct_sheet_order.range_id_2 
_struct_sheet_order.offset 
_struct_sheet_order.sense 
AA1 1 2 ? anti-parallel 
AA1 2 3 ? anti-parallel 
AA1 3 4 ? parallel      
AA1 4 5 ? anti-parallel 
AA1 5 6 ? anti-parallel 
AA1 6 7 ? parallel      
AA1 7 8 ? anti-parallel 
AA2 1 2 ? anti-parallel 
# 
loop_
_struct_sheet_range.sheet_id 
_struct_sheet_range.id 
_struct_sheet_range.beg_label_comp_id 
_struct_sheet_range.beg_label_asym_id 
_struct_sheet_range.beg_label_seq_id 
_struct_sheet_range.pdbx_beg_PDB_ins_code 
_struct_sheet_range.end_label_comp_id 
_struct_sheet_range.end_label_asym_id 
_struct_sheet_range.end_label_seq_id 
_struct_sheet_range.pdbx_end_PDB_ins_code 
_struct_sheet_range.beg_auth_comp_id 
_struct_sheet_range.beg_auth_asym_id 
_struct_sheet_range.beg_auth_seq_id 
_struct_sheet_range.end_auth_comp_id 
_struct_sheet_range.end_auth_asym_id 
_struct_sheet_range.end_auth_seq_id 
AA1 1 GLY A 85  ? ILE A 88  ? GLY A 107 ILE A 110 
AA1 2 VAL A 68  ? ARG A 72  ? VAL A 90  ARG A 94  
AA1 3 GLY A 62  ? PHE A 63  ? GLY A 84  PHE A 85  
AA1 4 ASP A 98  ? PHE A 102 ? ASP A 120 PHE A 124 
AA1 5 VAL A 15  ? LYS A 20  ? VAL A 37  LYS A 42  
AA1 6 GLN A 3   ? VAL A 8   ? GLN A 25  VAL A 30  
AA1 7 PHE A 122 ? ASN A 132 ? PHE A 144 ASN A 154 
AA1 8 ARG A 137 ? GLU A 143 ? ARG A 159 GLU A 165 
AA2 1 ARG A 11  ? TYR A 12  ? ARG A 33  TYR A 34  
AA2 2 GLU A 110 ? ASP A 111 ? GLU A 132 ASP A 133 
# 
loop_
_pdbx_struct_sheet_hbond.sheet_id 
_pdbx_struct_sheet_hbond.range_id_1 
_pdbx_struct_sheet_hbond.range_id_2 
_pdbx_struct_sheet_hbond.range_1_label_atom_id 
_pdbx_struct_sheet_hbond.range_1_label_comp_id 
_pdbx_struct_sheet_hbond.range_1_label_asym_id 
_pdbx_struct_sheet_hbond.range_1_label_seq_id 
_pdbx_struct_sheet_hbond.range_1_PDB_ins_code 
_pdbx_struct_sheet_hbond.range_1_auth_atom_id 
_pdbx_struct_sheet_hbond.range_1_auth_comp_id 
_pdbx_struct_sheet_hbond.range_1_auth_asym_id 
_pdbx_struct_sheet_hbond.range_1_auth_seq_id 
_pdbx_struct_sheet_hbond.range_2_label_atom_id 
_pdbx_struct_sheet_hbond.range_2_label_comp_id 
_pdbx_struct_sheet_hbond.range_2_label_asym_id 
_pdbx_struct_sheet_hbond.range_2_label_seq_id 
_pdbx_struct_sheet_hbond.range_2_PDB_ins_code 
_pdbx_struct_sheet_hbond.range_2_auth_atom_id 
_pdbx_struct_sheet_hbond.range_2_auth_comp_id 
_pdbx_struct_sheet_hbond.range_2_auth_asym_id 
_pdbx_struct_sheet_hbond.range_2_auth_seq_id 
AA1 1 2 O GLY A 85  ? O GLY A 107 N ARG A 72  ? N ARG A 94  
AA1 2 3 O VAL A 69  ? O VAL A 91  N GLY A 62  ? N GLY A 84  
AA1 3 4 N PHE A 63  ? N PHE A 85  O TYR A 100 ? O TYR A 122 
AA1 4 5 O THR A 99  ? O THR A 121 N VAL A 18  ? N VAL A 40  
AA1 5 6 O GLU A 19  ? O GLU A 41  N ASN A 7   ? N ASN A 29  
AA1 6 7 N LEU A 6   ? N LEU A 28  O THR A 129 ? O THR A 151 
AA1 7 8 N ILE A 130 ? N ILE A 152 O TYR A 138 ? O TYR A 160 
AA2 1 2 N ARG A 11  ? N ARG A 33  O ASP A 111 ? O ASP A 133 
# 
loop_
_struct_site.id 
_struct_site.pdbx_evidence_code 
_struct_site.pdbx_auth_asym_id 
_struct_site.pdbx_auth_comp_id 
_struct_site.pdbx_auth_seq_id 
_struct_site.pdbx_auth_ins_code 
_struct_site.pdbx_num_residues 
_struct_site.details 
AC1 Software A 4XL 201 ? 10 'binding site for residue 4XL A 201' 
AC2 Software A DMS 202 ? 10 'binding site for residue DMS A 202' 
AC3 Software A SO4 203 ? 4  'binding site for residue SO4 A 203' 
# 
loop_
_struct_site_gen.id 
_struct_site_gen.site_id 
_struct_site_gen.pdbx_num_res 
_struct_site_gen.label_comp_id 
_struct_site_gen.label_asym_id 
_struct_site_gen.label_seq_id 
_struct_site_gen.pdbx_auth_ins_code 
_struct_site_gen.auth_comp_id 
_struct_site_gen.auth_asym_id 
_struct_site_gen.auth_seq_id 
_struct_site_gen.label_atom_id 
_struct_site_gen.label_alt_id 
_struct_site_gen.symmetry 
_struct_site_gen.details 
1  AC1 10 ASN A 7   ? ASN A 29  . ? 1_555 ? 
2  AC1 10 VAL A 8   ? VAL A 30  . ? 1_555 ? 
3  AC1 10 GLU A 19  ? GLU A 41  . ? 1_555 ? 
4  AC1 10 ASP A 46  ? ASP A 68  . ? 1_655 ? 
5  AC1 10 VAL A 131 ? VAL A 153 . ? 1_555 ? 
6  AC1 10 ASN A 132 ? ASN A 154 . ? 1_555 ? 
7  AC1 10 ARG A 133 ? ARG A 155 . ? 1_555 ? 
8  AC1 10 HOH E .   ? HOH A 362 . ? 1_555 ? 
9  AC1 10 HOH E .   ? HOH A 380 . ? 1_555 ? 
10 AC1 10 HOH E .   ? HOH A 383 . ? 1_655 ? 
11 AC2 10 CYS A 10  ? CYS A 32  . ? 1_555 ? 
12 AC2 10 GLY A 66  ? GLY A 88  . ? 1_554 ? 
13 AC2 10 ASN A 67  ? ASN A 89  . ? 1_554 ? 
14 AC2 10 CYS A 112 ? CYS A 134 . ? 1_555 ? 
15 AC2 10 THR A 113 ? THR A 135 . ? 1_555 ? 
16 AC2 10 SER A 114 ? SER A 136 . ? 1_555 ? 
17 AC2 10 ARG A 133 ? ARG A 155 . ? 1_555 ? 
18 AC2 10 ASP A 134 ? ASP A 156 . ? 1_555 ? 
19 AC2 10 HOH E .   ? HOH A 321 . ? 1_554 ? 
20 AC2 10 HOH E .   ? HOH A 328 . ? 1_555 ? 
21 AC3 4  ARG A 11  ? ARG A 33  . ? 1_555 ? 
22 AC3 4  PHE A 16  ? PHE A 38  . ? 1_555 ? 
23 AC3 4  PHE A 38  ? PHE A 60  . ? 1_555 ? 
24 AC3 4  ASN A 103 ? ASN A 125 . ? 1_555 ? 
# 
_pdbx_entry_details.entry_id                   5BZQ 
_pdbx_entry_details.compound_details           ? 
_pdbx_entry_details.source_details             ? 
_pdbx_entry_details.nonpolymer_details         ? 
_pdbx_entry_details.sequence_details           ? 
_pdbx_entry_details.has_ligand_of_interest     ? 
_pdbx_entry_details.has_protein_modification   Y 
# 
_pdbx_validate_close_contact.id               1 
_pdbx_validate_close_contact.PDB_model_num    1 
_pdbx_validate_close_contact.auth_atom_id_1   O 
_pdbx_validate_close_contact.auth_asym_id_1   A 
_pdbx_validate_close_contact.auth_comp_id_1   HOH 
_pdbx_validate_close_contact.auth_seq_id_1    339 
_pdbx_validate_close_contact.PDB_ins_code_1   ? 
_pdbx_validate_close_contact.label_alt_id_1   ? 
_pdbx_validate_close_contact.auth_atom_id_2   O 
_pdbx_validate_close_contact.auth_asym_id_2   A 
_pdbx_validate_close_contact.auth_comp_id_2   HOH 
_pdbx_validate_close_contact.auth_seq_id_2    361 
_pdbx_validate_close_contact.PDB_ins_code_2   ? 
_pdbx_validate_close_contact.label_alt_id_2   ? 
_pdbx_validate_close_contact.dist             2.18 
# 
loop_
_pdbx_validate_torsion.id 
_pdbx_validate_torsion.PDB_model_num 
_pdbx_validate_torsion.auth_comp_id 
_pdbx_validate_torsion.auth_asym_id 
_pdbx_validate_torsion.auth_seq_id 
_pdbx_validate_torsion.PDB_ins_code 
_pdbx_validate_torsion.label_alt_id 
_pdbx_validate_torsion.phi 
_pdbx_validate_torsion.psi 
1 1 CYS A 32  ? ? -48.31  153.31  
2 1 SER A 47  ? ? -160.06 13.75   
3 1 GLU A 87  ? B -67.02  95.04   
4 1 GLU A 131 ? ? -117.35 -132.21 
# 
_phasing.method   MR 
# 
_pdbx_unobs_or_zero_occ_residues.id               1 
_pdbx_unobs_or_zero_occ_residues.PDB_model_num    1 
_pdbx_unobs_or_zero_occ_residues.polymer_flag     Y 
_pdbx_unobs_or_zero_occ_residues.occupancy_flag   1 
_pdbx_unobs_or_zero_occ_residues.auth_asym_id     A 
_pdbx_unobs_or_zero_occ_residues.auth_comp_id     MET 
_pdbx_unobs_or_zero_occ_residues.auth_seq_id      23 
_pdbx_unobs_or_zero_occ_residues.PDB_ins_code     ? 
_pdbx_unobs_or_zero_occ_residues.label_asym_id    A 
_pdbx_unobs_or_zero_occ_residues.label_comp_id    MET 
_pdbx_unobs_or_zero_occ_residues.label_seq_id     1 
# 
loop_
_chem_comp_atom.comp_id 
_chem_comp_atom.atom_id 
_chem_comp_atom.type_symbol 
_chem_comp_atom.pdbx_aromatic_flag 
_chem_comp_atom.pdbx_stereo_config 
_chem_comp_atom.pdbx_ordinal 
4XL CAM  C N N 1   
4XL CAH  C N N 2   
4XL CAQ  C Y N 3   
4XL CAD  C Y N 4   
4XL CAB  C Y N 5   
4XL CAC  C Y N 6   
4XL CAP  C Y N 7   
4XL NAA  N N N 8   
4XL CAR  C Y N 9   
4XL CAN  C N N 10  
4XL NAT  N N N 11  
4XL CAJ  C N N 12  
4XL CAE  C N N 13  
4XL CAI  C N N 14  
4XL NAS  N N N 15  
4XL CAK  C N N 16  
4XL CAF  C N N 17  
4XL OAO  O N N 18  
4XL CAG  C N N 19  
4XL CAL  C N N 20  
4XL H1   H N N 21  
4XL H2   H N N 22  
4XL H3   H N N 23  
4XL H4   H N N 24  
4XL H5   H N N 25  
4XL H6   H N N 26  
4XL H7   H N N 27  
4XL H8   H N N 28  
4XL H9   H N N 29  
4XL H10  H N N 30  
4XL H11  H N N 31  
4XL H13  H N N 32  
4XL H14  H N N 33  
4XL H15  H N N 34  
4XL H16  H N N 35  
4XL H17  H N N 36  
4XL H18  H N N 37  
4XL H20  H N N 38  
4XL H21  H N N 39  
4XL H22  H N N 40  
4XL H23  H N N 41  
4XL H24  H N N 42  
4XL H25  H N N 43  
4XL H26  H N N 44  
4XL H27  H N N 45  
ALA N    N N N 46  
ALA CA   C N S 47  
ALA C    C N N 48  
ALA O    O N N 49  
ALA CB   C N N 50  
ALA OXT  O N N 51  
ALA H    H N N 52  
ALA H2   H N N 53  
ALA HA   H N N 54  
ALA HB1  H N N 55  
ALA HB2  H N N 56  
ALA HB3  H N N 57  
ALA HXT  H N N 58  
ARG N    N N N 59  
ARG CA   C N S 60  
ARG C    C N N 61  
ARG O    O N N 62  
ARG CB   C N N 63  
ARG CG   C N N 64  
ARG CD   C N N 65  
ARG NE   N N N 66  
ARG CZ   C N N 67  
ARG NH1  N N N 68  
ARG NH2  N N N 69  
ARG OXT  O N N 70  
ARG H    H N N 71  
ARG H2   H N N 72  
ARG HA   H N N 73  
ARG HB2  H N N 74  
ARG HB3  H N N 75  
ARG HG2  H N N 76  
ARG HG3  H N N 77  
ARG HD2  H N N 78  
ARG HD3  H N N 79  
ARG HE   H N N 80  
ARG HH11 H N N 81  
ARG HH12 H N N 82  
ARG HH21 H N N 83  
ARG HH22 H N N 84  
ARG HXT  H N N 85  
ASN N    N N N 86  
ASN CA   C N S 87  
ASN C    C N N 88  
ASN O    O N N 89  
ASN CB   C N N 90  
ASN CG   C N N 91  
ASN OD1  O N N 92  
ASN ND2  N N N 93  
ASN OXT  O N N 94  
ASN H    H N N 95  
ASN H2   H N N 96  
ASN HA   H N N 97  
ASN HB2  H N N 98  
ASN HB3  H N N 99  
ASN HD21 H N N 100 
ASN HD22 H N N 101 
ASN HXT  H N N 102 
ASP N    N N N 103 
ASP CA   C N S 104 
ASP C    C N N 105 
ASP O    O N N 106 
ASP CB   C N N 107 
ASP CG   C N N 108 
ASP OD1  O N N 109 
ASP OD2  O N N 110 
ASP OXT  O N N 111 
ASP H    H N N 112 
ASP H2   H N N 113 
ASP HA   H N N 114 
ASP HB2  H N N 115 
ASP HB3  H N N 116 
ASP HD2  H N N 117 
ASP HXT  H N N 118 
CYS N    N N N 119 
CYS CA   C N R 120 
CYS C    C N N 121 
CYS O    O N N 122 
CYS CB   C N N 123 
CYS SG   S N N 124 
CYS OXT  O N N 125 
CYS H    H N N 126 
CYS H2   H N N 127 
CYS HA   H N N 128 
CYS HB2  H N N 129 
CYS HB3  H N N 130 
CYS HG   H N N 131 
CYS HXT  H N N 132 
DMS S    S N N 133 
DMS O    O N N 134 
DMS C1   C N N 135 
DMS C2   C N N 136 
DMS H11  H N N 137 
DMS H12  H N N 138 
DMS H13  H N N 139 
DMS H21  H N N 140 
DMS H22  H N N 141 
DMS H23  H N N 142 
GLN N    N N N 143 
GLN CA   C N S 144 
GLN C    C N N 145 
GLN O    O N N 146 
GLN CB   C N N 147 
GLN CG   C N N 148 
GLN CD   C N N 149 
GLN OE1  O N N 150 
GLN NE2  N N N 151 
GLN OXT  O N N 152 
GLN H    H N N 153 
GLN H2   H N N 154 
GLN HA   H N N 155 
GLN HB2  H N N 156 
GLN HB3  H N N 157 
GLN HG2  H N N 158 
GLN HG3  H N N 159 
GLN HE21 H N N 160 
GLN HE22 H N N 161 
GLN HXT  H N N 162 
GLU N    N N N 163 
GLU CA   C N S 164 
GLU C    C N N 165 
GLU O    O N N 166 
GLU CB   C N N 167 
GLU CG   C N N 168 
GLU CD   C N N 169 
GLU OE1  O N N 170 
GLU OE2  O N N 171 
GLU OXT  O N N 172 
GLU H    H N N 173 
GLU H2   H N N 174 
GLU HA   H N N 175 
GLU HB2  H N N 176 
GLU HB3  H N N 177 
GLU HG2  H N N 178 
GLU HG3  H N N 179 
GLU HE2  H N N 180 
GLU HXT  H N N 181 
GLY N    N N N 182 
GLY CA   C N N 183 
GLY C    C N N 184 
GLY O    O N N 185 
GLY OXT  O N N 186 
GLY H    H N N 187 
GLY H2   H N N 188 
GLY HA2  H N N 189 
GLY HA3  H N N 190 
GLY HXT  H N N 191 
HIS N    N N N 192 
HIS CA   C N S 193 
HIS C    C N N 194 
HIS O    O N N 195 
HIS CB   C N N 196 
HIS CG   C Y N 197 
HIS ND1  N Y N 198 
HIS CD2  C Y N 199 
HIS CE1  C Y N 200 
HIS NE2  N Y N 201 
HIS OXT  O N N 202 
HIS H    H N N 203 
HIS H2   H N N 204 
HIS HA   H N N 205 
HIS HB2  H N N 206 
HIS HB3  H N N 207 
HIS HD1  H N N 208 
HIS HD2  H N N 209 
HIS HE1  H N N 210 
HIS HE2  H N N 211 
HIS HXT  H N N 212 
HOH O    O N N 213 
HOH H1   H N N 214 
HOH H2   H N N 215 
ILE N    N N N 216 
ILE CA   C N S 217 
ILE C    C N N 218 
ILE O    O N N 219 
ILE CB   C N S 220 
ILE CG1  C N N 221 
ILE CG2  C N N 222 
ILE CD1  C N N 223 
ILE OXT  O N N 224 
ILE H    H N N 225 
ILE H2   H N N 226 
ILE HA   H N N 227 
ILE HB   H N N 228 
ILE HG12 H N N 229 
ILE HG13 H N N 230 
ILE HG21 H N N 231 
ILE HG22 H N N 232 
ILE HG23 H N N 233 
ILE HD11 H N N 234 
ILE HD12 H N N 235 
ILE HD13 H N N 236 
ILE HXT  H N N 237 
LEU N    N N N 238 
LEU CA   C N S 239 
LEU C    C N N 240 
LEU O    O N N 241 
LEU CB   C N N 242 
LEU CG   C N N 243 
LEU CD1  C N N 244 
LEU CD2  C N N 245 
LEU OXT  O N N 246 
LEU H    H N N 247 
LEU H2   H N N 248 
LEU HA   H N N 249 
LEU HB2  H N N 250 
LEU HB3  H N N 251 
LEU HG   H N N 252 
LEU HD11 H N N 253 
LEU HD12 H N N 254 
LEU HD13 H N N 255 
LEU HD21 H N N 256 
LEU HD22 H N N 257 
LEU HD23 H N N 258 
LEU HXT  H N N 259 
LYS N    N N N 260 
LYS CA   C N S 261 
LYS C    C N N 262 
LYS O    O N N 263 
LYS CB   C N N 264 
LYS CG   C N N 265 
LYS CD   C N N 266 
LYS CE   C N N 267 
LYS NZ   N N N 268 
LYS OXT  O N N 269 
LYS H    H N N 270 
LYS H2   H N N 271 
LYS HA   H N N 272 
LYS HB2  H N N 273 
LYS HB3  H N N 274 
LYS HG2  H N N 275 
LYS HG3  H N N 276 
LYS HD2  H N N 277 
LYS HD3  H N N 278 
LYS HE2  H N N 279 
LYS HE3  H N N 280 
LYS HZ1  H N N 281 
LYS HZ2  H N N 282 
LYS HZ3  H N N 283 
LYS HXT  H N N 284 
MET N    N N N 285 
MET CA   C N S 286 
MET C    C N N 287 
MET O    O N N 288 
MET CB   C N N 289 
MET CG   C N N 290 
MET SD   S N N 291 
MET CE   C N N 292 
MET OXT  O N N 293 
MET H    H N N 294 
MET H2   H N N 295 
MET HA   H N N 296 
MET HB2  H N N 297 
MET HB3  H N N 298 
MET HG2  H N N 299 
MET HG3  H N N 300 
MET HE1  H N N 301 
MET HE2  H N N 302 
MET HE3  H N N 303 
MET HXT  H N N 304 
PHE N    N N N 305 
PHE CA   C N S 306 
PHE C    C N N 307 
PHE O    O N N 308 
PHE CB   C N N 309 
PHE CG   C Y N 310 
PHE CD1  C Y N 311 
PHE CD2  C Y N 312 
PHE CE1  C Y N 313 
PHE CE2  C Y N 314 
PHE CZ   C Y N 315 
PHE OXT  O N N 316 
PHE H    H N N 317 
PHE H2   H N N 318 
PHE HA   H N N 319 
PHE HB2  H N N 320 
PHE HB3  H N N 321 
PHE HD1  H N N 322 
PHE HD2  H N N 323 
PHE HE1  H N N 324 
PHE HE2  H N N 325 
PHE HZ   H N N 326 
PHE HXT  H N N 327 
PRO N    N N N 328 
PRO CA   C N S 329 
PRO C    C N N 330 
PRO O    O N N 331 
PRO CB   C N N 332 
PRO CG   C N N 333 
PRO CD   C N N 334 
PRO OXT  O N N 335 
PRO H    H N N 336 
PRO HA   H N N 337 
PRO HB2  H N N 338 
PRO HB3  H N N 339 
PRO HG2  H N N 340 
PRO HG3  H N N 341 
PRO HD2  H N N 342 
PRO HD3  H N N 343 
PRO HXT  H N N 344 
SER N    N N N 345 
SER CA   C N S 346 
SER C    C N N 347 
SER O    O N N 348 
SER CB   C N N 349 
SER OG   O N N 350 
SER OXT  O N N 351 
SER H    H N N 352 
SER H2   H N N 353 
SER HA   H N N 354 
SER HB2  H N N 355 
SER HB3  H N N 356 
SER HG   H N N 357 
SER HXT  H N N 358 
SO4 S    S N N 359 
SO4 O1   O N N 360 
SO4 O2   O N N 361 
SO4 O3   O N N 362 
SO4 O4   O N N 363 
THR N    N N N 364 
THR CA   C N S 365 
THR C    C N N 366 
THR O    O N N 367 
THR CB   C N R 368 
THR OG1  O N N 369 
THR CG2  C N N 370 
THR OXT  O N N 371 
THR H    H N N 372 
THR H2   H N N 373 
THR HA   H N N 374 
THR HB   H N N 375 
THR HG1  H N N 376 
THR HG21 H N N 377 
THR HG22 H N N 378 
THR HG23 H N N 379 
THR HXT  H N N 380 
TYR N    N N N 381 
TYR CA   C N S 382 
TYR C    C N N 383 
TYR O    O N N 384 
TYR CB   C N N 385 
TYR CG   C Y N 386 
TYR CD1  C Y N 387 
TYR CD2  C Y N 388 
TYR CE1  C Y N 389 
TYR CE2  C Y N 390 
TYR CZ   C Y N 391 
TYR OH   O N N 392 
TYR OXT  O N N 393 
TYR H    H N N 394 
TYR H2   H N N 395 
TYR HA   H N N 396 
TYR HB2  H N N 397 
TYR HB3  H N N 398 
TYR HD1  H N N 399 
TYR HD2  H N N 400 
TYR HE1  H N N 401 
TYR HE2  H N N 402 
TYR HH   H N N 403 
TYR HXT  H N N 404 
VAL N    N N N 405 
VAL CA   C N S 406 
VAL C    C N N 407 
VAL O    O N N 408 
VAL CB   C N N 409 
VAL CG1  C N N 410 
VAL CG2  C N N 411 
VAL OXT  O N N 412 
VAL H    H N N 413 
VAL H2   H N N 414 
VAL HA   H N N 415 
VAL HB   H N N 416 
VAL HG11 H N N 417 
VAL HG12 H N N 418 
VAL HG13 H N N 419 
VAL HG21 H N N 420 
VAL HG22 H N N 421 
VAL HG23 H N N 422 
VAL HXT  H N N 423 
# 
loop_
_chem_comp_bond.comp_id 
_chem_comp_bond.atom_id_1 
_chem_comp_bond.atom_id_2 
_chem_comp_bond.value_order 
_chem_comp_bond.pdbx_aromatic_flag 
_chem_comp_bond.pdbx_stereo_config 
_chem_comp_bond.pdbx_ordinal 
4XL CAC CAB  doub Y N 1   
4XL CAC CAP  sing Y N 2   
4XL CAB CAD  sing Y N 3   
4XL NAA CAP  sing N N 4   
4XL CAP CAR  doub Y N 5   
4XL CAD CAQ  doub Y N 6   
4XL CAR CAQ  sing Y N 7   
4XL CAR CAN  sing N N 8   
4XL CAQ CAH  sing N N 9   
4XL CAN NAT  sing N N 10  
4XL CAH CAM  sing N N 11  
4XL CAM NAT  sing N N 12  
4XL NAT CAJ  sing N N 13  
4XL CAJ CAE  sing N N 14  
4XL CAE CAI  sing N N 15  
4XL CAI NAS  sing N N 16  
4XL CAL NAS  sing N N 17  
4XL CAL CAG  sing N N 18  
4XL NAS CAK  sing N N 19  
4XL CAG OAO  sing N N 20  
4XL CAK CAF  sing N N 21  
4XL CAF OAO  sing N N 22  
4XL CAM H1   sing N N 23  
4XL CAM H2   sing N N 24  
4XL CAH H3   sing N N 25  
4XL CAH H4   sing N N 26  
4XL CAD H5   sing N N 27  
4XL CAB H6   sing N N 28  
4XL CAC H7   sing N N 29  
4XL NAA H8   sing N N 30  
4XL NAA H9   sing N N 31  
4XL CAN H10  sing N N 32  
4XL CAN H11  sing N N 33  
4XL CAJ H13  sing N N 34  
4XL CAJ H14  sing N N 35  
4XL CAE H15  sing N N 36  
4XL CAE H16  sing N N 37  
4XL CAI H17  sing N N 38  
4XL CAI H18  sing N N 39  
4XL CAK H20  sing N N 40  
4XL CAK H21  sing N N 41  
4XL CAF H22  sing N N 42  
4XL CAF H23  sing N N 43  
4XL CAG H24  sing N N 44  
4XL CAG H25  sing N N 45  
4XL CAL H26  sing N N 46  
4XL CAL H27  sing N N 47  
ALA N   CA   sing N N 48  
ALA N   H    sing N N 49  
ALA N   H2   sing N N 50  
ALA CA  C    sing N N 51  
ALA CA  CB   sing N N 52  
ALA CA  HA   sing N N 53  
ALA C   O    doub N N 54  
ALA C   OXT  sing N N 55  
ALA CB  HB1  sing N N 56  
ALA CB  HB2  sing N N 57  
ALA CB  HB3  sing N N 58  
ALA OXT HXT  sing N N 59  
ARG N   CA   sing N N 60  
ARG N   H    sing N N 61  
ARG N   H2   sing N N 62  
ARG CA  C    sing N N 63  
ARG CA  CB   sing N N 64  
ARG CA  HA   sing N N 65  
ARG C   O    doub N N 66  
ARG C   OXT  sing N N 67  
ARG CB  CG   sing N N 68  
ARG CB  HB2  sing N N 69  
ARG CB  HB3  sing N N 70  
ARG CG  CD   sing N N 71  
ARG CG  HG2  sing N N 72  
ARG CG  HG3  sing N N 73  
ARG CD  NE   sing N N 74  
ARG CD  HD2  sing N N 75  
ARG CD  HD3  sing N N 76  
ARG NE  CZ   sing N N 77  
ARG NE  HE   sing N N 78  
ARG CZ  NH1  sing N N 79  
ARG CZ  NH2  doub N N 80  
ARG NH1 HH11 sing N N 81  
ARG NH1 HH12 sing N N 82  
ARG NH2 HH21 sing N N 83  
ARG NH2 HH22 sing N N 84  
ARG OXT HXT  sing N N 85  
ASN N   CA   sing N N 86  
ASN N   H    sing N N 87  
ASN N   H2   sing N N 88  
ASN CA  C    sing N N 89  
ASN CA  CB   sing N N 90  
ASN CA  HA   sing N N 91  
ASN C   O    doub N N 92  
ASN C   OXT  sing N N 93  
ASN CB  CG   sing N N 94  
ASN CB  HB2  sing N N 95  
ASN CB  HB3  sing N N 96  
ASN CG  OD1  doub N N 97  
ASN CG  ND2  sing N N 98  
ASN ND2 HD21 sing N N 99  
ASN ND2 HD22 sing N N 100 
ASN OXT HXT  sing N N 101 
ASP N   CA   sing N N 102 
ASP N   H    sing N N 103 
ASP N   H2   sing N N 104 
ASP CA  C    sing N N 105 
ASP CA  CB   sing N N 106 
ASP CA  HA   sing N N 107 
ASP C   O    doub N N 108 
ASP C   OXT  sing N N 109 
ASP CB  CG   sing N N 110 
ASP CB  HB2  sing N N 111 
ASP CB  HB3  sing N N 112 
ASP CG  OD1  doub N N 113 
ASP CG  OD2  sing N N 114 
ASP OD2 HD2  sing N N 115 
ASP OXT HXT  sing N N 116 
CYS N   CA   sing N N 117 
CYS N   H    sing N N 118 
CYS N   H2   sing N N 119 
CYS CA  C    sing N N 120 
CYS CA  CB   sing N N 121 
CYS CA  HA   sing N N 122 
CYS C   O    doub N N 123 
CYS C   OXT  sing N N 124 
CYS CB  SG   sing N N 125 
CYS CB  HB2  sing N N 126 
CYS CB  HB3  sing N N 127 
CYS SG  HG   sing N N 128 
CYS OXT HXT  sing N N 129 
DMS S   O    doub N N 130 
DMS S   C1   sing N N 131 
DMS S   C2   sing N N 132 
DMS C1  H11  sing N N 133 
DMS C1  H12  sing N N 134 
DMS C1  H13  sing N N 135 
DMS C2  H21  sing N N 136 
DMS C2  H22  sing N N 137 
DMS C2  H23  sing N N 138 
GLN N   CA   sing N N 139 
GLN N   H    sing N N 140 
GLN N   H2   sing N N 141 
GLN CA  C    sing N N 142 
GLN CA  CB   sing N N 143 
GLN CA  HA   sing N N 144 
GLN C   O    doub N N 145 
GLN C   OXT  sing N N 146 
GLN CB  CG   sing N N 147 
GLN CB  HB2  sing N N 148 
GLN CB  HB3  sing N N 149 
GLN CG  CD   sing N N 150 
GLN CG  HG2  sing N N 151 
GLN CG  HG3  sing N N 152 
GLN CD  OE1  doub N N 153 
GLN CD  NE2  sing N N 154 
GLN NE2 HE21 sing N N 155 
GLN NE2 HE22 sing N N 156 
GLN OXT HXT  sing N N 157 
GLU N   CA   sing N N 158 
GLU N   H    sing N N 159 
GLU N   H2   sing N N 160 
GLU CA  C    sing N N 161 
GLU CA  CB   sing N N 162 
GLU CA  HA   sing N N 163 
GLU C   O    doub N N 164 
GLU C   OXT  sing N N 165 
GLU CB  CG   sing N N 166 
GLU CB  HB2  sing N N 167 
GLU CB  HB3  sing N N 168 
GLU CG  CD   sing N N 169 
GLU CG  HG2  sing N N 170 
GLU CG  HG3  sing N N 171 
GLU CD  OE1  doub N N 172 
GLU CD  OE2  sing N N 173 
GLU OE2 HE2  sing N N 174 
GLU OXT HXT  sing N N 175 
GLY N   CA   sing N N 176 
GLY N   H    sing N N 177 
GLY N   H2   sing N N 178 
GLY CA  C    sing N N 179 
GLY CA  HA2  sing N N 180 
GLY CA  HA3  sing N N 181 
GLY C   O    doub N N 182 
GLY C   OXT  sing N N 183 
GLY OXT HXT  sing N N 184 
HIS N   CA   sing N N 185 
HIS N   H    sing N N 186 
HIS N   H2   sing N N 187 
HIS CA  C    sing N N 188 
HIS CA  CB   sing N N 189 
HIS CA  HA   sing N N 190 
HIS C   O    doub N N 191 
HIS C   OXT  sing N N 192 
HIS CB  CG   sing N N 193 
HIS CB  HB2  sing N N 194 
HIS CB  HB3  sing N N 195 
HIS CG  ND1  sing Y N 196 
HIS CG  CD2  doub Y N 197 
HIS ND1 CE1  doub Y N 198 
HIS ND1 HD1  sing N N 199 
HIS CD2 NE2  sing Y N 200 
HIS CD2 HD2  sing N N 201 
HIS CE1 NE2  sing Y N 202 
HIS CE1 HE1  sing N N 203 
HIS NE2 HE2  sing N N 204 
HIS OXT HXT  sing N N 205 
HOH O   H1   sing N N 206 
HOH O   H2   sing N N 207 
ILE N   CA   sing N N 208 
ILE N   H    sing N N 209 
ILE N   H2   sing N N 210 
ILE CA  C    sing N N 211 
ILE CA  CB   sing N N 212 
ILE CA  HA   sing N N 213 
ILE C   O    doub N N 214 
ILE C   OXT  sing N N 215 
ILE CB  CG1  sing N N 216 
ILE CB  CG2  sing N N 217 
ILE CB  HB   sing N N 218 
ILE CG1 CD1  sing N N 219 
ILE CG1 HG12 sing N N 220 
ILE CG1 HG13 sing N N 221 
ILE CG2 HG21 sing N N 222 
ILE CG2 HG22 sing N N 223 
ILE CG2 HG23 sing N N 224 
ILE CD1 HD11 sing N N 225 
ILE CD1 HD12 sing N N 226 
ILE CD1 HD13 sing N N 227 
ILE OXT HXT  sing N N 228 
LEU N   CA   sing N N 229 
LEU N   H    sing N N 230 
LEU N   H2   sing N N 231 
LEU CA  C    sing N N 232 
LEU CA  CB   sing N N 233 
LEU CA  HA   sing N N 234 
LEU C   O    doub N N 235 
LEU C   OXT  sing N N 236 
LEU CB  CG   sing N N 237 
LEU CB  HB2  sing N N 238 
LEU CB  HB3  sing N N 239 
LEU CG  CD1  sing N N 240 
LEU CG  CD2  sing N N 241 
LEU CG  HG   sing N N 242 
LEU CD1 HD11 sing N N 243 
LEU CD1 HD12 sing N N 244 
LEU CD1 HD13 sing N N 245 
LEU CD2 HD21 sing N N 246 
LEU CD2 HD22 sing N N 247 
LEU CD2 HD23 sing N N 248 
LEU OXT HXT  sing N N 249 
LYS N   CA   sing N N 250 
LYS N   H    sing N N 251 
LYS N   H2   sing N N 252 
LYS CA  C    sing N N 253 
LYS CA  CB   sing N N 254 
LYS CA  HA   sing N N 255 
LYS C   O    doub N N 256 
LYS C   OXT  sing N N 257 
LYS CB  CG   sing N N 258 
LYS CB  HB2  sing N N 259 
LYS CB  HB3  sing N N 260 
LYS CG  CD   sing N N 261 
LYS CG  HG2  sing N N 262 
LYS CG  HG3  sing N N 263 
LYS CD  CE   sing N N 264 
LYS CD  HD2  sing N N 265 
LYS CD  HD3  sing N N 266 
LYS CE  NZ   sing N N 267 
LYS CE  HE2  sing N N 268 
LYS CE  HE3  sing N N 269 
LYS NZ  HZ1  sing N N 270 
LYS NZ  HZ2  sing N N 271 
LYS NZ  HZ3  sing N N 272 
LYS OXT HXT  sing N N 273 
MET N   CA   sing N N 274 
MET N   H    sing N N 275 
MET N   H2   sing N N 276 
MET CA  C    sing N N 277 
MET CA  CB   sing N N 278 
MET CA  HA   sing N N 279 
MET C   O    doub N N 280 
MET C   OXT  sing N N 281 
MET CB  CG   sing N N 282 
MET CB  HB2  sing N N 283 
MET CB  HB3  sing N N 284 
MET CG  SD   sing N N 285 
MET CG  HG2  sing N N 286 
MET CG  HG3  sing N N 287 
MET SD  CE   sing N N 288 
MET CE  HE1  sing N N 289 
MET CE  HE2  sing N N 290 
MET CE  HE3  sing N N 291 
MET OXT HXT  sing N N 292 
PHE N   CA   sing N N 293 
PHE N   H    sing N N 294 
PHE N   H2   sing N N 295 
PHE CA  C    sing N N 296 
PHE CA  CB   sing N N 297 
PHE CA  HA   sing N N 298 
PHE C   O    doub N N 299 
PHE C   OXT  sing N N 300 
PHE CB  CG   sing N N 301 
PHE CB  HB2  sing N N 302 
PHE CB  HB3  sing N N 303 
PHE CG  CD1  doub Y N 304 
PHE CG  CD2  sing Y N 305 
PHE CD1 CE1  sing Y N 306 
PHE CD1 HD1  sing N N 307 
PHE CD2 CE2  doub Y N 308 
PHE CD2 HD2  sing N N 309 
PHE CE1 CZ   doub Y N 310 
PHE CE1 HE1  sing N N 311 
PHE CE2 CZ   sing Y N 312 
PHE CE2 HE2  sing N N 313 
PHE CZ  HZ   sing N N 314 
PHE OXT HXT  sing N N 315 
PRO N   CA   sing N N 316 
PRO N   CD   sing N N 317 
PRO N   H    sing N N 318 
PRO CA  C    sing N N 319 
PRO CA  CB   sing N N 320 
PRO CA  HA   sing N N 321 
PRO C   O    doub N N 322 
PRO C   OXT  sing N N 323 
PRO CB  CG   sing N N 324 
PRO CB  HB2  sing N N 325 
PRO CB  HB3  sing N N 326 
PRO CG  CD   sing N N 327 
PRO CG  HG2  sing N N 328 
PRO CG  HG3  sing N N 329 
PRO CD  HD2  sing N N 330 
PRO CD  HD3  sing N N 331 
PRO OXT HXT  sing N N 332 
SER N   CA   sing N N 333 
SER N   H    sing N N 334 
SER N   H2   sing N N 335 
SER CA  C    sing N N 336 
SER CA  CB   sing N N 337 
SER CA  HA   sing N N 338 
SER C   O    doub N N 339 
SER C   OXT  sing N N 340 
SER CB  OG   sing N N 341 
SER CB  HB2  sing N N 342 
SER CB  HB3  sing N N 343 
SER OG  HG   sing N N 344 
SER OXT HXT  sing N N 345 
SO4 S   O1   doub N N 346 
SO4 S   O2   doub N N 347 
SO4 S   O3   sing N N 348 
SO4 S   O4   sing N N 349 
THR N   CA   sing N N 350 
THR N   H    sing N N 351 
THR N   H2   sing N N 352 
THR CA  C    sing N N 353 
THR CA  CB   sing N N 354 
THR CA  HA   sing N N 355 
THR C   O    doub N N 356 
THR C   OXT  sing N N 357 
THR CB  OG1  sing N N 358 
THR CB  CG2  sing N N 359 
THR CB  HB   sing N N 360 
THR OG1 HG1  sing N N 361 
THR CG2 HG21 sing N N 362 
THR CG2 HG22 sing N N 363 
THR CG2 HG23 sing N N 364 
THR OXT HXT  sing N N 365 
TYR N   CA   sing N N 366 
TYR N   H    sing N N 367 
TYR N   H2   sing N N 368 
TYR CA  C    sing N N 369 
TYR CA  CB   sing N N 370 
TYR CA  HA   sing N N 371 
TYR C   O    doub N N 372 
TYR C   OXT  sing N N 373 
TYR CB  CG   sing N N 374 
TYR CB  HB2  sing N N 375 
TYR CB  HB3  sing N N 376 
TYR CG  CD1  doub Y N 377 
TYR CG  CD2  sing Y N 378 
TYR CD1 CE1  sing Y N 379 
TYR CD1 HD1  sing N N 380 
TYR CD2 CE2  doub Y N 381 
TYR CD2 HD2  sing N N 382 
TYR CE1 CZ   doub Y N 383 
TYR CE1 HE1  sing N N 384 
TYR CE2 CZ   sing Y N 385 
TYR CE2 HE2  sing N N 386 
TYR CZ  OH   sing N N 387 
TYR OH  HH   sing N N 388 
TYR OXT HXT  sing N N 389 
VAL N   CA   sing N N 390 
VAL N   H    sing N N 391 
VAL N   H2   sing N N 392 
VAL CA  C    sing N N 393 
VAL CA  CB   sing N N 394 
VAL CA  HA   sing N N 395 
VAL C   O    doub N N 396 
VAL C   OXT  sing N N 397 
VAL CB  CG1  sing N N 398 
VAL CB  CG2  sing N N 399 
VAL CB  HB   sing N N 400 
VAL CG1 HG11 sing N N 401 
VAL CG1 HG12 sing N N 402 
VAL CG1 HG13 sing N N 403 
VAL CG2 HG21 sing N N 404 
VAL CG2 HG22 sing N N 405 
VAL CG2 HG23 sing N N 406 
VAL OXT HXT  sing N N 407 
# 
_atom_sites.entry_id                    5BZQ 
_atom_sites.fract_transf_matrix[1][1]   0.02375085 
_atom_sites.fract_transf_matrix[1][2]   -0.00472846 
_atom_sites.fract_transf_matrix[1][3]   -0.02752394 
_atom_sites.fract_transf_matrix[2][1]   0.00176134 
_atom_sites.fract_transf_matrix[2][2]   -0.01157038 
_atom_sites.fract_transf_matrix[2][3]   0.00350762 
_atom_sites.fract_transf_matrix[3][1]   -0.01260917 
_atom_sites.fract_transf_matrix[3][2]   -0.01126000 
_atom_sites.fract_transf_matrix[3][3]   -0.03081107 
_atom_sites.fract_transf_vector[1]      0.085571 
_atom_sites.fract_transf_vector[2]      -0.005147 
_atom_sites.fract_transf_vector[3]      0.069146 
# 
loop_
_atom_type.symbol 
C 
N 
O 
S 
# 
loop_
_atom_site.group_PDB 
_atom_site.id 
_atom_site.type_symbol 
_atom_site.label_atom_id 
_atom_site.label_alt_id 
_atom_site.label_comp_id 
_atom_site.label_asym_id 
_atom_site.label_entity_id 
_atom_site.label_seq_id 
_atom_site.pdbx_PDB_ins_code 
_atom_site.Cartn_x 
_atom_site.Cartn_y 
_atom_site.Cartn_z 
_atom_site.occupancy 
_atom_site.B_iso_or_equiv 
_atom_site.pdbx_formal_charge 
_atom_site.auth_seq_id 
_atom_site.auth_comp_id 
_atom_site.auth_asym_id 
_atom_site.auth_atom_id 
_atom_site.pdbx_PDB_model_num 
ATOM   1    N N   . ASN A 1 2   ? 16.456  -14.237 -4.017  1.00 21.47 ? 24  ASN A N   1 
ATOM   2    C CA  . ASN A 1 2   ? 14.994  -14.379 -3.748  1.00 20.40 ? 24  ASN A CA  1 
ATOM   3    C C   . ASN A 1 2   ? 14.572  -13.273 -2.787  1.00 19.20 ? 24  ASN A C   1 
ATOM   4    O O   . ASN A 1 2   ? 14.570  -13.463 -1.563  1.00 17.91 ? 24  ASN A O   1 
ATOM   5    C CB  . ASN A 1 2   ? 14.681  -15.772 -3.183  1.00 21.30 ? 24  ASN A CB  1 
ATOM   6    C CG  . ASN A 1 2   ? 13.192  -16.100 -3.192  1.00 22.65 ? 24  ASN A CG  1 
ATOM   7    O OD1 . ASN A 1 2   ? 12.346  -15.238 -3.446  1.00 26.00 ? 24  ASN A OD1 1 
ATOM   8    N ND2 . ASN A 1 2   ? 12.867  -17.356 -2.910  1.00 23.99 ? 24  ASN A ND2 1 
ATOM   9    N N   . GLN A 1 3   ? 14.243  -12.115 -3.362  1.00 17.94 ? 25  GLN A N   1 
ATOM   10   C CA  . GLN A 1 3   ? 14.137  -10.863 -2.611  1.00 16.85 ? 25  GLN A CA  1 
ATOM   11   C C   . GLN A 1 3   ? 12.966  -10.030 -3.106  1.00 15.50 ? 25  GLN A C   1 
ATOM   12   O O   . GLN A 1 3   ? 12.714  -9.956  -4.307  1.00 16.19 ? 25  GLN A O   1 
ATOM   13   C CB  . GLN A 1 3   ? 15.430  -10.054 -2.763  1.00 17.88 ? 25  GLN A CB  1 
ATOM   14   C CG  . GLN A 1 3   ? 15.903  -9.358  -1.491  1.00 20.75 ? 25  GLN A CG  1 
ATOM   15   C CD  . GLN A 1 3   ? 15.178  -8.058  -1.189  1.00 24.52 ? 25  GLN A CD  1 
ATOM   16   O OE1 . GLN A 1 3   ? 15.016  -7.191  -2.057  1.00 27.08 ? 25  GLN A OE1 1 
ATOM   17   N NE2 . GLN A 1 3   ? 14.762  -7.901  0.064   1.00 22.36 ? 25  GLN A NE2 1 
ATOM   18   N N   . ILE A 1 4   ? 12.245  -9.421  -2.168  1.00 13.05 ? 26  ILE A N   1 
ATOM   19   C CA  . ILE A 1 4   ? 11.152  -8.496  -2.488  1.00 11.63 ? 26  ILE A CA  1 
ATOM   20   C C   . ILE A 1 4   ? 11.343  -7.225  -1.674  1.00 10.81 ? 26  ILE A C   1 
ATOM   21   O O   . ILE A 1 4   ? 11.518  -7.303  -0.457  1.00 10.86 ? 26  ILE A O   1 
ATOM   22   C CB  . ILE A 1 4   ? 9.777   -9.126  -2.162  1.00 11.21 ? 26  ILE A CB  1 
ATOM   23   C CG1 . ILE A 1 4   ? 9.514   -10.338 -3.070  1.00 12.39 ? 26  ILE A CG1 1 
ATOM   24   C CG2 . ILE A 1 4   ? 8.655   -8.098  -2.304  1.00 12.32 ? 26  ILE A CG2 1 
ATOM   25   C CD1 . ILE A 1 4   ? 8.276   -11.134 -2.713  1.00 14.82 ? 26  ILE A CD1 1 
ATOM   26   N N   . ASP A 1 5   ? 11.327  -6.069  -2.341  1.00 9.90  ? 27  ASP A N   1 
ATOM   27   C CA  . ASP A 1 5   ? 11.307  -4.757  -1.672  1.00 9.85  ? 27  ASP A CA  1 
ATOM   28   C C   . ASP A 1 5   ? 9.857   -4.296  -1.624  1.00 8.26  ? 27  ASP A C   1 
ATOM   29   O O   . ASP A 1 5   ? 9.162   -4.338  -2.642  1.00 8.86  ? 27  ASP A O   1 
ATOM   30   C CB  . ASP A 1 5   ? 12.066  -3.676  -2.468  1.00 11.27 ? 27  ASP A CB  1 
ATOM   31   C CG  . ASP A 1 5   ? 13.581  -3.688  -2.281  1.00 15.42 ? 27  ASP A CG  1 
ATOM   32   O OD1 . ASP A 1 5   ? 14.112  -4.335  -1.364  1.00 17.29 ? 27  ASP A OD1 1 
ATOM   33   O OD2 . ASP A 1 5   ? 14.243  -2.997  -3.089  1.00 21.58 ? 27  ASP A OD2 1 
ATOM   34   N N   . LEU A 1 6   ? 9.450   -3.785  -0.475  1.00 7.17  ? 28  LEU A N   1 
ATOM   35   C CA  . LEU A 1 6   ? 8.132   -3.180  -0.290  1.00 6.79  ? 28  LEU A CA  1 
ATOM   36   C C   . LEU A 1 6   ? 8.335   -1.737  0.126   1.00 6.48  ? 28  LEU A C   1 
ATOM   37   O O   . LEU A 1 6   ? 8.767   -1.460  1.252   1.00 7.01  ? 28  LEU A O   1 
ATOM   38   C CB  . LEU A 1 6   ? 7.341   -3.948  0.766   1.00 7.43  ? 28  LEU A CB  1 
ATOM   39   C CG  . LEU A 1 6   ? 7.106   -5.435  0.505   1.00 7.71  ? 28  LEU A CG  1 
ATOM   40   C CD1 . LEU A 1 6   ? 6.462   -6.084  1.712   1.00 10.35 ? 28  LEU A CD1 1 
ATOM   41   C CD2 . LEU A 1 6   ? 6.272   -5.667  -0.755  1.00 9.55  ? 28  LEU A CD2 1 
ATOM   42   N N   . ASN A 1 7   ? 8.025   -0.821  -0.783  1.00 5.63  ? 29  ASN A N   1 
ATOM   43   C CA  . ASN A 1 7   ? 8.197   0.605   -0.528  1.00 5.92  ? 29  ASN A CA  1 
ATOM   44   C C   . ASN A 1 7   ? 6.924   1.139   0.079   1.00 5.79  ? 29  ASN A C   1 
ATOM   45   O O   . ASN A 1 7   ? 5.865   1.055   -0.552  1.00 6.59  ? 29  ASN A O   1 
ATOM   46   C CB  . ASN A 1 7   ? 8.448   1.352   -1.831  1.00 7.13  ? 29  ASN A CB  1 
ATOM   47   C CG  . ASN A 1 7   ? 9.684   0.881   -2.554  1.00 8.78  ? 29  ASN A CG  1 
ATOM   48   O OD1 . ASN A 1 7   ? 10.627  0.370   -1.949  1.00 9.55  ? 29  ASN A OD1 1 
ATOM   49   N ND2 . ASN A 1 7   ? 9.693   1.064   -3.874  1.00 10.83 ? 29  ASN A ND2 1 
ATOM   50   N N   . VAL A 1 8   ? 7.016   1.681   1.288   1.00 5.39  ? 30  VAL A N   1 
ATOM   51   C CA  . VAL A 1 8   ? 5.829   2.066   2.048   1.00 6.10  ? 30  VAL A CA  1 
ATOM   52   C C   . VAL A 1 8   ? 5.804   3.559   2.331   1.00 5.77  ? 30  VAL A C   1 
ATOM   53   O O   . VAL A 1 8   ? 6.848   4.199   2.502   1.00 6.87  ? 30  VAL A O   1 
ATOM   54   C CB  . VAL A 1 8   ? 5.719   1.264   3.364   1.00 5.97  ? 30  VAL A CB  1 
ATOM   55   C CG1 . VAL A 1 8   ? 5.669   -0.231  3.083   1.00 8.78  ? 30  VAL A CG1 1 
ATOM   56   C CG2 . VAL A 1 8   ? 6.864   1.574   4.310   1.00 8.66  ? 30  VAL A CG2 1 
ATOM   57   N N   . THR A 1 9   ? 4.611   4.121   2.415   1.00 5.97  ? 31  THR A N   1 
ATOM   58   C CA  . THR A 1 9   ? 4.440   5.529   2.740   1.00 6.19  ? 31  THR A CA  1 
ATOM   59   C C   . THR A 1 9   ? 4.112   5.750   4.215   1.00 6.31  ? 31  THR A C   1 
ATOM   60   O O   . THR A 1 9   ? 3.829   4.813   4.967   1.00 6.30  ? 31  THR A O   1 
ATOM   61   C CB  . THR A 1 9   ? 3.290   6.170   1.914   1.00 6.24  ? 31  THR A CB  1 
ATOM   62   O OG1 . THR A 1 9   ? 2.043   5.560   2.270   1.00 5.74  ? 31  THR A OG1 1 
ATOM   63   C CG2 . THR A 1 9   ? 3.519   6.017   0.421   1.00 7.32  ? 31  THR A CG2 1 
ATOM   64   N N   . CYS A 1 10  ? 4.113   7.023   4.595   1.00 5.82  ? 32  CYS A N   1 
ATOM   65   C CA  . CYS A 1 10  ? 3.416   7.472   5.803   1.00 5.45  ? 32  CYS A CA  1 
ATOM   66   C C   . CYS A 1 10  ? 2.004   6.910   5.822   1.00 5.52  ? 32  CYS A C   1 
ATOM   67   O O   . CYS A 1 10  ? 1.411   6.654   4.767   1.00 5.90  ? 32  CYS A O   1 
ATOM   68   C CB  . CYS A 1 10  ? 3.279   8.993   5.782   1.00 5.91  ? 32  CYS A CB  1 
ATOM   69   S SG  . CYS A 1 10  ? 4.786   9.945   5.700   1.00 9.95  ? 32  CYS A SG  1 
ATOM   70   N N   . ARG A 1 11  ? 1.460   6.753   7.021   1.00 5.61  ? 33  ARG A N   1 
ATOM   71   C CA  . ARG A 1 11  ? 0.050   6.398   7.200   1.00 5.50  ? 33  ARG A CA  1 
ATOM   72   C C   . ARG A 1 11  ? -0.767  7.652   7.439   1.00 5.77  ? 33  ARG A C   1 
ATOM   73   O O   . ARG A 1 11  ? -0.329  8.580   8.156   1.00 7.35  ? 33  ARG A O   1 
ATOM   74   C CB  . ARG A 1 11  ? -0.146  5.441   8.376   1.00 5.93  ? 33  ARG A CB  1 
ATOM   75   C CG  . ARG A 1 11  ? 0.123   3.959   8.057   1.00 6.39  ? 33  ARG A CG  1 
ATOM   76   C CD  . ARG A 1 11  ? 1.599   3.659   7.781   1.00 6.01  ? 33  ARG A CD  1 
ATOM   77   N NE  . ARG A 1 11  ? 2.392   3.943   8.977   1.00 6.29  ? 33  ARG A NE  1 
ATOM   78   C CZ  . ARG A 1 11  ? 3.623   4.456   9.009   1.00 6.38  ? 33  ARG A CZ  1 
ATOM   79   N NH1 . ARG A 1 11  ? 4.290   4.752   7.901   1.00 7.40  ? 33  ARG A NH1 1 
ATOM   80   N NH2 . ARG A 1 11  ? 4.196   4.643   10.192  1.00 8.27  ? 33  ARG A NH2 1 
ATOM   81   N N   . TYR A 1 12  ? -1.965  7.691   6.884   1.00 5.02  ? 34  TYR A N   1 
ATOM   82   C CA  . TYR A 1 12  ? -2.907  8.790   7.109   1.00 5.45  ? 34  TYR A CA  1 
ATOM   83   C C   . TYR A 1 12  ? -4.223  8.184   7.529   1.00 5.14  ? 34  TYR A C   1 
ATOM   84   O O   . TYR A 1 12  ? -4.833  7.454   6.751   1.00 5.37  ? 34  TYR A O   1 
ATOM   85   C CB  . TYR A 1 12  ? -3.110  9.573   5.817   1.00 6.29  ? 34  TYR A CB  1 
ATOM   86   C CG  . TYR A 1 12  ? -1.886  10.352  5.454   1.00 8.51  ? 34  TYR A CG  1 
ATOM   87   C CD1 . TYR A 1 12  ? -1.759  11.659  5.880   1.00 11.38 ? 34  TYR A CD1 1 
ATOM   88   C CD2 . TYR A 1 12  ? -0.839  9.792   4.721   1.00 11.27 ? 34  TYR A CD2 1 
ATOM   89   C CE1 . TYR A 1 12  ? -0.649  12.408  5.583   1.00 14.60 ? 34  TYR A CE1 1 
ATOM   90   C CE2 . TYR A 1 12  ? 0.304   10.553  4.413   1.00 12.83 ? 34  TYR A CE2 1 
ATOM   91   C CZ  . TYR A 1 12  ? 0.370   11.849  4.860   1.00 12.81 ? 34  TYR A CZ  1 
ATOM   92   O OH  . TYR A 1 12  ? 1.483   12.637  4.582   1.00 18.50 ? 34  TYR A OH  1 
ATOM   93   N N   . ALA A 1 13  ? -4.642  8.423   8.771   1.00 5.29  ? 35  ALA A N   1 
ATOM   94   C CA  . ALA A 1 13  ? -5.794  7.711   9.299   1.00 5.19  ? 35  ALA A CA  1 
ATOM   95   C C   . ALA A 1 13  ? -5.702  6.199   9.036   1.00 4.31  ? 35  ALA A C   1 
ATOM   96   O O   . ALA A 1 13  ? -6.693  5.557   8.684   1.00 5.00  ? 35  ALA A O   1 
ATOM   97   C CB  . ALA A 1 13  ? -7.094  8.316   8.771   1.00 6.33  ? 35  ALA A CB  1 
ATOM   98   N N   . GLY A 1 14  ? -4.495  5.660   9.191   1.00 4.78  ? 36  GLY A N   1 
ATOM   99   C CA  . GLY A 1 14  ? -4.272  4.239   9.030   1.00 5.04  ? 36  GLY A CA  1 
ATOM   100  C C   . GLY A 1 14  ? -4.029  3.746   7.617   1.00 4.37  ? 36  GLY A C   1 
ATOM   101  O O   . GLY A 1 14  ? -3.663  2.574   7.447   1.00 5.74  ? 36  GLY A O   1 
ATOM   102  N N   . VAL A 1 15  ? -4.234  4.596   6.612   1.00 4.37  ? 37  VAL A N   1 
ATOM   103  C CA  . VAL A 1 15  ? -4.104  4.174   5.220   1.00 4.45  ? 37  VAL A CA  1 
ATOM   104  C C   . VAL A 1 15  ? -2.704  4.498   4.723   1.00 4.96  ? 37  VAL A C   1 
ATOM   105  O O   . VAL A 1 15  ? -2.179  5.586   4.971   1.00 5.28  ? 37  VAL A O   1 
ATOM   106  C CB  . VAL A 1 15  ? -5.178  4.857   4.330   1.00 4.72  ? 37  VAL A CB  1 
ATOM   107  C CG1 . VAL A 1 15  ? -5.042  4.414   2.874   1.00 5.92  ? 37  VAL A CG1 1 
ATOM   108  C CG2 . VAL A 1 15  ? -6.585  4.533   4.851   1.00 5.47  ? 37  VAL A CG2 1 
ATOM   109  N N   . PHE A 1 16  ? -2.094  3.544   4.016   1.00 4.69  ? 38  PHE A N   1 
ATOM   110  C CA  . PHE A 1 16  ? -0.792  3.742   3.408   1.00 4.77  ? 38  PHE A CA  1 
ATOM   111  C C   . PHE A 1 16  ? -0.729  3.055   2.054   1.00 4.72  ? 38  PHE A C   1 
ATOM   112  O O   . PHE A 1 16  ? -1.566  2.215   1.721   1.00 5.49  ? 38  PHE A O   1 
ATOM   113  C CB  . PHE A 1 16  ? 0.343   3.289   4.343   1.00 5.83  ? 38  PHE A CB  1 
ATOM   114  C CG  . PHE A 1 16  ? 0.299   1.834   4.759   1.00 5.72  ? 38  PHE A CG  1 
ATOM   115  C CD1 . PHE A 1 16  ? 1.256   0.938   4.265   1.00 7.52  ? 38  PHE A CD1 1 
ATOM   116  C CD2 . PHE A 1 16  ? -0.626  1.346   5.683   1.00 5.45  ? 38  PHE A CD2 1 
ATOM   117  C CE1 . PHE A 1 16  ? 1.288   -0.394  4.675   1.00 7.84  ? 38  PHE A CE1 1 
ATOM   118  C CE2 . PHE A 1 16  ? -0.599  0.005   6.073   1.00 6.60  ? 38  PHE A CE2 1 
ATOM   119  C CZ  . PHE A 1 16  ? 0.363   -0.852  5.560   1.00 8.37  ? 38  PHE A CZ  1 
ATOM   120  N N   . HIS A 1 17  ? 0.291   3.404   1.286   1.00 4.67  ? 39  HIS A N   1 
ATOM   121  C CA  . HIS A 1 17  ? 0.556   2.882   -0.047  1.00 4.77  ? 39  HIS A CA  1 
ATOM   122  C C   . HIS A 1 17  ? 1.793   1.983   -0.008  1.00 4.69  ? 39  HIS A C   1 
ATOM   123  O O   . HIS A 1 17  ? 2.772   2.278   0.708   1.00 5.20  ? 39  HIS A O   1 
ATOM   124  C CB  . HIS A 1 17  ? 0.735   4.082   -0.982  1.00 5.47  ? 39  HIS A CB  1 
ATOM   125  C CG  . HIS A 1 17  ? 1.293   3.763   -2.327  1.00 5.59  ? 39  HIS A CG  1 
ATOM   126  N ND1 . HIS A 1 17  ? 2.582   4.094   -2.668  1.00 9.29  ? 39  HIS A ND1 1 
ATOM   127  C CD2 . HIS A 1 17  ? 0.743   3.190   -3.423  1.00 7.96  ? 39  HIS A CD2 1 
ATOM   128  C CE1 . HIS A 1 17  ? 2.814   3.719   -3.914  1.00 8.27  ? 39  HIS A CE1 1 
ATOM   129  N NE2 . HIS A 1 17  ? 1.715   3.168   -4.395  1.00 7.08  ? 39  HIS A NE2 1 
ATOM   130  N N   . VAL A 1 18  ? 1.734   0.878   -0.755  1.00 4.70  ? 40  VAL A N   1 
ATOM   131  C CA  . VAL A 1 18  ? 2.838   -0.064  -0.870  1.00 5.90  ? 40  VAL A CA  1 
ATOM   132  C C   . VAL A 1 18  ? 3.083   -0.344  -2.350  1.00 5.47  ? 40  VAL A C   1 
ATOM   133  O O   . VAL A 1 18  ? 2.165   -0.712  -3.093  1.00 5.67  ? 40  VAL A O   1 
ATOM   134  C CB  . VAL A 1 18  ? 2.523   -1.405  -0.156  1.00 6.44  ? 40  VAL A CB  1 
ATOM   135  C CG1 . VAL A 1 18  ? 3.753   -2.331  -0.183  1.00 8.25  ? 40  VAL A CG1 1 
ATOM   136  C CG2 . VAL A 1 18  ? 2.025   -1.191  1.276   1.00 8.30  ? 40  VAL A CG2 1 
ATOM   137  N N   . GLU A 1 19  ? 4.329   -0.152  -2.769  1.00 5.93  ? 41  GLU A N   1 
ATOM   138  C CA  . GLU A 1 19  ? 4.802   -0.585  -4.094  1.00 7.67  ? 41  GLU A CA  1 
ATOM   139  C C   . GLU A 1 19  ? 5.723   -1.775  -3.929  1.00 7.78  ? 41  GLU A C   1 
ATOM   140  O O   . GLU A 1 19  ? 6.635   -1.750  -3.092  1.00 9.33  ? 41  GLU A O   1 
ATOM   141  C CB  . GLU A 1 19  ? 5.655   0.471   -4.790  1.00 9.65  ? 41  GLU A CB  1 
ATOM   142  C CG  . GLU A 1 19  ? 5.209   1.866   -4.770  1.00 13.50 ? 41  GLU A CG  1 
ATOM   143  C CD  . GLU A 1 19  ? 6.312   2.841   -5.214  1.00 15.89 ? 41  GLU A CD  1 
ATOM   144  O OE1 . GLU A 1 19  ? 5.969   4.030   -5.374  1.00 18.98 ? 41  GLU A OE1 1 
ATOM   145  O OE2 . GLU A 1 19  ? 7.511   2.455   -5.377  1.00 17.17 ? 41  GLU A OE2 1 
ATOM   146  N N   . LYS A 1 20  ? 5.531   -2.789  -4.758  1.00 7.34  ? 42  LYS A N   1 
ATOM   147  C CA  . LYS A 1 20  ? 6.396   -3.957  -4.763  1.00 7.78  ? 42  LYS A CA  1 
ATOM   148  C C   . LYS A 1 20  ? 7.486   -3.758  -5.801  1.00 8.14  ? 42  LYS A C   1 
ATOM   149  O O   . LYS A 1 20  ? 7.211   -3.600  -7.012  1.00 8.25  ? 42  LYS A O   1 
ATOM   150  C CB  . LYS A 1 20  ? 5.581   -5.198  -5.083  1.00 8.38  ? 42  LYS A CB  1 
ATOM   151  C CG  . LYS A 1 20  ? 6.393   -6.474  -5.070  1.00 10.45 ? 42  LYS A CG  1 
ATOM   152  C CD  . LYS A 1 20  ? 5.542   -7.649  -5.488  1.00 13.89 ? 42  LYS A CD  1 
ATOM   153  C CE  . LYS A 1 20  ? 6.337   -8.935  -5.487  1.00 15.68 ? 42  LYS A CE  1 
ATOM   154  N NZ  . LYS A 1 20  ? 5.579   -10.042 -6.121  1.00 17.04 ? 42  LYS A NZ  1 
ATOM   155  N N   . ASN A 1 21  ? 8.736   -3.752  -5.332  1.00 8.93  ? 43  ASN A N   1 
ATOM   156  C CA  . ASN A 1 21  ? 9.903   -3.600  -6.196  1.00 10.84 ? 43  ASN A CA  1 
ATOM   157  C C   . ASN A 1 21  ? 9.851   -2.334  -7.041  1.00 11.42 ? 43  ASN A C   1 
ATOM   158  O O   . ASN A 1 21  ? 10.470  -2.277  -8.107  1.00 13.40 ? 43  ASN A O   1 
ATOM   159  C CB  . ASN A 1 21  ? 10.115  -4.838  -7.070  1.00 11.56 ? 43  ASN A CB  1 
ATOM   160  C CG  . ASN A 1 21  ? 10.422  -6.068  -6.252  1.00 12.00 ? 43  ASN A CG  1 
ATOM   161  O OD1 . ASN A 1 21  ? 11.165  -6.003  -5.268  1.00 12.45 ? 43  ASN A OD1 1 
ATOM   162  N ND2 . ASN A 1 21  ? 9.830   -7.186  -6.626  1.00 12.22 ? 43  ASN A ND2 1 
ATOM   163  N N   . GLY A 1 22  ? 9.121   -1.332  -6.555  1.00 12.02 ? 44  GLY A N   1 
ATOM   164  C CA  . GLY A 1 22  ? 9.031   -0.038  -7.219  1.00 12.51 ? 44  GLY A CA  1 
ATOM   165  C C   . GLY A 1 22  ? 8.426   -0.045  -8.621  1.00 12.19 ? 44  GLY A C   1 
ATOM   166  O O   . GLY A 1 22  ? 8.611   0.918   -9.369  1.00 12.21 ? 44  GLY A O   1 
ATOM   167  N N   . ARG A 1 23  ? 7.699   -1.102  -8.981  1.00 11.47 ? 45  ARG A N   1 
ATOM   168  C CA  . ARG A 1 23  ? 7.043   -1.163  -10.280 1.00 11.49 ? 45  ARG A CA  1 
ATOM   169  C C   . ARG A 1 23  ? 5.654   -1.729  -10.079 1.00 10.07 ? 45  ARG A C   1 
ATOM   170  O O   . ARG A 1 23  ? 5.432   -2.497  -9.147  1.00 9.77  ? 45  ARG A O   1 
ATOM   171  C CB  . ARG A 1 23  ? 7.850   -2.018  -11.264 1.00 13.08 ? 45  ARG A CB  1 
ATOM   172  C CG  . ARG A 1 23  ? 8.099   -3.441  -10.815 1.00 16.32 ? 45  ARG A CG  1 
ATOM   173  C CD  . ARG A 1 23  ? 8.966   -4.206  -11.819 1.00 21.70 ? 45  ARG A CD  1 
ATOM   174  N NE  . ARG A 1 23  ? 9.286   -5.562  -11.360 1.00 24.85 ? 45  ARG A NE  1 
ATOM   175  C CZ  . ARG A 1 23  ? 10.413  -5.918  -10.739 1.00 27.13 ? 45  ARG A CZ  1 
ATOM   176  N NH1 . ARG A 1 23  ? 11.366  -5.026  -10.480 1.00 27.60 ? 45  ARG A NH1 1 
ATOM   177  N NH2 . ARG A 1 23  ? 10.589  -7.183  -10.373 1.00 28.82 ? 45  ARG A NH2 1 
ATOM   178  N N   . TYR A 1 24  ? 4.715   -1.377  -10.953 1.00 8.49  ? 46  TYR A N   1 
ATOM   179  C CA  . TYR A 1 24  ? 3.369   -1.926  -10.850 1.00 8.22  ? 46  TYR A CA  1 
ATOM   180  C C   . TYR A 1 24  ? 3.457   -3.430  -11.034 1.00 8.13  ? 46  TYR A C   1 
ATOM   181  O O   . TYR A 1 24  ? 3.828   -3.903  -12.125 1.00 10.05 ? 46  TYR A O   1 
ATOM   182  C CB  . TYR A 1 24  ? 2.475   -1.329  -11.934 1.00 7.30  ? 46  TYR A CB  1 
ATOM   183  C CG  . TYR A 1 24  ? 2.068   0.115   -11.717 1.00 6.04  ? 46  TYR A CG  1 
ATOM   184  C CD1 . TYR A 1 24  ? 1.434   0.522   -10.539 1.00 6.48  ? 46  TYR A CD1 1 
ATOM   185  C CD2 . TYR A 1 24  ? 2.271   1.059   -12.721 1.00 8.08  ? 46  TYR A CD2 1 
ATOM   186  C CE1 . TYR A 1 24  ? 1.040   1.821   -10.365 1.00 6.91  ? 46  TYR A CE1 1 
ATOM   187  C CE2 . TYR A 1 24  ? 1.874   2.391   -12.555 1.00 8.11  ? 46  TYR A CE2 1 
ATOM   188  C CZ  . TYR A 1 24  ? 1.249   2.752   -11.367 1.00 7.03  ? 46  TYR A CZ  1 
ATOM   189  O OH  . TYR A 1 24  ? 0.829   4.053   -11.166 1.00 7.69  ? 46  TYR A OH  1 
ATOM   190  N N   . SER A 1 25  ? 3.126   -4.208  -10.011 1.00 7.72  ? 47  SER A N   1 
ATOM   191  C CA  . SER A 1 25  ? 3.405   -5.641  -10.076 1.00 7.95  ? 47  SER A CA  1 
ATOM   192  C C   . SER A 1 25  ? 2.583   -6.475  -9.109  1.00 7.69  ? 47  SER A C   1 
ATOM   193  O O   . SER A 1 25  ? 2.889   -7.654  -8.907  1.00 8.26  ? 47  SER A O   1 
ATOM   194  C CB  . SER A 1 25  ? 4.902   -5.902  -9.889  1.00 8.85  ? 47  SER A CB  1 
ATOM   195  O OG  . SER A 1 25  ? 5.344   -5.449  -8.628  1.00 9.87  ? 47  SER A OG  1 
ATOM   196  N N   . ILE A 1 26  ? 1.535   -5.890  -8.532  1.00 6.90  ? 48  ILE A N   1 
ATOM   197  C CA  . ILE A 1 26  ? 0.721   -6.578  -7.545  1.00 7.68  ? 48  ILE A CA  1 
ATOM   198  C C   . ILE A 1 26  ? -0.646  -6.894  -8.148  1.00 7.32  ? 48  ILE A C   1 
ATOM   199  O O   . ILE A 1 26  ? -1.334  -6.000  -8.616  1.00 7.43  ? 48  ILE A O   1 
ATOM   200  C CB  . ILE A 1 26  ? 0.574   -5.732  -6.239  1.00 7.31  ? 48  ILE A CB  1 
ATOM   201  C CG1 . ILE A 1 26  ? 1.945   -5.315  -5.700  1.00 7.57  ? 48  ILE A CG1 1 
ATOM   202  C CG2 . ILE A 1 26  ? -0.223  -6.498  -5.194  1.00 9.50  ? 48  ILE A CG2 1 
ATOM   203  C CD1 . ILE A 1 26  ? 1.867   -4.326  -4.532  1.00 7.55  ? 48  ILE A CD1 1 
ATOM   204  N N   . SER A 1 27  ? -1.038  -8.161  -8.145  1.00 7.84  ? 49  SER A N   1 
ATOM   205  C CA  . SER A 1 27  ? -2.396  -8.536  -8.529  1.00 8.61  ? 49  SER A CA  1 
ATOM   206  C C   . SER A 1 27  ? -3.385  -8.279  -7.404  1.00 8.82  ? 49  SER A C   1 
ATOM   207  O O   . SER A 1 27  ? -3.002  -8.054  -6.259  1.00 8.14  ? 49  SER A O   1 
ATOM   208  C CB  . SER A 1 27  ? -2.460  -10.012 -8.889  1.00 9.71  ? 49  SER A CB  1 
ATOM   209  O OG  . SER A 1 27  ? -2.313  -10.786 -7.713  1.00 11.59 ? 49  SER A OG  1 
ATOM   210  N N   . ARG A 1 28  ? -4.666  -8.344  -7.719  1.00 8.77  ? 50  ARG A N   1 
ATOM   211  C CA  . ARG A 1 28  ? -5.679  -8.137  -6.708  1.00 9.69  ? 50  ARG A CA  1 
ATOM   212  C C   . ARG A 1 28  ? -5.581  -9.164  -5.568  1.00 9.96  ? 50  ARG A C   1 
ATOM   213  O O   . ARG A 1 28  ? -5.747  -8.803  -4.410  1.00 10.08 ? 50  ARG A O   1 
ATOM   214  C CB  . ARG A 1 28  ? -7.065  -8.138  -7.362  1.00 11.15 ? 50  ARG A CB  1 
ATOM   215  C CG  . ARG A 1 28  ? -8.245  -7.978  -6.432  1.00 14.29 ? 50  ARG A CG  1 
ATOM   216  C CD  . ARG A 1 28  ? -8.135  -6.732  -5.580  1.00 17.74 ? 50  ARG A CD  1 
ATOM   217  N NE  . ARG A 1 28  ? -9.295  -6.606  -4.703  1.00 19.92 ? 50  ARG A NE  1 
ATOM   218  C CZ  . ARG A 1 28  ? -9.499  -7.353  -3.619  1.00 20.63 ? 50  ARG A CZ  1 
ATOM   219  N NH1 . ARG A 1 28  ? -8.610  -8.273  -3.252  1.00 20.55 ? 50  ARG A NH1 1 
ATOM   220  N NH2 . ARG A 1 28  ? -10.593 -7.174  -2.891  1.00 19.88 ? 50  ARG A NH2 1 
ATOM   221  N N   . THR A 1 29  ? -5.292  -10.426 -5.889  1.00 10.55 ? 51  THR A N   1 
ATOM   222  C CA  . THR A 1 29  ? -5.125  -11.451 -4.843  1.00 11.51 ? 51  THR A CA  1 
ATOM   223  C C   . THR A 1 29  ? -3.875  -11.215 -4.012  1.00 10.24 ? 51  THR A C   1 
ATOM   224  O O   . THR A 1 29  ? -3.924  -11.333 -2.788  1.00 10.62 ? 51  THR A O   1 
ATOM   225  C CB  . THR A 1 29  ? -5.134  -12.891 -5.400  1.00 12.51 ? 51  THR A CB  1 
ATOM   226  O OG1 . THR A 1 29  ? -4.224  -12.986 -6.490  1.00 14.22 ? 51  THR A OG1 1 
ATOM   227  C CG2 . THR A 1 29  ? -6.530  -13.282 -5.862  1.00 15.03 ? 51  THR A CG2 1 
ATOM   228  N N   . GLU A 1 30  ? -2.772  -10.854 -4.655  1.00 9.44  ? 52  GLU A N   1 
ATOM   229  C CA  . GLU A 1 30  ? -1.554  -10.564 -3.929  1.00 9.36  ? 52  GLU A CA  1 
ATOM   230  C C   . GLU A 1 30  ? -1.726  -9.339  -3.029  1.00 8.39  ? 52  GLU A C   1 
ATOM   231  O O   . GLU A 1 30  ? -1.150  -9.297  -1.929  1.00 8.65  ? 52  GLU A O   1 
ATOM   232  C CB  . GLU A 1 30  ? -0.364  -10.392 -4.873  1.00 9.93  ? 52  GLU A CB  1 
ATOM   233  C CG  . GLU A 1 30  ? 0.953   -10.182 -4.116  1.00 11.21 ? 52  GLU A CG  1 
ATOM   234  C CD  . GLU A 1 30  ? 2.223   -10.408 -4.938  1.00 13.32 ? 52  GLU A CD  1 
ATOM   235  O OE1 . GLU A 1 30  ? 2.177   -11.032 -6.020  1.00 16.81 ? 52  GLU A OE1 1 
ATOM   236  O OE2 . GLU A 1 30  ? 3.298   -10.003 -4.469  1.00 13.92 ? 52  GLU A OE2 1 
ATOM   237  N N   . ALA A 1 31  ? -2.524  -8.359  -3.463  1.00 8.02  ? 53  ALA A N   1 
ATOM   238  C CA  . ALA A 1 31  ? -2.751  -7.142  -2.674  1.00 7.43  ? 53  ALA A CA  1 
ATOM   239  C C   . ALA A 1 31  ? -3.394  -7.480  -1.341  1.00 7.30  ? 53  ALA A C   1 
ATOM   240  O O   . ALA A 1 31  ? -2.962  -6.997  -0.298  1.00 7.08  ? 53  ALA A O   1 
ATOM   241  C CB  . ALA A 1 31  ? -3.604  -6.157  -3.446  1.00 7.09  ? 53  ALA A CB  1 
ATOM   242  N N   . ALA A 1 32  ? -4.437  -8.306  -1.384  1.00 8.08  ? 54  ALA A N   1 
ATOM   243  C CA  . ALA A 1 32  ? -5.092  -8.726  -0.151  1.00 8.96  ? 54  ALA A CA  1 
ATOM   244  C C   . ALA A 1 32  ? -4.115  -9.446  0.782   1.00 8.83  ? 54  ALA A C   1 
ATOM   245  O O   . ALA A 1 32  ? -4.105  -9.210  1.991   1.00 8.76  ? 54  ALA A O   1 
ATOM   246  C CB  . ALA A 1 32  ? -6.290  -9.601  -0.453  1.00 9.91  ? 54  ALA A CB  1 
ATOM   247  N N   . ASP A 1 33  ? -3.300  -10.337 0.216   1.00 8.50  ? 55  ASP A N   1 
ATOM   248  C CA  . ASP A 1 33  ? -2.322  -11.079 1.015   1.00 8.78  ? 55  ASP A CA  1 
ATOM   249  C C   . ASP A 1 33  ? -1.249  -10.177 1.615   1.00 7.95  ? 55  ASP A C   1 
ATOM   250  O O   . ASP A 1 33  ? -0.838  -10.350 2.772   1.00 8.02  ? 55  ASP A O   1 
ATOM   251  C CB  . ASP A 1 33  ? -1.663  -12.163 0.164   1.00 9.92  ? 55  ASP A CB  1 
ATOM   252  C CG  . ASP A 1 33  ? -2.575  -13.350 -0.103  1.00 11.87 ? 55  ASP A CG  1 
ATOM   253  O OD1 . ASP A 1 33  ? -3.647  -13.469 0.527   1.00 15.96 ? 55  ASP A OD1 1 
ATOM   254  O OD2 . ASP A 1 33  ? -2.202  -14.165 -0.968  1.00 15.42 ? 55  ASP A OD2 1 
ATOM   255  N N   . LEU A 1 34  ? -0.811  -9.184  0.841   1.00 7.65  ? 56  LEU A N   1 
ATOM   256  C CA  . LEU A 1 34  ? 0.184   -8.236  1.288   1.00 7.89  ? 56  LEU A CA  1 
ATOM   257  C C   . LEU A 1 34  ? -0.346  -7.409  2.441   1.00 7.34  ? 56  LEU A C   1 
ATOM   258  O O   . LEU A 1 34  ? 0.317   -7.275  3.478   1.00 7.70  ? 56  LEU A O   1 
ATOM   259  C CB  . LEU A 1 34  ? 0.612   -7.367  0.120   1.00 8.33  ? 56  LEU A CB  1 
ATOM   260  C CG  . LEU A 1 34  ? 1.761   -6.415  0.388   1.00 9.85  ? 56  LEU A CG  1 
ATOM   261  C CD1 . LEU A 1 34  ? 2.929   -7.117  1.080   1.00 13.43 ? 56  LEU A CD1 1 
ATOM   262  C CD2 . LEU A 1 34  ? 2.200   -5.766  -0.903  1.00 12.14 ? 56  LEU A CD2 1 
ATOM   263  N N   . CYS A 1 35  ? -1.560  -6.878  2.301   1.00 7.29  ? 57  CYS A N   1 
ATOM   264  C CA  . CYS A 1 35  ? -2.109  -6.133  3.430   1.00 7.44  ? 57  CYS A CA  1 
ATOM   265  C C   . CYS A 1 35  ? -2.238  -7.014  4.666   1.00 7.66  ? 57  CYS A C   1 
ATOM   266  O O   . CYS A 1 35  ? -1.917  -6.562  5.764   1.00 7.57  ? 57  CYS A O   1 
ATOM   267  C CB  . CYS A 1 35  ? -3.429  -5.438  3.085   1.00 8.01  ? 57  CYS A CB  1 
ATOM   268  S SG  . CYS A 1 35  ? -3.323  -4.186  1.782   1.00 8.74  ? 57  CYS A SG  1 
ATOM   269  N N   A GLN A 1 36  ? -2.701  -8.252  4.487   0.50 8.08  ? 58  GLN A N   1 
ATOM   270  N N   B GLN A 1 36  ? -2.710  -8.249  4.489   0.50 7.98  ? 58  GLN A N   1 
ATOM   271  C CA  A GLN A 1 36  ? -2.811  -9.195  5.603   0.50 9.05  ? 58  GLN A CA  1 
ATOM   272  C CA  B GLN A 1 36  ? -2.805  -9.202  5.600   0.50 8.87  ? 58  GLN A CA  1 
ATOM   273  C C   A GLN A 1 36  ? -1.479  -9.364  6.341   0.50 8.92  ? 58  GLN A C   1 
ATOM   274  C C   B GLN A 1 36  ? -1.474  -9.335  6.347   0.50 8.81  ? 58  GLN A C   1 
ATOM   275  O O   A GLN A 1 36  ? -1.465  -9.464  7.567   0.50 9.35  ? 58  GLN A O   1 
ATOM   276  O O   B GLN A 1 36  ? -1.456  -9.380  7.579   0.50 9.07  ? 58  GLN A O   1 
ATOM   277  C CB  A GLN A 1 36  ? -3.377  -10.550 5.155   0.50 9.38  ? 58  GLN A CB  1 
ATOM   278  C CB  B GLN A 1 36  ? -3.305  -10.571 5.121   0.50 9.15  ? 58  GLN A CB  1 
ATOM   279  C CG  A GLN A 1 36  ? -3.748  -11.482 6.317   0.50 11.98 ? 58  GLN A CG  1 
ATOM   280  C CG  B GLN A 1 36  ? -3.261  -11.672 6.186   0.50 11.39 ? 58  GLN A CG  1 
ATOM   281  C CD  A GLN A 1 36  ? -4.752  -12.551 5.929   0.50 15.33 ? 58  GLN A CD  1 
ATOM   282  C CD  B GLN A 1 36  ? -4.150  -11.393 7.386   0.50 13.63 ? 58  GLN A CD  1 
ATOM   283  O OE1 A GLN A 1 36  ? -4.654  -13.696 6.364   0.50 18.06 ? 58  GLN A OE1 1 
ATOM   284  O OE1 B GLN A 1 36  ? -3.951  -11.962 8.462   0.50 16.75 ? 58  GLN A OE1 1 
ATOM   285  N NE2 A GLN A 1 36  ? -5.729  -12.181 5.107   0.50 17.02 ? 58  GLN A NE2 1 
ATOM   286  N NE2 B GLN A 1 36  ? -5.138  -10.529 7.209   0.50 14.32 ? 58  GLN A NE2 1 
ATOM   287  N N   . ALA A 1 37  ? -0.366  -9.336  5.613   1.00 8.60  ? 59  ALA A N   1 
ATOM   288  C CA  . ALA A 1 37  ? 0.953   -9.479  6.231   1.00 8.73  ? 59  ALA A CA  1 
ATOM   289  C C   . ALA A 1 37  ? 1.323   -8.268  7.085   1.00 8.62  ? 59  ALA A C   1 
ATOM   290  O O   . ALA A 1 37  ? 2.106   -8.386  8.033   1.00 8.57  ? 59  ALA A O   1 
ATOM   291  C CB  . ALA A 1 37  ? 2.012   -9.737  5.170   1.00 9.78  ? 59  ALA A CB  1 
ATOM   292  N N   . PHE A 1 38  ? 0.739   -7.102  6.766   1.00 8.23  ? 60  PHE A N   1 
ATOM   293  C CA  . PHE A 1 38  ? 0.867   -5.889  7.579   1.00 8.92  ? 60  PHE A CA  1 
ATOM   294  C C   . PHE A 1 38  ? -0.243  -5.778  8.636   1.00 8.87  ? 60  PHE A C   1 
ATOM   295  O O   . PHE A 1 38  ? -0.457  -4.690  9.175   1.00 9.62  ? 60  PHE A O   1 
ATOM   296  C CB  . PHE A 1 38  ? 0.806   -4.621  6.697   1.00 9.06  ? 60  PHE A CB  1 
ATOM   297  C CG  . PHE A 1 38  ? 2.059   -4.338  5.898   1.00 8.07  ? 60  PHE A CG  1 
ATOM   298  C CD1 . PHE A 1 38  ? 3.171   -3.791  6.521   1.00 9.69  ? 60  PHE A CD1 1 
ATOM   299  C CD2 . PHE A 1 38  ? 2.109   -4.541  4.521   1.00 9.24  ? 60  PHE A CD2 1 
ATOM   300  C CE1 . PHE A 1 38  ? 4.330   -3.480  5.787   1.00 10.18 ? 60  PHE A CE1 1 
ATOM   301  C CE2 . PHE A 1 38  ? 3.272   -4.227  3.795   1.00 8.01  ? 60  PHE A CE2 1 
ATOM   302  C CZ  . PHE A 1 38  ? 4.374   -3.708  4.431   1.00 9.19  ? 60  PHE A CZ  1 
ATOM   303  N N   A ASN A 1 39  ? -0.921  -6.884  8.943   0.50 9.12  ? 61  ASN A N   1 
ATOM   304  N N   B ASN A 1 39  ? -0.959  -6.871  8.911   0.50 9.12  ? 61  ASN A N   1 
ATOM   305  C CA  A ASN A 1 39  ? -2.075  -6.833  9.844   0.50 9.22  ? 61  ASN A CA  1 
ATOM   306  C CA  B ASN A 1 39  ? -2.088  -6.834  9.855   0.50 9.29  ? 61  ASN A CA  1 
ATOM   307  C C   A ASN A 1 39  ? -2.986  -5.682  9.436   0.50 8.74  ? 61  ASN A C   1 
ATOM   308  C C   B ASN A 1 39  ? -3.162  -5.815  9.456   0.50 8.77  ? 61  ASN A C   1 
ATOM   309  O O   A ASN A 1 39  ? -3.362  -4.846  10.265  0.50 9.31  ? 61  ASN A O   1 
ATOM   310  O O   B ASN A 1 39  ? -3.835  -5.214  10.302  0.50 8.31  ? 61  ASN A O   1 
ATOM   311  C CB  A ASN A 1 39  ? -1.651  -6.693  11.313  0.50 9.99  ? 61  ASN A CB  1 
ATOM   312  C CB  B ASN A 1 39  ? -1.613  -6.578  11.291  0.50 10.24 ? 61  ASN A CB  1 
ATOM   313  C CG  A ASN A 1 39  ? -1.249  -8.017  11.939  0.50 11.25 ? 61  ASN A CG  1 
ATOM   314  C CG  B ASN A 1 39  ? -2.653  -6.958  12.310  0.50 12.30 ? 61  ASN A CG  1 
ATOM   315  O OD1 A ASN A 1 39  ? -1.766  -9.076  11.578  0.50 13.44 ? 61  ASN A OD1 1 
ATOM   316  O OD1 B ASN A 1 39  ? -3.337  -7.968  12.159  0.50 16.09 ? 61  ASN A OD1 1 
ATOM   317  N ND2 A ASN A 1 39  ? -0.332  -7.958  12.891  0.50 14.54 ? 61  ASN A ND2 1 
ATOM   318  N ND2 B ASN A 1 39  ? -2.786  -6.151  13.355  0.50 14.34 ? 61  ASN A ND2 1 
ATOM   319  N N   . SER A 1 40  ? -3.325  -5.666  8.146   1.00 8.29  ? 62  SER A N   1 
ATOM   320  C CA  . SER A 1 40  ? -4.098  -4.595  7.543   1.00 7.88  ? 62  SER A CA  1 
ATOM   321  C C   . SER A 1 40  ? -5.067  -5.194  6.540   1.00 8.12  ? 62  SER A C   1 
ATOM   322  O O   . SER A 1 40  ? -5.012  -6.390  6.237   1.00 8.95  ? 62  SER A O   1 
ATOM   323  C CB  . SER A 1 40  ? -3.133  -3.626  6.862   1.00 7.66  ? 62  SER A CB  1 
ATOM   324  O OG  . SER A 1 40  ? -2.302  -2.940  7.791   1.00 8.65  ? 62  SER A OG  1 
ATOM   325  N N   . THR A 1 41  ? -5.966  -4.373  6.037   1.00 7.57  ? 63  THR A N   1 
ATOM   326  C CA  . THR A 1 41  ? -6.942  -4.791  5.038   1.00 8.12  ? 63  THR A CA  1 
ATOM   327  C C   . THR A 1 41  ? -6.889  -3.808  3.864   1.00 7.14  ? 63  THR A C   1 
ATOM   328  O O   . THR A 1 41  ? -6.359  -2.697  3.993   1.00 8.33  ? 63  THR A O   1 
ATOM   329  C CB  . THR A 1 41  ? -8.369  -4.768  5.646   1.00 8.23  ? 63  THR A CB  1 
ATOM   330  O OG1 . THR A 1 41  ? -8.608  -3.499  6.266   1.00 10.60 ? 63  THR A OG1 1 
ATOM   331  C CG2 . THR A 1 41  ? -8.557  -5.908  6.670   1.00 11.16 ? 63  THR A CG2 1 
ATOM   332  N N   A LEU A 1 42  ? -7.431  -4.193  2.717   0.50 7.14  ? 64  LEU A N   1 
ATOM   333  N N   B LEU A 1 42  ? -7.460  -4.182  2.730   0.50 7.05  ? 64  LEU A N   1 
ATOM   334  C CA  A LEU A 1 42  ? -7.629  -3.207  1.659   0.50 6.97  ? 64  LEU A CA  1 
ATOM   335  C CA  B LEU A 1 42  ? -7.644  -3.216  1.645   0.50 6.78  ? 64  LEU A CA  1 
ATOM   336  C C   A LEU A 1 42  ? -8.583  -2.142  2.194   0.50 6.63  ? 64  LEU A C   1 
ATOM   337  C C   B LEU A 1 42  ? -8.639  -2.145  2.080   0.50 6.59  ? 64  LEU A C   1 
ATOM   338  O O   A LEU A 1 42  ? -9.595  -2.476  2.812   0.50 6.34  ? 64  LEU A O   1 
ATOM   339  O O   B LEU A 1 42  ? -9.749  -2.478  2.480   0.50 6.04  ? 64  LEU A O   1 
ATOM   340  C CB  A LEU A 1 42  ? -8.219  -3.857  0.411   0.50 7.69  ? 64  LEU A CB  1 
ATOM   341  C CB  B LEU A 1 42  ? -8.199  -3.920  0.420   0.50 7.40  ? 64  LEU A CB  1 
ATOM   342  C CG  A LEU A 1 42  ? -7.210  -4.594  -0.466  0.50 8.43  ? 64  LEU A CG  1 
ATOM   343  C CG  B LEU A 1 42  ? -7.231  -4.889  -0.239  0.50 7.56  ? 64  LEU A CG  1 
ATOM   344  C CD1 A LEU A 1 42  ? -6.325  -3.612  -1.197  0.50 8.48  ? 64  LEU A CD1 1 
ATOM   345  C CD1 B LEU A 1 42  ? -7.954  -5.586  -1.359  0.50 8.56  ? 64  LEU A CD1 1 
ATOM   346  C CD2 A LEU A 1 42  ? -6.379  -5.507  0.381   0.50 10.87 ? 64  LEU A CD2 1 
ATOM   347  C CD2 B LEU A 1 42  ? -6.050  -4.117  -0.762  0.50 8.06  ? 64  LEU A CD2 1 
ATOM   348  N N   . PRO A 1 43  ? -8.278  -0.851  1.973   1.00 6.45  ? 65  PRO A N   1 
ATOM   349  C CA  . PRO A 1 43  ? -9.162  0.191   2.505   1.00 6.55  ? 65  PRO A CA  1 
ATOM   350  C C   . PRO A 1 43  ? -10.504 0.220   1.782   1.00 6.33  ? 65  PRO A C   1 
ATOM   351  O O   . PRO A 1 43  ? -10.591 -0.087  0.588   1.00 7.28  ? 65  PRO A O   1 
ATOM   352  C CB  . PRO A 1 43  ? -8.392  1.488   2.219   1.00 6.57  ? 65  PRO A CB  1 
ATOM   353  C CG  . PRO A 1 43  ? -6.976  1.071   1.987   1.00 6.85  ? 65  PRO A CG  1 
ATOM   354  C CD  . PRO A 1 43  ? -7.045  -0.287  1.393   1.00 6.65  ? 65  PRO A CD  1 
ATOM   355  N N   . THR A 1 44  ? -11.557 0.593   2.491   1.00 6.69  ? 66  THR A N   1 
ATOM   356  C CA  . THR A 1 44  ? -12.784 0.970   1.805   1.00 6.99  ? 66  THR A CA  1 
ATOM   357  C C   . THR A 1 44  ? -12.633 2.379   1.220   1.00 6.42  ? 66  THR A C   1 
ATOM   358  O O   . THR A 1 44  ? -11.724 3.148   1.596   1.00 6.70  ? 66  THR A O   1 
ATOM   359  C CB  . THR A 1 44  ? -13.979 0.996   2.750   1.00 7.05  ? 66  THR A CB  1 
ATOM   360  O OG1 . THR A 1 44  ? -13.766 2.028   3.718   1.00 7.55  ? 66  THR A OG1 1 
ATOM   361  C CG2 . THR A 1 44  ? -14.171 -0.362  3.434   1.00 9.01  ? 66  THR A CG2 1 
ATOM   362  N N   . MET A 1 45  ? -13.556 2.734   0.331   1.00 6.81  ? 67  MET A N   1 
ATOM   363  C CA  . MET A 1 45  ? -13.581 4.067   -0.211  1.00 7.16  ? 67  MET A CA  1 
ATOM   364  C C   . MET A 1 45  ? -13.717 5.131   0.894   1.00 7.15  ? 67  MET A C   1 
ATOM   365  O O   . MET A 1 45  ? -13.029 6.153   0.860   1.00 7.35  ? 67  MET A O   1 
ATOM   366  C CB  . MET A 1 45  ? -14.683 4.218   -1.267  1.00 8.50  ? 67  MET A CB  1 
ATOM   367  C CG  . MET A 1 45  ? -14.750 5.612   -1.883  1.00 10.23 ? 67  MET A CG  1 
ATOM   368  S SD  . MET A 1 45  ? -13.242 6.137   -2.722  1.00 13.34 ? 67  MET A SD  1 
ATOM   369  C CE  . MET A 1 45  ? -13.391 5.251   -4.254  1.00 16.26 ? 67  MET A CE  1 
ATOM   370  N N   . ASP A 1 46  ? -14.588 4.888   1.874   1.00 7.14  ? 68  ASP A N   1 
ATOM   371  C CA  . ASP A 1 46  ? -14.739 5.835   2.972   1.00 7.63  ? 68  ASP A CA  1 
ATOM   372  C C   . ASP A 1 46  ? -13.448 5.993   3.781   1.00 6.64  ? 68  ASP A C   1 
ATOM   373  O O   . ASP A 1 46  ? -13.103 7.104   4.166   1.00 7.29  ? 68  ASP A O   1 
ATOM   374  C CB  . ASP A 1 46  ? -15.906 5.421   3.881   1.00 9.33  ? 68  ASP A CB  1 
ATOM   375  C CG  . ASP A 1 46  ? -17.274 5.752   3.275   1.00 14.00 ? 68  ASP A CG  1 
ATOM   376  O OD1 . ASP A 1 46  ? -17.369 6.614   2.377   1.00 17.17 ? 68  ASP A OD1 1 
ATOM   377  O OD2 . ASP A 1 46  ? -18.268 5.136   3.719   1.00 17.68 ? 68  ASP A OD2 1 
ATOM   378  N N   . GLN A 1 47  ? -12.731 4.892   4.013   1.00 6.03  ? 69  GLN A N   1 
ATOM   379  C CA  . GLN A 1 47  ? -11.455 4.969   4.735   1.00 5.47  ? 69  GLN A CA  1 
ATOM   380  C C   . GLN A 1 47  ? -10.460 5.786   3.934   1.00 4.97  ? 69  GLN A C   1 
ATOM   381  O O   . GLN A 1 47  ? -9.734  6.607   4.492   1.00 5.43  ? 69  GLN A O   1 
ATOM   382  C CB  . GLN A 1 47  ? -10.909 3.579   5.030   1.00 5.25  ? 69  GLN A CB  1 
ATOM   383  C CG  . GLN A 1 47  ? -11.691 2.889   6.135   1.00 6.47  ? 69  GLN A CG  1 
ATOM   384  C CD  . GLN A 1 47  ? -11.433 1.401   6.211   1.00 6.70  ? 69  GLN A CD  1 
ATOM   385  O OE1 . GLN A 1 47  ? -10.891 0.774   5.303   1.00 7.90  ? 69  GLN A OE1 1 
ATOM   386  N NE2 . GLN A 1 47  ? -11.806 0.821   7.330   1.00 9.53  ? 69  GLN A NE2 1 
ATOM   387  N N   . MET A 1 48  ? -10.416 5.573   2.622   1.00 5.03  ? 70  MET A N   1 
ATOM   388  C CA  . MET A 1 48  ? -9.515  6.322   1.768   1.00 5.60  ? 70  MET A CA  1 
ATOM   389  C C   . MET A 1 48  ? -9.873  7.807   1.725   1.00 5.55  ? 70  MET A C   1 
ATOM   390  O O   . MET A 1 48  ? -8.997  8.666   1.737   1.00 5.56  ? 70  MET A O   1 
ATOM   391  C CB  . MET A 1 48  ? -9.560  5.746   0.354   1.00 6.55  ? 70  MET A CB  1 
ATOM   392  C CG  . MET A 1 48  ? -8.659  6.444   -0.639  1.00 7.31  ? 70  MET A CG  1 
ATOM   393  S SD  . MET A 1 48  ? -6.896  6.502   -0.234  1.00 7.70  ? 70  MET A SD  1 
ATOM   394  C CE  . MET A 1 48  ? -6.420  4.889   -0.795  1.00 9.41  ? 70  MET A CE  1 
ATOM   395  N N   . LYS A 1 49  ? -11.162 8.125   1.678   1.00 5.55  ? 71  LYS A N   1 
ATOM   396  C CA  . LYS A 1 49  ? -11.561 9.537   1.667   1.00 6.46  ? 71  LYS A CA  1 
ATOM   397  C C   . LYS A 1 49  ? -11.140 10.235  2.955   1.00 6.02  ? 71  LYS A C   1 
ATOM   398  O O   . LYS A 1 49  ? -10.678 11.381  2.916   1.00 6.67  ? 71  LYS A O   1 
ATOM   399  C CB  . LYS A 1 49  ? -13.067 9.679   1.447   1.00 7.40  ? 71  LYS A CB  1 
ATOM   400  C CG  . LYS A 1 49  ? -13.459 9.420   -0.009  1.00 9.21  ? 71  LYS A CG  1 
ATOM   401  C CD  . LYS A 1 49  ? -14.969 9.421   -0.222  1.00 13.00 ? 71  LYS A CD  1 
ATOM   402  C CE  . LYS A 1 49  ? -15.321 9.380   -1.705  1.00 15.14 ? 71  LYS A CE  1 
ATOM   403  N NZ  . LYS A 1 49  ? -16.801 9.291   -1.912  1.00 18.85 ? 71  LYS A NZ  1 
ATOM   404  N N   . LEU A 1 50  ? -11.252 9.554   4.097   1.00 6.05  ? 72  LEU A N   1 
ATOM   405  C CA  . LEU A 1 50  ? -10.788 10.165  5.338   1.00 6.50  ? 72  LEU A CA  1 
ATOM   406  C C   . LEU A 1 50  ? -9.268  10.369  5.326   1.00 5.89  ? 72  LEU A C   1 
ATOM   407  O O   . LEU A 1 50  ? -8.768  11.427  5.719   1.00 6.48  ? 72  LEU A O   1 
ATOM   408  C CB  . LEU A 1 50  ? -11.240 9.371   6.570   1.00 7.37  ? 72  LEU A CB  1 
ATOM   409  C CG  . LEU A 1 50  ? -11.000 10.148  7.884   1.00 7.73  ? 72  LEU A CG  1 
ATOM   410  C CD1 . LEU A 1 50  ? -11.854 11.413  8.006   1.00 10.65 ? 72  LEU A CD1 1 
ATOM   411  C CD2 . LEU A 1 50  ? -11.169 9.254   9.107   1.00 10.56 ? 72  LEU A CD2 1 
ATOM   412  N N   . ALA A 1 51  ? -8.537  9.367   4.833   1.00 5.78  ? 73  ALA A N   1 
ATOM   413  C CA  . ALA A 1 51  ? -7.091  9.499   4.710   1.00 5.66  ? 73  ALA A CA  1 
ATOM   414  C C   . ALA A 1 51  ? -6.717  10.705  3.857   1.00 6.25  ? 73  ALA A C   1 
ATOM   415  O O   . ALA A 1 51  ? -5.842  11.491  4.225   1.00 5.81  ? 73  ALA A O   1 
ATOM   416  C CB  . ALA A 1 51  ? -6.478  8.245   4.137   1.00 6.42  ? 73  ALA A CB  1 
ATOM   417  N N   A LEU A 1 52  ? -7.365  10.834  2.702   0.50 6.19  ? 74  LEU A N   1 
ATOM   418  N N   B LEU A 1 52  ? -7.365  10.850  2.713   0.50 6.26  ? 74  LEU A N   1 
ATOM   419  C CA  A LEU A 1 52  ? -7.209  11.998  1.832   0.50 7.19  ? 74  LEU A CA  1 
ATOM   420  C CA  B LEU A 1 52  ? -7.109  11.997  1.868   0.50 7.43  ? 74  LEU A CA  1 
ATOM   421  C C   A LEU A 1 52  ? -7.354  13.307  2.609   0.50 7.39  ? 74  LEU A C   1 
ATOM   422  C C   B LEU A 1 52  ? -7.346  13.321  2.611   0.50 7.46  ? 74  LEU A C   1 
ATOM   423  O O   A LEU A 1 52  ? -6.520  14.217  2.514   0.50 7.83  ? 74  LEU A O   1 
ATOM   424  O O   B LEU A 1 52  ? -6.550  14.258  2.501   0.50 7.93  ? 74  LEU A O   1 
ATOM   425  C CB  A LEU A 1 52  ? -8.235  11.915  0.701   0.50 7.51  ? 74  LEU A CB  1 
ATOM   426  C CB  B LEU A 1 52  ? -7.934  11.872  0.599   0.50 7.44  ? 74  LEU A CB  1 
ATOM   427  C CG  A LEU A 1 52  ? -8.314  13.106  -0.255  0.50 7.20  ? 74  LEU A CG  1 
ATOM   428  C CG  B LEU A 1 52  ? -7.576  12.848  -0.510  0.50 8.90  ? 74  LEU A CG  1 
ATOM   429  C CD1 A LEU A 1 52  ? -7.062  13.163  -1.088  0.50 10.02 ? 74  LEU A CD1 1 
ATOM   430  C CD1 B LEU A 1 52  ? -8.118  12.320  -1.813  0.50 9.34  ? 74  LEU A CD1 1 
ATOM   431  C CD2 A LEU A 1 52  ? -9.536  13.004  -1.152  0.50 9.90  ? 74  LEU A CD2 1 
ATOM   432  C CD2 B LEU A 1 52  ? -8.140  14.190  -0.185  0.50 10.59 ? 74  LEU A CD2 1 
ATOM   433  N N   . SER A 1 53  ? -8.398  13.369  3.426   1.00 7.25  ? 75  SER A N   1 
ATOM   434  C CA  . SER A 1 53  ? -8.701  14.580  4.201   1.00 8.91  ? 75  SER A CA  1 
ATOM   435  C C   . SER A 1 53  ? -7.632  14.926  5.230   1.00 9.44  ? 75  SER A C   1 
ATOM   436  O O   . SER A 1 53  ? -7.544  16.090  5.662   1.00 10.71 ? 75  SER A O   1 
ATOM   437  C CB  . SER A 1 53  ? -10.077 14.471  4.855   1.00 9.72  ? 75  SER A CB  1 
ATOM   438  O OG  . SER A 1 53  ? -10.031 13.723  6.045   1.00 10.82 ? 75  SER A OG  1 
ATOM   439  N N   . LYS A 1 54  ? -6.826  13.941  5.624   1.00 8.41  ? 76  LYS A N   1 
ATOM   440  C CA  . LYS A 1 54  ? -5.730  14.127  6.576   1.00 9.23  ? 76  LYS A CA  1 
ATOM   441  C C   . LYS A 1 54  ? -4.411  14.438  5.888   1.00 8.77  ? 76  LYS A C   1 
ATOM   442  O O   . LYS A 1 54  ? -3.399  14.637  6.559   1.00 10.41 ? 76  LYS A O   1 
ATOM   443  C CB  . LYS A 1 54  ? -5.519  12.877  7.449   1.00 9.88  ? 76  LYS A CB  1 
ATOM   444  C CG  . LYS A 1 54  ? -6.718  12.417  8.270   1.00 11.73 ? 76  LYS A CG  1 
ATOM   445  C CD  . LYS A 1 54  ? -7.284  13.484  9.176   1.00 14.33 ? 76  LYS A CD  1 
ATOM   446  C CE  . LYS A 1 54  ? -8.395  12.887  10.034  1.00 16.52 ? 76  LYS A CE  1 
ATOM   447  N NZ  . LYS A 1 54  ? -9.044  13.936  10.866  1.00 18.73 ? 76  LYS A NZ  1 
ATOM   448  N N   . GLY A 1 55  ? -4.393  14.466  4.560   1.00 8.63  ? 77  GLY A N   1 
ATOM   449  C CA  . GLY A 1 55  ? -3.164  14.834  3.859   1.00 8.61  ? 77  GLY A CA  1 
ATOM   450  C C   . GLY A 1 55  ? -2.563  13.777  2.939   1.00 8.09  ? 77  GLY A C   1 
ATOM   451  O O   . GLY A 1 55  ? -1.487  13.989  2.393   1.00 9.04  ? 77  GLY A O   1 
ATOM   452  N N   . PHE A 1 56  ? -3.257  12.656  2.724   1.00 6.71  ? 78  PHE A N   1 
ATOM   453  C CA  . PHE A 1 56  ? -2.726  11.576  1.882   1.00 5.83  ? 78  PHE A CA  1 
ATOM   454  C C   . PHE A 1 56  ? -2.897  11.850  0.402   1.00 6.26  ? 78  PHE A C   1 
ATOM   455  O O   . PHE A 1 56  ? -4.017  12.020  -0.069  1.00 6.84  ? 78  PHE A O   1 
ATOM   456  C CB  . PHE A 1 56  ? -3.451  10.277  2.220   1.00 6.47  ? 78  PHE A CB  1 
ATOM   457  C CG  . PHE A 1 56  ? -2.831  9.023   1.650   1.00 5.55  ? 78  PHE A CG  1 
ATOM   458  C CD1 . PHE A 1 56  ? -1.449  8.837   1.549   1.00 7.92  ? 78  PHE A CD1 1 
ATOM   459  C CD2 . PHE A 1 56  ? -3.655  7.983   1.270   1.00 6.68  ? 78  PHE A CD2 1 
ATOM   460  C CE1 . PHE A 1 56  ? -0.925  7.623   1.069   1.00 7.50  ? 78  PHE A CE1 1 
ATOM   461  C CE2 . PHE A 1 56  ? -3.123  6.792   0.783   1.00 6.26  ? 78  PHE A CE2 1 
ATOM   462  C CZ  . PHE A 1 56  ? -1.756  6.613   0.704   1.00 6.13  ? 78  PHE A CZ  1 
ATOM   463  N N   . GLU A 1 57  ? -1.790  11.826  -0.334  1.00 6.16  ? 79  GLU A N   1 
ATOM   464  C CA  . GLU A 1 57  ? -1.848  11.765  -1.782  1.00 6.41  ? 79  GLU A CA  1 
ATOM   465  C C   . GLU A 1 57  ? -0.667  10.972  -2.317  1.00 5.54  ? 79  GLU A C   1 
ATOM   466  O O   . GLU A 1 57  ? 0.389   10.917  -1.687  1.00 6.07  ? 79  GLU A O   1 
ATOM   467  C CB  . GLU A 1 57  ? -1.960  13.150  -2.425  1.00 7.64  ? 79  GLU A CB  1 
ATOM   468  C CG  . GLU A 1 57  ? -0.715  14.030  -2.331  1.00 10.13 ? 79  GLU A CG  1 
ATOM   469  C CD  . GLU A 1 57  ? -0.824  15.329  -3.166  1.00 10.87 ? 79  GLU A CD  1 
ATOM   470  O OE1 . GLU A 1 57  ? -1.799  15.542  -3.931  1.00 10.32 ? 79  GLU A OE1 1 
ATOM   471  O OE2 . GLU A 1 57  ? 0.095   16.156  -3.067  1.00 10.08 ? 79  GLU A OE2 1 
ATOM   472  N N   . THR A 1 58  ? -0.879  10.320  -3.458  1.00 5.61  ? 80  THR A N   1 
ATOM   473  C CA  . THR A 1 58  ? 0.203   9.624   -4.151  1.00 6.10  ? 80  THR A CA  1 
ATOM   474  C C   . THR A 1 58  ? 0.078   9.962   -5.636  1.00 6.20  ? 80  THR A C   1 
ATOM   475  O O   . THR A 1 58  ? -0.869  10.619  -6.074  1.00 6.61  ? 80  THR A O   1 
ATOM   476  C CB  . THR A 1 58  ? 0.147   8.095   -4.020  1.00 6.53  ? 80  THR A CB  1 
ATOM   477  O OG1 . THR A 1 58  ? -0.887  7.616   -4.877  1.00 7.21  ? 80  THR A OG1 1 
ATOM   478  C CG2 . THR A 1 58  ? -0.075  7.642   -2.588  1.00 7.87  ? 80  THR A CG2 1 
ATOM   479  N N   . CYS A 1 59  ? 1.009   9.448   -6.428  1.00 6.32  ? 81  CYS A N   1 
ATOM   480  C CA  . CYS A 1 59  ? 0.901   9.558   -7.873  1.00 7.35  ? 81  CYS A CA  1 
ATOM   481  C C   . CYS A 1 59  ? 0.965   8.177   -8.492  1.00 7.06  ? 81  CYS A C   1 
ATOM   482  O O   . CYS A 1 59  ? 1.576   7.988   -9.548  1.00 9.07  ? 81  CYS A O   1 
ATOM   483  C CB  . CYS A 1 59  ? 2.005   10.459  -8.426  1.00 8.90  ? 81  CYS A CB  1 
ATOM   484  S SG  . CYS A 1 59  ? 1.843   10.926  -10.185 1.00 13.31 ? 81  CYS A SG  1 
ATOM   485  N N   . ARG A 1 60  ? 0.341   7.200   -7.831  1.00 6.83  ? 82  ARG A N   1 
ATOM   486  C CA  . ARG A 1 60  ? 0.407   5.801   -8.274  1.00 7.54  ? 82  ARG A CA  1 
ATOM   487  C C   . ARG A 1 60  ? -0.926  5.119   -8.118  1.00 6.46  ? 82  ARG A C   1 
ATOM   488  O O   . ARG A 1 60  ? -1.578  5.261   -7.078  1.00 7.27  ? 82  ARG A O   1 
ATOM   489  C CB  . ARG A 1 60  ? 1.388   5.026   -7.393  1.00 8.79  ? 82  ARG A CB  1 
ATOM   490  C CG  . ARG A 1 60  ? 2.804   5.501   -7.388  1.00 10.84 ? 82  ARG A CG  1 
ATOM   491  C CD  . ARG A 1 60  ? 3.527   4.981   -8.625  1.00 11.25 ? 82  ARG A CD  1 
ATOM   492  N NE  . ARG A 1 60  ? 3.716   3.515   -8.585  1.00 12.28 ? 82  ARG A NE  1 
ATOM   493  C CZ  . ARG A 1 60  ? 4.320   2.811   -9.544  1.00 11.83 ? 82  ARG A CZ  1 
ATOM   494  N NH1 . ARG A 1 60  ? 4.816   3.426   -10.613 1.00 12.71 ? 82  ARG A NH1 1 
ATOM   495  N NH2 . ARG A 1 60  ? 4.447   1.491   -9.434  1.00 11.06 ? 82  ARG A NH2 1 
ATOM   496  N N   . TYR A 1 61  ? -1.327  4.351   -9.128  1.00 6.01  ? 83  TYR A N   1 
ATOM   497  C CA  . TYR A 1 61  ? -2.530  3.542   -9.025  1.00 5.88  ? 83  TYR A CA  1 
ATOM   498  C C   . TYR A 1 61  ? -2.345  2.415   -8.023  1.00 5.57  ? 83  TYR A C   1 
ATOM   499  O O   . TYR A 1 61  ? -1.311  1.721   -8.044  1.00 6.54  ? 83  TYR A O   1 
ATOM   500  C CB  . TYR A 1 61  ? -2.804  2.876   -10.359 1.00 6.85  ? 83  TYR A CB  1 
ATOM   501  C CG  . TYR A 1 61  ? -3.245  3.795   -11.432 1.00 8.69  ? 83  TYR A CG  1 
ATOM   502  C CD1 . TYR A 1 61  ? -4.464  4.468   -11.333 1.00 10.46 ? 83  TYR A CD1 1 
ATOM   503  C CD2 . TYR A 1 61  ? -2.451  3.997   -12.560 1.00 11.29 ? 83  TYR A CD2 1 
ATOM   504  C CE1 . TYR A 1 61  ? -4.891  5.338   -12.338 1.00 13.68 ? 83  TYR A CE1 1 
ATOM   505  C CE2 . TYR A 1 61  ? -2.872  4.855   -13.582 1.00 16.67 ? 83  TYR A CE2 1 
ATOM   506  C CZ  . TYR A 1 61  ? -4.087  5.522   -13.452 1.00 15.32 ? 83  TYR A CZ  1 
ATOM   507  O OH  . TYR A 1 61  ? -4.503  6.383   -14.449 1.00 20.92 ? 83  TYR A OH  1 
ATOM   508  N N   . GLY A 1 62  ? -3.348  2.182   -7.185  1.00 5.21  ? 84  GLY A N   1 
ATOM   509  C CA  . GLY A 1 62  ? -3.311  1.031   -6.304  1.00 4.91  ? 84  GLY A CA  1 
ATOM   510  C C   . GLY A 1 62  ? -4.683  0.550   -5.910  1.00 5.01  ? 84  GLY A C   1 
ATOM   511  O O   . GLY A 1 62  ? -5.663  1.308   -5.929  1.00 5.21  ? 84  GLY A O   1 
ATOM   512  N N   . PHE A 1 63  ? -4.753  -0.726  -5.560  1.00 4.86  ? 85  PHE A N   1 
ATOM   513  C CA  . PHE A 1 63  ? -6.002  -1.343  -5.150  1.00 5.51  ? 85  PHE A CA  1 
ATOM   514  C C   . PHE A 1 63  ? -6.498  -0.779  -3.822  1.00 5.51  ? 85  PHE A C   1 
ATOM   515  O O   . PHE A 1 63  ? -5.733  -0.582  -2.861  1.00 5.65  ? 85  PHE A O   1 
ATOM   516  C CB  . PHE A 1 63  ? -5.786  -2.847  -4.956  1.00 6.43  ? 85  PHE A CB  1 
ATOM   517  C CG  . PHE A 1 63  ? -5.548  -3.584  -6.238  1.00 7.09  ? 85  PHE A CG  1 
ATOM   518  C CD1 . PHE A 1 63  ? -6.573  -3.754  -7.141  1.00 8.71  ? 85  PHE A CD1 1 
ATOM   519  C CD2 . PHE A 1 63  ? -4.313  -4.122  -6.559  1.00 9.56  ? 85  PHE A CD2 1 
ATOM   520  C CE1 . PHE A 1 63  ? -6.376  -4.448  -8.345  1.00 11.97 ? 85  PHE A CE1 1 
ATOM   521  C CE2 . PHE A 1 63  ? -4.146  -4.821  -7.792  1.00 10.18 ? 85  PHE A CE2 1 
ATOM   522  C CZ  . PHE A 1 63  ? -5.166  -4.953  -8.644  1.00 12.95 ? 85  PHE A CZ  1 
ATOM   523  N N   . ILE A 1 64  ? -7.803  -0.556  -3.766  1.00 5.72  ? 86  ILE A N   1 
ATOM   524  C CA  . ILE A 1 64  ? -8.557  -0.521  -2.525  1.00 6.17  ? 86  ILE A CA  1 
ATOM   525  C C   . ILE A 1 64  ? -9.590  -1.648  -2.662  1.00 6.58  ? 86  ILE A C   1 
ATOM   526  O O   . ILE A 1 64  ? -9.543  -2.416  -3.628  1.00 8.26  ? 86  ILE A O   1 
ATOM   527  C CB  . ILE A 1 64  ? -9.194  0.858   -2.222  1.00 6.17  ? 86  ILE A CB  1 
ATOM   528  C CG1 . ILE A 1 64  ? -10.222 1.252   -3.293  1.00 7.11  ? 86  ILE A CG1 1 
ATOM   529  C CG2 . ILE A 1 64  ? -8.113  1.916   -2.033  1.00 6.99  ? 86  ILE A CG2 1 
ATOM   530  C CD1 . ILE A 1 64  ? -11.099 2.465   -2.932  1.00 9.00  ? 86  ILE A CD1 1 
ATOM   531  N N   A GLU A 1 65  ? -10.518 -1.825  -1.734  0.50 6.98  ? 87  GLU A N   1 
ATOM   532  N N   B GLU A 1 65  ? -10.481 -1.729  -1.671  0.50 6.59  ? 87  GLU A N   1 
ATOM   533  C CA  A GLU A 1 65  ? -11.375 -3.043  -1.759  0.50 8.59  ? 87  GLU A CA  1 
ATOM   534  C CA  B GLU A 1 65  ? -11.661 -2.570  -1.746  0.50 7.79  ? 87  GLU A CA  1 
ATOM   535  C C   A GLU A 1 65  ? -11.984 -3.569  -3.114  0.50 8.68  ? 87  GLU A C   1 
ATOM   536  C C   B GLU A 1 65  ? -12.614 -2.042  -2.815  0.50 8.31  ? 87  GLU A C   1 
ATOM   537  O O   A GLU A 1 65  ? -11.947 -4.766  -3.386  0.50 9.15  ? 87  GLU A O   1 
ATOM   538  O O   B GLU A 1 65  ? -13.308 -1.053  -2.669  0.50 9.51  ? 87  GLU A O   1 
ATOM   539  C CB  A GLU A 1 65  ? -12.456 -2.943  -0.677  0.50 9.51  ? 87  GLU A CB  1 
ATOM   540  C CB  B GLU A 1 65  ? -12.320 -2.758  -0.377  0.50 8.47  ? 87  GLU A CB  1 
ATOM   541  C CG  A GLU A 1 65  ? -13.479 -4.073  -0.716  0.50 12.99 ? 87  GLU A CG  1 
ATOM   542  C CG  B GLU A 1 65  ? -13.253 -3.968  -0.300  0.50 11.96 ? 87  GLU A CG  1 
ATOM   543  C CD  A GLU A 1 65  ? -12.854 -5.451  -0.571  0.50 16.66 ? 87  GLU A CD  1 
ATOM   544  C CD  B GLU A 1 65  ? -12.542 -5.291  -0.542  0.50 15.99 ? 87  GLU A CD  1 
ATOM   545  O OE1 A GLU A 1 65  ? -11.758 -5.556  0.019   0.50 18.77 ? 87  GLU A OE1 1 
ATOM   546  O OE1 B GLU A 1 65  ? -12.794 -5.925  -1.589  0.50 18.52 ? 87  GLU A OE1 1 
ATOM   547  O OE2 A GLU A 1 65  ? -13.459 -6.439  -1.043  0.50 19.78 ? 87  GLU A OE2 1 
ATOM   548  O OE2 B GLU A 1 65  ? -11.725 -5.706  0.309   0.50 18.23 ? 87  GLU A OE2 1 
ATOM   549  N N   . GLY A 1 66  ? -12.442 -2.641  -3.957  1.00 8.79  ? 88  GLY A N   1 
ATOM   550  C CA  . GLY A 1 66  ? -13.398 -2.751  -5.058  1.00 8.34  ? 88  GLY A CA  1 
ATOM   551  C C   . GLY A 1 66  ? -12.980 -1.918  -6.267  1.00 7.84  ? 88  GLY A C   1 
ATOM   552  O O   . GLY A 1 66  ? -13.578 -2.010  -7.323  1.00 8.21  ? 88  GLY A O   1 
ATOM   553  N N   . ASN A 1 67  ? -11.939 -1.104  -6.128  1.00 6.83  ? 89  ASN A N   1 
ATOM   554  C CA  . ASN A 1 67  ? -11.496 -0.234  -7.211  1.00 6.36  ? 89  ASN A CA  1 
ATOM   555  C C   . ASN A 1 67  ? -9.997  -0.079  -7.177  1.00 5.86  ? 89  ASN A C   1 
ATOM   556  O O   . ASN A 1 67  ? -9.342  -0.515  -6.223  1.00 6.65  ? 89  ASN A O   1 
ATOM   557  C CB  . ASN A 1 67  ? -12.166 1.146   -7.111  1.00 7.04  ? 89  ASN A CB  1 
ATOM   558  C CG  . ASN A 1 67  ? -13.638 1.107   -7.495  1.00 7.85  ? 89  ASN A CG  1 
ATOM   559  O OD1 . ASN A 1 67  ? -14.519 1.078   -6.636  1.00 8.18  ? 89  ASN A OD1 1 
ATOM   560  N ND2 . ASN A 1 67  ? -13.903 1.063   -8.791  1.00 7.94  ? 89  ASN A ND2 1 
ATOM   561  N N   . VAL A 1 68  ? -9.475  0.567   -8.206  1.00 5.84  ? 90  VAL A N   1 
ATOM   562  C CA  . VAL A 1 68  ? -8.076  0.971   -8.303  1.00 5.67  ? 90  VAL A CA  1 
ATOM   563  C C   . VAL A 1 68  ? -8.115  2.501   -8.340  1.00 5.24  ? 90  VAL A C   1 
ATOM   564  O O   . VAL A 1 68  ? -8.857  3.097   -9.149  1.00 6.39  ? 90  VAL A O   1 
ATOM   565  C CB  . VAL A 1 68  ? -7.428  0.413   -9.589  1.00 5.79  ? 90  VAL A CB  1 
ATOM   566  C CG1 . VAL A 1 68  ? -6.025  0.951   -9.785  1.00 7.46  ? 90  VAL A CG1 1 
ATOM   567  C CG2 . VAL A 1 68  ? -7.457  -1.120  -9.569  1.00 8.24  ? 90  VAL A CG2 1 
ATOM   568  N N   . VAL A 1 69  ? -7.333  3.144   -7.464  1.00 5.30  ? 91  VAL A N   1 
ATOM   569  C CA  . VAL A 1 69  ? -7.465  4.583   -7.251  1.00 5.50  ? 91  VAL A CA  1 
ATOM   570  C C   . VAL A 1 69  ? -6.118  5.270   -7.092  1.00 5.44  ? 91  VAL A C   1 
ATOM   571  O O   . VAL A 1 69  ? -5.070  4.630   -6.872  1.00 5.53  ? 91  VAL A O   1 
ATOM   572  C CB  . VAL A 1 69  ? -8.334  4.888   -5.998  1.00 5.64  ? 91  VAL A CB  1 
ATOM   573  C CG1 . VAL A 1 69  ? -9.685  4.185   -6.079  1.00 6.46  ? 91  VAL A CG1 1 
ATOM   574  C CG2 . VAL A 1 69  ? -7.602  4.516   -4.718  1.00 6.52  ? 91  VAL A CG2 1 
ATOM   575  N N   . ILE A 1 70  ? -6.176  6.602   -7.168  1.00 5.62  ? 92  ILE A N   1 
ATOM   576  C CA  . ILE A 1 70  ? -5.077  7.479   -6.775  1.00 6.09  ? 92  ILE A CA  1 
ATOM   577  C C   . ILE A 1 70  ? -5.669  8.620   -5.931  1.00 5.84  ? 92  ILE A C   1 
ATOM   578  O O   . ILE A 1 70  ? -6.470  9.401   -6.454  1.00 6.27  ? 92  ILE A O   1 
ATOM   579  C CB  . ILE A 1 70  ? -4.334  8.134   -7.963  1.00 6.65  ? 92  ILE A CB  1 
ATOM   580  C CG1 . ILE A 1 70  ? -3.852  7.068   -8.959  1.00 7.98  ? 92  ILE A CG1 1 
ATOM   581  C CG2 . ILE A 1 70  ? -3.150  8.947   -7.439  1.00 7.55  ? 92  ILE A CG2 1 
ATOM   582  C CD1 . ILE A 1 70  ? -3.062  7.616   -10.148 1.00 10.20 ? 92  ILE A CD1 1 
ATOM   583  N N   . PRO A 1 71  ? -5.282  8.751   -4.651  1.00 5.86  ? 93  PRO A N   1 
ATOM   584  C CA  . PRO A 1 71  ? -5.734  9.907   -3.883  1.00 5.94  ? 93  PRO A CA  1 
ATOM   585  C C   . PRO A 1 71  ? -4.917  11.130  -4.289  1.00 5.38  ? 93  PRO A C   1 
ATOM   586  O O   . PRO A 1 71  ? -3.687  11.087  -4.317  1.00 5.98  ? 93  PRO A O   1 
ATOM   587  C CB  . PRO A 1 71  ? -5.450  9.495   -2.434  1.00 6.20  ? 93  PRO A CB  1 
ATOM   588  C CG  . PRO A 1 71  ? -4.275  8.554   -2.531  1.00 6.66  ? 93  PRO A CG  1 
ATOM   589  C CD  . PRO A 1 71  ? -4.379  7.872   -3.871  1.00 6.71  ? 93  PRO A CD  1 
ATOM   590  N N   . ARG A 1 72  ? -5.620  12.223  -4.590  1.00 6.23  ? 94  ARG A N   1 
ATOM   591  C CA  . ARG A 1 72  ? -4.973  13.459  -5.025  1.00 6.89  ? 94  ARG A CA  1 
ATOM   592  C C   . ARG A 1 72  ? -5.468  14.658  -4.237  1.00 7.26  ? 94  ARG A C   1 
ATOM   593  O O   . ARG A 1 72  ? -6.661  14.889  -4.128  1.00 7.53  ? 94  ARG A O   1 
ATOM   594  C CB  . ARG A 1 72  ? -5.260  13.732  -6.502  1.00 8.25  ? 94  ARG A CB  1 
ATOM   595  C CG  . ARG A 1 72  ? -4.615  12.765  -7.489  1.00 8.57  ? 94  ARG A CG  1 
ATOM   596  C CD  . ARG A 1 72  ? -3.106  12.677  -7.344  1.00 8.23  ? 94  ARG A CD  1 
ATOM   597  N NE  . ARG A 1 72  ? -2.482  13.987  -7.530  1.00 9.22  ? 94  ARG A NE  1 
ATOM   598  C CZ  . ARG A 1 72  ? -1.245  14.268  -7.153  1.00 10.68 ? 94  ARG A CZ  1 
ATOM   599  N NH1 . ARG A 1 72  ? -0.486  13.330  -6.591  1.00 12.43 ? 94  ARG A NH1 1 
ATOM   600  N NH2 . ARG A 1 72  ? -0.745  15.486  -7.368  1.00 13.76 ? 94  ARG A NH2 1 
ATOM   601  N N   . ILE A 1 73  ? -4.534  15.419  -3.707  1.00 7.32  ? 95  ILE A N   1 
ATOM   602  C CA  . ILE A 1 73  ? -4.859  16.681  -3.069  1.00 8.96  ? 95  ILE A CA  1 
ATOM   603  C C   . ILE A 1 73  ? -4.605  17.850  -4.014  1.00 9.87  ? 95  ILE A C   1 
ATOM   604  O O   . ILE A 1 73  ? -5.501  18.686  -4.220  1.00 10.53 ? 95  ILE A O   1 
ATOM   605  C CB  . ILE A 1 73  ? -4.101  16.848  -1.744  1.00 8.68  ? 95  ILE A CB  1 
ATOM   606  C CG1 . ILE A 1 73  ? -4.591  15.774  -0.760  1.00 9.54  ? 95  ILE A CG1 1 
ATOM   607  C CG2 . ILE A 1 73  ? -4.278  18.275  -1.186  1.00 10.09 ? 95  ILE A CG2 1 
ATOM   608  C CD1 . ILE A 1 73  ? -3.811  15.650  0.508   1.00 12.31 ? 95  ILE A CD1 1 
ATOM   609  N N   . HIS A 1 74  ? -3.399  17.907  -4.578  1.00 10.77 ? 96  HIS A N   1 
ATOM   610  C CA  . HIS A 1 74  ? -3.012  18.993  -5.483  1.00 12.80 ? 96  HIS A CA  1 
ATOM   611  C C   . HIS A 1 74  ? -3.161  18.541  -6.928  1.00 13.81 ? 96  HIS A C   1 
ATOM   612  O O   . HIS A 1 74  ? -2.776  17.416  -7.269  1.00 14.86 ? 96  HIS A O   1 
ATOM   613  C CB  . HIS A 1 74  ? -1.573  19.414  -5.198  1.00 13.98 ? 96  HIS A CB  1 
ATOM   614  C CG  . HIS A 1 74  ? -1.340  19.771  -3.765  1.00 15.79 ? 96  HIS A CG  1 
ATOM   615  N ND1 . HIS A 1 74  ? -0.825  18.877  -2.848  1.00 18.39 ? 96  HIS A ND1 1 
ATOM   616  C CD2 . HIS A 1 74  ? -1.607  20.904  -3.072  1.00 18.29 ? 96  HIS A CD2 1 
ATOM   617  C CE1 . HIS A 1 74  ? -0.769  19.450  -1.659  1.00 20.09 ? 96  HIS A CE1 1 
ATOM   618  N NE2 . HIS A 1 74  ? -1.236  20.681  -1.768  1.00 18.47 ? 96  HIS A NE2 1 
ATOM   619  N N   . PRO A 1 75  ? -3.749  19.389  -7.791  1.00 14.01 ? 97  PRO A N   1 
ATOM   620  C CA  . PRO A 1 75  ? -3.859  18.993  -9.197  1.00 15.19 ? 97  PRO A CA  1 
ATOM   621  C C   . PRO A 1 75  ? -2.483  18.963  -9.855  1.00 16.13 ? 97  PRO A C   1 
ATOM   622  O O   . PRO A 1 75  ? -1.713  19.914  -9.740  1.00 17.25 ? 97  PRO A O   1 
ATOM   623  C CB  . PRO A 1 75  ? -4.754  20.076  -9.823  1.00 15.42 ? 97  PRO A CB  1 
ATOM   624  C CG  . PRO A 1 75  ? -4.889  21.138  -8.829  1.00 15.24 ? 97  PRO A CG  1 
ATOM   625  C CD  . PRO A 1 75  ? -4.390  20.685  -7.503  1.00 13.84 ? 97  PRO A CD  1 
ATOM   626  N N   . ASN A 1 76  ? -2.159  17.847  -10.494 1.00 16.50 ? 98  ASN A N   1 
ATOM   627  C CA  . ASN A 1 76  ? -0.900  17.713  -11.213 1.00 17.61 ? 98  ASN A CA  1 
ATOM   628  C C   . ASN A 1 76  ? -1.204  17.020  -12.526 1.00 17.93 ? 98  ASN A C   1 
ATOM   629  O O   . ASN A 1 76  ? -1.850  15.966  -12.544 1.00 17.72 ? 98  ASN A O   1 
ATOM   630  C CB  . ASN A 1 76  ? 0.110   16.924  -10.369 1.00 17.85 ? 98  ASN A CB  1 
ATOM   631  C CG  . ASN A 1 76  ? 1.486   16.816  -11.018 1.00 20.27 ? 98  ASN A CG  1 
ATOM   632  O OD1 . ASN A 1 76  ? 1.609   16.627  -12.222 1.00 22.90 ? 98  ASN A OD1 1 
ATOM   633  N ND2 . ASN A 1 76  ? 2.524   16.902  -10.202 1.00 22.76 ? 98  ASN A ND2 1 
ATOM   634  N N   . ALA A 1 77  ? -0.751  17.631  -13.621 1.00 18.92 ? 99  ALA A N   1 
ATOM   635  C CA  . ALA A 1 77  ? -1.022  17.134  -14.968 1.00 19.75 ? 99  ALA A CA  1 
ATOM   636  C C   . ALA A 1 77  ? -0.626  15.673  -15.192 1.00 19.93 ? 99  ALA A C   1 
ATOM   637  O O   . ALA A 1 77  ? -1.315  14.958  -15.922 1.00 21.30 ? 99  ALA A O   1 
ATOM   638  C CB  . ALA A 1 77  ? -0.355  18.032  -16.008 1.00 20.10 ? 99  ALA A CB  1 
ATOM   639  N N   . ILE A 1 78  ? 0.468   15.242  -14.570 1.00 20.20 ? 100 ILE A N   1 
ATOM   640  C CA  . ILE A 1 78  ? 0.980   13.875  -14.765 1.00 20.15 ? 100 ILE A CA  1 
ATOM   641  C C   . ILE A 1 78  ? 0.486   12.864  -13.715 1.00 19.20 ? 100 ILE A C   1 
ATOM   642  O O   . ILE A 1 78  ? 0.876   11.695  -13.751 1.00 19.79 ? 100 ILE A O   1 
ATOM   643  C CB  . ILE A 1 78  ? 2.541   13.839  -14.900 1.00 20.58 ? 100 ILE A CB  1 
ATOM   644  C CG1 . ILE A 1 78  ? 3.232   14.191  -13.575 1.00 21.83 ? 100 ILE A CG1 1 
ATOM   645  C CG2 . ILE A 1 78  ? 3.001   14.742  -16.058 1.00 22.11 ? 100 ILE A CG2 1 
ATOM   646  C CD1 . ILE A 1 78  ? 4.750   14.027  -13.596 1.00 24.17 ? 100 ILE A CD1 1 
ATOM   647  N N   . CYS A 1 79  ? -0.369  13.309  -12.792 1.00 17.34 ? 101 CYS A N   1 
ATOM   648  C CA  . CYS A 1 79  ? -0.940  12.423  -11.768 1.00 16.42 ? 101 CYS A CA  1 
ATOM   649  C C   . CYS A 1 79  ? -2.457  12.432  -11.837 1.00 16.31 ? 101 CYS A C   1 
ATOM   650  O O   . CYS A 1 79  ? -3.087  13.430  -11.473 1.00 16.43 ? 101 CYS A O   1 
ATOM   651  C CB  . CYS A 1 79  ? -0.487  12.843  -10.368 1.00 15.93 ? 101 CYS A CB  1 
ATOM   652  S SG  . CYS A 1 79  ? 1.295   12.893  -10.155 1.00 15.97 ? 101 CYS A SG  1 
ATOM   653  N N   . ALA A 1 80  ? -3.044  11.335  -12.309 1.00 16.44 ? 102 ALA A N   1 
ATOM   654  C CA  . ALA A 1 80  ? -4.500  11.168  -12.340 1.00 17.14 ? 102 ALA A CA  1 
ATOM   655  C C   . ALA A 1 80  ? -5.188  12.211  -13.223 1.00 18.08 ? 102 ALA A C   1 
ATOM   656  O O   . ALA A 1 80  ? -6.262  12.719  -12.897 1.00 18.44 ? 102 ALA A O   1 
ATOM   657  C CB  . ALA A 1 80  ? -5.077  11.186  -10.914 1.00 16.99 ? 102 ALA A CB  1 
ATOM   658  N N   . ALA A 1 81  ? -4.544  12.530  -14.345 1.00 19.02 ? 103 ALA A N   1 
ATOM   659  C CA  . ALA A 1 81  ? -5.079  13.467  -15.340 1.00 19.55 ? 103 ALA A CA  1 
ATOM   660  C C   . ALA A 1 81  ? -5.528  14.796  -14.714 1.00 19.49 ? 103 ALA A C   1 
ATOM   661  O O   . ALA A 1 81  ? -6.580  15.332  -15.068 1.00 20.22 ? 103 ALA A O   1 
ATOM   662  C CB  . ALA A 1 81  ? -6.230  12.818  -16.132 1.00 20.10 ? 103 ALA A CB  1 
ATOM   663  N N   . ASN A 1 82  ? -4.735  15.306  -13.773 1.00 19.10 ? 104 ASN A N   1 
ATOM   664  C CA  . ASN A 1 82  ? -4.995  16.599  -13.123 1.00 17.97 ? 104 ASN A CA  1 
ATOM   665  C C   . ASN A 1 82  ? -6.200  16.652  -12.157 1.00 17.50 ? 104 ASN A C   1 
ATOM   666  O O   . ASN A 1 82  ? -6.624  17.731  -11.734 1.00 17.92 ? 104 ASN A O   1 
ATOM   667  C CB  . ASN A 1 82  ? -5.094  17.723  -14.173 1.00 18.64 ? 104 ASN A CB  1 
ATOM   668  C CG  . ASN A 1 82  ? -4.598  19.048  -13.654 1.00 18.56 ? 104 ASN A CG  1 
ATOM   669  O OD1 . ASN A 1 82  ? -3.500  19.146  -13.109 1.00 19.69 ? 104 ASN A OD1 1 
ATOM   670  N ND2 . ASN A 1 82  ? -5.404  20.094  -13.842 1.00 21.93 ? 104 ASN A ND2 1 
ATOM   671  N N   . HIS A 1 83  ? -6.731  15.492  -11.783 1.00 16.28 ? 105 HIS A N   1 
ATOM   672  C CA  . HIS A 1 83  ? -7.888  15.450  -10.896 1.00 15.26 ? 105 HIS A CA  1 
ATOM   673  C C   . HIS A 1 83  ? -7.468  15.664  -9.446  1.00 13.63 ? 105 HIS A C   1 
ATOM   674  O O   . HIS A 1 83  ? -6.302  15.471  -9.095  1.00 12.90 ? 105 HIS A O   1 
ATOM   675  C CB  . HIS A 1 83  ? -8.622  14.114  -11.044 1.00 16.08 ? 105 HIS A CB  1 
ATOM   676  C CG  . HIS A 1 83  ? -9.417  13.993  -12.310 1.00 18.82 ? 105 HIS A CG  1 
ATOM   677  N ND1 . HIS A 1 83  ? -8.857  13.612  -13.510 1.00 22.17 ? 105 HIS A ND1 1 
ATOM   678  C CD2 . HIS A 1 83  ? -10.736 14.184  -12.555 1.00 21.99 ? 105 HIS A CD2 1 
ATOM   679  C CE1 . HIS A 1 83  ? -9.792  13.587  -14.443 1.00 21.89 ? 105 HIS A CE1 1 
ATOM   680  N NE2 . HIS A 1 83  ? -10.940 13.928  -13.890 1.00 22.94 ? 105 HIS A NE2 1 
ATOM   681  N N   . THR A 1 84  ? -8.420  16.100  -8.630  1.00 12.26 ? 106 THR A N   1 
ATOM   682  C CA  . THR A 1 84  ? -8.286  16.053  -7.169  1.00 12.24 ? 106 THR A CA  1 
ATOM   683  C C   . THR A 1 84  ? -9.359  15.140  -6.606  1.00 11.82 ? 106 THR A C   1 
ATOM   684  O O   . THR A 1 84  ? -10.328 14.790  -7.293  1.00 13.10 ? 106 THR A O   1 
ATOM   685  C CB  . THR A 1 84  ? -8.410  17.445  -6.499  1.00 13.19 ? 106 THR A CB  1 
ATOM   686  O OG1 . THR A 1 84  ? -9.741  17.942  -6.674  1.00 15.80 ? 106 THR A OG1 1 
ATOM   687  C CG2 . THR A 1 84  ? -7.397  18.442  -7.057  1.00 14.05 ? 106 THR A CG2 1 
ATOM   688  N N   . GLY A 1 85  ? -9.182  14.741  -5.351  1.00 10.28 ? 107 GLY A N   1 
ATOM   689  C CA  . GLY A 1 85  ? -10.058 13.770  -4.711  1.00 9.35  ? 107 GLY A CA  1 
ATOM   690  C C   . GLY A 1 85  ? -9.525  12.365  -4.902  1.00 7.98  ? 107 GLY A C   1 
ATOM   691  O O   . GLY A 1 85  ? -8.379  12.169  -5.329  1.00 8.54  ? 107 GLY A O   1 
ATOM   692  N N   . VAL A 1 86  ? -10.340 11.374  -4.563  1.00 8.47  ? 108 VAL A N   1 
ATOM   693  C CA  . VAL A 1 86  ? -9.963  9.992   -4.817  1.00 8.56  ? 108 VAL A CA  1 
ATOM   694  C C   . VAL A 1 86  ? -10.280 9.689   -6.276  1.00 8.31  ? 108 VAL A C   1 
ATOM   695  O O   . VAL A 1 86  ? -11.446 9.495   -6.643  1.00 10.90 ? 108 VAL A O   1 
ATOM   696  C CB  . VAL A 1 86  ? -10.678 9.001   -3.862  1.00 8.30  ? 108 VAL A CB  1 
ATOM   697  C CG1 . VAL A 1 86  ? -10.280 7.573   -4.179  1.00 9.02  ? 108 VAL A CG1 1 
ATOM   698  C CG2 . VAL A 1 86  ? -10.387 9.338   -2.399  1.00 9.43  ? 108 VAL A CG2 1 
ATOM   699  N N   . TYR A 1 87  ? -9.257  9.670   -7.115  1.00 7.86  ? 109 TYR A N   1 
ATOM   700  C CA  . TYR A 1 87  ? -9.454  9.415   -8.532  1.00 7.87  ? 109 TYR A CA  1 
ATOM   701  C C   . TYR A 1 87  ? -9.606  7.927   -8.758  1.00 8.06  ? 109 TYR A C   1 
ATOM   702  O O   . TYR A 1 87  ? -8.752  7.141   -8.330  1.00 7.98  ? 109 TYR A O   1 
ATOM   703  C CB  . TYR A 1 87  ? -8.258  9.924   -9.312  1.00 8.79  ? 109 TYR A CB  1 
ATOM   704  C CG  . TYR A 1 87  ? -8.323  9.620   -10.794 1.00 10.03 ? 109 TYR A CG  1 
ATOM   705  C CD1 . TYR A 1 87  ? -9.091  10.410  -11.656 1.00 12.75 ? 109 TYR A CD1 1 
ATOM   706  C CD2 . TYR A 1 87  ? -7.593  8.562   -11.350 1.00 13.61 ? 109 TYR A CD2 1 
ATOM   707  C CE1 . TYR A 1 87  ? -9.143  10.140  -13.033 1.00 16.12 ? 109 TYR A CE1 1 
ATOM   708  C CE2 . TYR A 1 87  ? -7.647  8.282   -12.723 1.00 16.17 ? 109 TYR A CE2 1 
ATOM   709  C CZ  . TYR A 1 87  ? -8.425  9.077   -13.550 1.00 16.88 ? 109 TYR A CZ  1 
ATOM   710  O OH  . TYR A 1 87  ? -8.479  8.813   -14.903 1.00 19.38 ? 109 TYR A OH  1 
ATOM   711  N N   . ILE A 1 88  ? -10.671 7.536   -9.442  1.00 7.98  ? 110 ILE A N   1 
ATOM   712  C CA  . ILE A 1 88  ? -10.937 6.136   -9.713  1.00 8.72  ? 110 ILE A CA  1 
ATOM   713  C C   . ILE A 1 88  ? -10.549 5.782   -11.141 1.00 8.10  ? 110 ILE A C   1 
ATOM   714  O O   . ILE A 1 88  ? -11.033 6.412   -12.102 1.00 8.42  ? 110 ILE A O   1 
ATOM   715  C CB  . ILE A 1 88  ? -12.424 5.807   -9.472  1.00 8.53  ? 110 ILE A CB  1 
ATOM   716  C CG1 . ILE A 1 88  ? -12.831 6.116   -8.032  1.00 9.63  ? 110 ILE A CG1 1 
ATOM   717  C CG2 . ILE A 1 88  ? -12.723 4.343   -9.794  1.00 10.62 ? 110 ILE A CG2 1 
ATOM   718  C CD1 . ILE A 1 88  ? -14.337 6.077   -7.814  1.00 12.65 ? 110 ILE A CD1 1 
ATOM   719  N N   . LEU A 1 89  ? -9.694  4.773   -11.292 1.00 7.47  ? 111 LEU A N   1 
ATOM   720  C CA  . LEU A 1 89  ? -9.363  4.260   -12.615 1.00 8.16  ? 111 LEU A CA  1 
ATOM   721  C C   . LEU A 1 89  ? -10.589 3.601   -13.234 1.00 7.97  ? 111 LEU A C   1 
ATOM   722  O O   . LEU A 1 89  ? -11.190 2.702   -12.636 1.00 9.02  ? 111 LEU A O   1 
ATOM   723  C CB  . LEU A 1 89  ? -8.224  3.254   -12.502 1.00 9.21  ? 111 LEU A CB  1 
ATOM   724  C CG  . LEU A 1 89  ? -7.782  2.578   -13.801 1.00 10.21 ? 111 LEU A CG  1 
ATOM   725  C CD1 . LEU A 1 89  ? -7.263  3.588   -14.786 1.00 10.63 ? 111 LEU A CD1 1 
ATOM   726  C CD2 . LEU A 1 89  ? -6.702  1.568   -13.471 1.00 12.71 ? 111 LEU A CD2 1 
ATOM   727  N N   . VAL A 1 90  ? -10.969 4.062   -14.413 1.00 7.76  ? 112 VAL A N   1 
ATOM   728  C CA  . VAL A 1 90  ? -12.152 3.515   -15.074 1.00 7.98  ? 112 VAL A CA  1 
ATOM   729  C C   . VAL A 1 90  ? -11.780 2.463   -16.126 1.00 7.18  ? 112 VAL A C   1 
ATOM   730  O O   . VAL A 1 90  ? -12.325 1.365   -16.114 1.00 8.19  ? 112 VAL A O   1 
ATOM   731  C CB  . VAL A 1 90  ? -13.016 4.633   -15.670 1.00 8.49  ? 112 VAL A CB  1 
ATOM   732  C CG1 . VAL A 1 90  ? -14.191 4.062   -16.470 1.00 10.09 ? 112 VAL A CG1 1 
ATOM   733  C CG2 . VAL A 1 90  ? -13.527 5.548   -14.563 1.00 10.19 ? 112 VAL A CG2 1 
ATOM   734  N N   . THR A 1 91  ? -10.849 2.781   -17.014 1.00 7.09  ? 113 THR A N   1 
ATOM   735  C CA  . THR A 1 91  ? -10.594 1.936   -18.173 1.00 7.37  ? 113 THR A CA  1 
ATOM   736  C C   . THR A 1 91  ? -9.120  1.575   -18.203 1.00 6.17  ? 113 THR A C   1 
ATOM   737  O O   . THR A 1 91  ? -8.249  2.466   -18.309 1.00 7.21  ? 113 THR A O   1 
ATOM   738  C CB  . THR A 1 91  ? -10.954 2.675   -19.466 1.00 8.40  ? 113 THR A CB  1 
ATOM   739  O OG1 . THR A 1 91  ? -12.323 3.072   -19.418 1.00 10.88 ? 113 THR A OG1 1 
ATOM   740  C CG2 . THR A 1 91  ? -10.725 1.789   -20.687 1.00 9.97  ? 113 THR A CG2 1 
ATOM   741  N N   . SER A 1 92  ? -8.827  0.280   -18.136 1.00 5.51  ? 114 SER A N   1 
ATOM   742  C CA  . SER A 1 92  ? -7.451  -0.197  -18.266 1.00 5.01  ? 114 SER A CA  1 
ATOM   743  C C   . SER A 1 92  ? -7.474  -1.598  -18.846 1.00 5.23  ? 114 SER A C   1 
ATOM   744  O O   . SER A 1 92  ? -8.373  -2.379  -18.530 1.00 6.52  ? 114 SER A O   1 
ATOM   745  C CB  . SER A 1 92  ? -6.769  -0.219  -16.902 1.00 6.08  ? 114 SER A CB  1 
ATOM   746  O OG  . SER A 1 92  ? -5.482  -0.793  -17.012 1.00 6.30  ? 114 SER A OG  1 
ATOM   747  N N   . ASN A 1 93  ? -6.489  -1.948  -19.660 1.00 4.98  ? 115 ASN A N   1 
ATOM   748  C CA  . ASN A 1 93  ? -6.391  -3.326  -20.135 1.00 5.14  ? 115 ASN A CA  1 
ATOM   749  C C   . ASN A 1 93  ? -5.860  -4.281  -19.073 1.00 5.14  ? 115 ASN A C   1 
ATOM   750  O O   . ASN A 1 93  ? -6.022  -5.482  -19.200 1.00 6.02  ? 115 ASN A O   1 
ATOM   751  C CB  . ASN A 1 93  ? -5.399  -3.453  -21.298 1.00 5.40  ? 115 ASN A CB  1 
ATOM   752  C CG  . ASN A 1 93  ? -5.924  -2.973  -22.633 1.00 4.93  ? 115 ASN A CG  1 
ATOM   753  O OD1 . ASN A 1 93  ? -7.131  -2.811  -22.852 1.00 6.34  ? 115 ASN A OD1 1 
ATOM   754  N ND2 . ASN A 1 93  ? -4.993  -2.762  -23.558 1.00 5.47  ? 115 ASN A ND2 1 
ATOM   755  N N   . THR A 1 94  ? -5.117  -3.760  -18.101 1.00 5.34  ? 116 THR A N   1 
ATOM   756  C CA  . THR A 1 94  ? -4.151  -4.564  -17.325 1.00 5.71  ? 116 THR A CA  1 
ATOM   757  C C   . THR A 1 94  ? -4.568  -4.718  -15.859 1.00 5.20  ? 116 THR A C   1 
ATOM   758  O O   . THR A 1 94  ? -5.463  -4.017  -15.375 1.00 5.71  ? 116 THR A O   1 
ATOM   759  C CB  . THR A 1 94  ? -2.761  -3.911  -17.412 1.00 5.46  ? 116 THR A CB  1 
ATOM   760  O OG1 . THR A 1 94  ? -2.870  -2.574  -16.940 1.00 7.19  ? 116 THR A OG1 1 
ATOM   761  C CG2 . THR A 1 94  ? -2.217  -3.917  -18.846 1.00 6.87  ? 116 THR A CG2 1 
ATOM   762  N N   . SER A 1 95  ? -3.932  -5.663  -15.158 1.00 5.52  ? 117 SER A N   1 
ATOM   763  C CA  . SER A 1 95  ? -4.445  -6.186  -13.892 1.00 6.27  ? 117 SER A CA  1 
ATOM   764  C C   . SER A 1 95  ? -3.534  -5.951  -12.687 1.00 6.45  ? 117 SER A C   1 
ATOM   765  O O   . SER A 1 95  ? -3.915  -6.292  -11.565 1.00 7.66  ? 117 SER A O   1 
ATOM   766  C CB  . SER A 1 95  ? -4.678  -7.689  -14.052 1.00 6.86  ? 117 SER A CB  1 
ATOM   767  O OG  . SER A 1 95  ? -3.462  -8.337  -14.353 1.00 7.96  ? 117 SER A OG  1 
ATOM   768  N N   . HIS A 1 96  ? -2.336  -5.407  -12.899 1.00 5.82  ? 118 HIS A N   1 
ATOM   769  C CA  . HIS A 1 96  ? -1.319  -5.325  -11.837 1.00 6.16  ? 118 HIS A CA  1 
ATOM   770  C C   . HIS A 1 96  ? -1.001  -3.887  -11.486 1.00 5.56  ? 118 HIS A C   1 
ATOM   771  O O   . HIS A 1 96  ? -0.652  -3.074  -12.339 1.00 6.50  ? 118 HIS A O   1 
ATOM   772  C CB  . HIS A 1 96  ? -0.070  -6.091  -12.259 1.00 7.34  ? 118 HIS A CB  1 
ATOM   773  C CG  . HIS A 1 96  ? -0.196  -7.581  -12.113 1.00 6.99  ? 118 HIS A CG  1 
ATOM   774  N ND1 . HIS A 1 96  ? -1.234  -8.304  -12.664 1.00 8.68  ? 118 HIS A ND1 1 
ATOM   775  C CD2 . HIS A 1 96  ? 0.583   -8.484  -11.469 1.00 10.71 ? 118 HIS A CD2 1 
ATOM   776  C CE1 . HIS A 1 96  ? -1.084  -9.583  -12.370 1.00 9.08  ? 118 HIS A CE1 1 
ATOM   777  N NE2 . HIS A 1 96  ? 0.009   -9.720  -11.650 1.00 10.79 ? 118 HIS A NE2 1 
ATOM   778  N N   . TYR A 1 97  ? -1.112  -3.564  -10.198 1.00 5.41  ? 119 TYR A N   1 
ATOM   779  C CA  . TYR A 1 97  ? -0.939  -2.189  -9.743  1.00 5.68  ? 119 TYR A CA  1 
ATOM   780  C C   . TYR A 1 97  ? -0.105  -2.184  -8.474  1.00 5.27  ? 119 TYR A C   1 
ATOM   781  O O   . TYR A 1 97  ? 0.563   -3.180  -8.164  1.00 6.22  ? 119 TYR A O   1 
ATOM   782  C CB  . TYR A 1 97  ? -2.309  -1.507  -9.547  1.00 5.80  ? 119 TYR A CB  1 
ATOM   783  C CG  . TYR A 1 97  ? -3.137  -1.475  -10.824 1.00 5.50  ? 119 TYR A CG  1 
ATOM   784  C CD1 . TYR A 1 97  ? -2.913  -0.498  -11.794 1.00 4.98  ? 119 TYR A CD1 1 
ATOM   785  C CD2 . TYR A 1 97  ? -4.127  -2.434  -11.070 1.00 5.64  ? 119 TYR A CD2 1 
ATOM   786  C CE1 . TYR A 1 97  ? -3.649  -0.467  -12.975 1.00 4.93  ? 119 TYR A CE1 1 
ATOM   787  C CE2 . TYR A 1 97  ? -4.875  -2.415  -12.260 1.00 5.75  ? 119 TYR A CE2 1 
ATOM   788  C CZ  . TYR A 1 97  ? -4.635  -1.403  -13.181 1.00 5.12  ? 119 TYR A CZ  1 
ATOM   789  O OH  . TYR A 1 97  ? -5.361  -1.347  -14.362 1.00 7.11  ? 119 TYR A OH  1 
ATOM   790  N N   . ASP A 1 98  ? -0.084  -1.068  -7.750  1.00 5.17  ? 120 ASP A N   1 
ATOM   791  C CA  . ASP A 1 98  ? 0.385   -1.086  -6.363  1.00 5.27  ? 120 ASP A CA  1 
ATOM   792  C C   . ASP A 1 98  ? -0.820  -1.447  -5.489  1.00 4.80  ? 120 ASP A C   1 
ATOM   793  O O   . ASP A 1 98  ? -1.886  -1.799  -5.988  1.00 5.44  ? 120 ASP A O   1 
ATOM   794  C CB  . ASP A 1 98  ? 0.927   0.284   -5.950  1.00 5.37  ? 120 ASP A CB  1 
ATOM   795  C CG  . ASP A 1 98  ? 2.103   0.760   -6.801  1.00 5.88  ? 120 ASP A CG  1 
ATOM   796  O OD1 . ASP A 1 98  ? 2.789   -0.050  -7.489  1.00 6.81  ? 120 ASP A OD1 1 
ATOM   797  O OD2 . ASP A 1 98  ? 2.350   1.984   -6.757  1.00 7.08  ? 120 ASP A OD2 1 
ATOM   798  N N   . THR A 1 99  ? -0.672  -1.358  -4.170  1.00 5.09  ? 121 THR A N   1 
ATOM   799  C CA  . THR A 1 99  ? -1.828  -1.488  -3.296  1.00 5.45  ? 121 THR A CA  1 
ATOM   800  C C   . THR A 1 99  ? -1.851  -0.415  -2.232  1.00 4.89  ? 121 THR A C   1 
ATOM   801  O O   . THR A 1 99  ? -0.810  0.132   -1.839  1.00 5.83  ? 121 THR A O   1 
ATOM   802  C CB  . THR A 1 99  ? -1.930  -2.900  -2.662  1.00 6.13  ? 121 THR A CB  1 
ATOM   803  O OG1 . THR A 1 99  ? -3.254  -3.092  -2.154  1.00 6.30  ? 121 THR A OG1 1 
ATOM   804  C CG2 . THR A 1 99  ? -0.908  -3.155  -1.591  1.00 7.79  ? 121 THR A CG2 1 
ATOM   805  N N   . TYR A 1 100 ? -3.051  -0.124  -1.753  1.00 4.39  ? 122 TYR A N   1 
ATOM   806  C CA  . TYR A 1 100 ? -3.210  0.582   -0.481  1.00 4.63  ? 122 TYR A CA  1 
ATOM   807  C C   . TYR A 1 100 ? -3.573  -0.433  0.576   1.00 5.03  ? 122 TYR A C   1 
ATOM   808  O O   . TYR A 1 100 ? -4.143  -1.491  0.278   1.00 5.90  ? 122 TYR A O   1 
ATOM   809  C CB  . TYR A 1 100 ? -4.275  1.701   -0.599  1.00 4.82  ? 122 TYR A CB  1 
ATOM   810  C CG  . TYR A 1 100 ? -3.874  2.692   -1.648  1.00 4.36  ? 122 TYR A CG  1 
ATOM   811  C CD1 . TYR A 1 100 ? -3.001  3.720   -1.331  1.00 5.23  ? 122 TYR A CD1 1 
ATOM   812  C CD2 . TYR A 1 100 ? -4.323  2.576   -2.961  1.00 5.29  ? 122 TYR A CD2 1 
ATOM   813  C CE1 . TYR A 1 100 ? -2.592  4.634   -2.301  1.00 4.89  ? 122 TYR A CE1 1 
ATOM   814  C CE2 . TYR A 1 100 ? -3.912  3.471   -3.925  1.00 5.45  ? 122 TYR A CE2 1 
ATOM   815  C CZ  . TYR A 1 100 ? -3.021  4.485   -3.590  1.00 4.89  ? 122 TYR A CZ  1 
ATOM   816  O OH  . TYR A 1 100 ? -2.538  5.375   -4.524  1.00 6.24  ? 122 TYR A OH  1 
ATOM   817  N N   . CYS A 1 101 ? -3.253  -0.106  1.824   1.00 4.88  ? 123 CYS A N   1 
ATOM   818  C CA  . CYS A 1 101 ? -3.589  -0.940  2.968   1.00 5.69  ? 123 CYS A CA  1 
ATOM   819  C C   . CYS A 1 101 ? -4.068  -0.044  4.099   1.00 5.21  ? 123 CYS A C   1 
ATOM   820  O O   . CYS A 1 101 ? -3.723  1.146   4.159   1.00 5.76  ? 123 CYS A O   1 
ATOM   821  C CB  . CYS A 1 101 ? -2.378  -1.743  3.440   1.00 5.80  ? 123 CYS A CB  1 
ATOM   822  S SG  . CYS A 1 101 ? -1.708  -2.950  2.291   1.00 8.69  ? 123 CYS A SG  1 
ATOM   823  N N   . PHE A 1 102 ? -4.880  -0.611  4.982   1.00 5.49  ? 124 PHE A N   1 
ATOM   824  C CA  . PHE A 1 102 ? -5.440  0.086   6.119   1.00 5.30  ? 124 PHE A CA  1 
ATOM   825  C C   . PHE A 1 102 ? -5.171  -0.682  7.403   1.00 5.28  ? 124 PHE A C   1 
ATOM   826  O O   . PHE A 1 102 ? -5.578  -1.842  7.537   1.00 5.65  ? 124 PHE A O   1 
ATOM   827  C CB  . PHE A 1 102 ? -6.947  0.271   5.943   1.00 5.53  ? 124 PHE A CB  1 
ATOM   828  C CG  . PHE A 1 102 ? -7.614  0.717   7.195   1.00 5.21  ? 124 PHE A CG  1 
ATOM   829  C CD1 . PHE A 1 102 ? -7.347  1.983   7.709   1.00 5.96  ? 124 PHE A CD1 1 
ATOM   830  C CD2 . PHE A 1 102 ? -8.407  -0.151  7.931   1.00 6.86  ? 124 PHE A CD2 1 
ATOM   831  C CE1 . PHE A 1 102 ? -7.904  2.397   8.926   1.00 6.80  ? 124 PHE A CE1 1 
ATOM   832  C CE2 . PHE A 1 102 ? -8.968  0.263   9.150   1.00 8.10  ? 124 PHE A CE2 1 
ATOM   833  C CZ  . PHE A 1 102 ? -8.719  1.538   9.640   1.00 7.59  ? 124 PHE A CZ  1 
ATOM   834  N N   A ASN A 1 103 ? -4.490  0.003   8.326   0.50 5.88  ? 125 ASN A N   1 
ATOM   835  N N   B ASN A 1 103 ? -4.493  -0.026  8.343   0.50 5.83  ? 125 ASN A N   1 
ATOM   836  C CA  A ASN A 1 103 ? -4.177  -0.501  9.654   0.50 6.86  ? 125 ASN A CA  1 
ATOM   837  C CA  B ASN A 1 103 ? -4.229  -0.610  9.650   0.50 6.71  ? 125 ASN A CA  1 
ATOM   838  C C   A ASN A 1 103 ? -4.963  0.279   10.704  0.50 6.72  ? 125 ASN A C   1 
ATOM   839  C C   B ASN A 1 103 ? -4.916  0.221   10.728  0.50 6.62  ? 125 ASN A C   1 
ATOM   840  O O   A ASN A 1 103 ? -4.679  1.452   10.946  0.50 6.46  ? 125 ASN A O   1 
ATOM   841  O O   B ASN A 1 103 ? -4.543  1.367   10.987  0.50 6.40  ? 125 ASN A O   1 
ATOM   842  C CB  A ASN A 1 103 ? -2.688  -0.351  9.940   0.50 7.50  ? 125 ASN A CB  1 
ATOM   843  C CB  B ASN A 1 103 ? -2.726  -0.722  9.894   0.50 7.57  ? 125 ASN A CB  1 
ATOM   844  C CG  A ASN A 1 103 ? -2.348  -0.733  11.361  0.50 8.26  ? 125 ASN A CG  1 
ATOM   845  C CG  B ASN A 1 103 ? -2.398  -1.420  11.196  0.50 6.76  ? 125 ASN A CG  1 
ATOM   846  O OD1 A ASN A 1 103 ? -3.096  -1.496  12.021  0.50 7.76  ? 125 ASN A OD1 1 
ATOM   847  O OD1 B ASN A 1 103 ? -2.736  -0.932  12.276  0.50 9.31  ? 125 ASN A OD1 1 
ATOM   848  N ND2 A ASN A 1 103 ? -1.246  -0.186  11.866  0.50 11.41 ? 125 ASN A ND2 1 
ATOM   849  N ND2 B ASN A 1 103 ? -1.702  -2.546  11.110  0.50 10.72 ? 125 ASN A ND2 1 
ATOM   850  N N   . ALA A 1 104 ? -5.955  -0.361  11.317  1.00 7.49  ? 126 ALA A N   1 
ATOM   851  C CA  . ALA A 1 104 ? -6.787  0.315   12.307  1.00 8.69  ? 126 ALA A CA  1 
ATOM   852  C C   . ALA A 1 104 ? -6.043  0.792   13.549  1.00 9.17  ? 126 ALA A C   1 
ATOM   853  O O   . ALA A 1 104 ? -6.513  1.719   14.222  1.00 10.71 ? 126 ALA A O   1 
ATOM   854  C CB  . ALA A 1 104 ? -7.958  -0.573  12.703  1.00 10.20 ? 126 ALA A CB  1 
ATOM   855  N N   A SER A 1 105 ? -4.908  0.171   13.855  0.50 9.39  ? 127 SER A N   1 
ATOM   856  N N   B SER A 1 105 ? -4.906  0.181   13.867  0.50 9.11  ? 127 SER A N   1 
ATOM   857  C CA  A SER A 1 105 ? -4.152  0.502   15.061  0.50 10.26 ? 127 SER A CA  1 
ATOM   858  C CA  B SER A 1 105 ? -4.179  0.548   15.084  0.50 9.71  ? 127 SER A CA  1 
ATOM   859  C C   A SER A 1 105 ? -3.193  1.690   14.898  0.50 9.83  ? 127 SER A C   1 
ATOM   860  C C   B SER A 1 105 ? -3.163  1.677   14.892  0.50 9.56  ? 127 SER A C   1 
ATOM   861  O O   A SER A 1 105 ? -2.584  2.125   15.874  0.50 10.44 ? 127 SER A O   1 
ATOM   862  O O   B SER A 1 105 ? -2.470  2.045   15.838  0.50 10.39 ? 127 SER A O   1 
ATOM   863  C CB  A SER A 1 105 ? -3.416  -0.736  15.586  0.50 11.04 ? 127 SER A CB  1 
ATOM   864  C CB  B SER A 1 105 ? -3.504  -0.677  15.694  0.50 10.30 ? 127 SER A CB  1 
ATOM   865  O OG  A SER A 1 105 ? -4.317  -1.811  15.808  0.50 13.27 ? 127 SER A OG  1 
ATOM   866  O OG  B SER A 1 105 ? -2.381  -1.059  14.924  0.50 10.57 ? 127 SER A OG  1 
ATOM   867  N N   . ALA A 1 106 ? -3.086  2.229   13.682  1.00 9.24  ? 128 ALA A N   1 
ATOM   868  C CA  . ALA A 1 106 ? -2.249  3.390   13.410  1.00 9.03  ? 128 ALA A CA  1 
ATOM   869  C C   . ALA A 1 106 ? -2.827  4.641   14.077  1.00 8.81  ? 128 ALA A C   1 
ATOM   870  O O   . ALA A 1 106 ? -3.980  4.644   14.499  1.00 8.56  ? 128 ALA A O   1 
ATOM   871  C CB  . ALA A 1 106 ? -2.141  3.601   11.906  1.00 9.30  ? 128 ALA A CB  1 
ATOM   872  N N   . PRO A 1 107 ? -2.040  5.715   14.179  1.00 8.82  ? 129 PRO A N   1 
ATOM   873  C CA  . PRO A 1 107 ? -2.579  6.969   14.705  1.00 8.44  ? 129 PRO A CA  1 
ATOM   874  C C   . PRO A 1 107 ? -3.693  7.558   13.814  1.00 8.29  ? 129 PRO A C   1 
ATOM   875  O O   . PRO A 1 107 ? -3.803  7.201   12.637  1.00 7.86  ? 129 PRO A O   1 
ATOM   876  C CB  . PRO A 1 107 ? -1.352  7.890   14.730  1.00 8.78  ? 129 PRO A CB  1 
ATOM   877  C CG  . PRO A 1 107 ? -0.181  6.945   14.812  1.00 10.22 ? 129 PRO A CG  1 
ATOM   878  C CD  . PRO A 1 107 ? -0.584  5.787   13.947  1.00 9.63  ? 129 PRO A CD  1 
ATOM   879  N N   . PRO A 1 108 ? -4.528  8.455   14.362  1.00 7.74  ? 130 PRO A N   1 
ATOM   880  C CA  . PRO A 1 108 ? -5.710  8.915   13.615  1.00 7.72  ? 130 PRO A CA  1 
ATOM   881  C C   . PRO A 1 108 ? -5.416  9.870   12.470  1.00 7.32  ? 130 PRO A C   1 
ATOM   882  O O   . PRO A 1 108 ? -6.227  9.976   11.547  1.00 7.19  ? 130 PRO A O   1 
ATOM   883  C CB  . PRO A 1 108 ? -6.553  9.643   14.681  1.00 8.08  ? 130 PRO A CB  1 
ATOM   884  C CG  . PRO A 1 108 ? -5.509  10.073  15.735  1.00 8.28  ? 130 PRO A CG  1 
ATOM   885  C CD  . PRO A 1 108 ? -4.557  8.903   15.770  1.00 8.44  ? 130 PRO A CD  1 
ATOM   886  N N   . GLU A 1 109 ? -4.280  10.569  12.509  1.00 7.72  ? 131 GLU A N   1 
ATOM   887  C CA  . GLU A 1 109 ? -3.999  11.554  11.481  1.00 8.61  ? 131 GLU A CA  1 
ATOM   888  C C   . GLU A 1 109 ? -2.744  11.152  10.698  1.00 7.88  ? 131 GLU A C   1 
ATOM   889  O O   . GLU A 1 109 ? -2.625  9.994   10.289  1.00 7.99  ? 131 GLU A O   1 
ATOM   890  C CB  . GLU A 1 109 ? -4.003  12.967  12.073  1.00 9.76  ? 131 GLU A CB  1 
ATOM   891  C CG  . GLU A 1 109 ? -5.350  13.195  12.788  1.00 13.66 ? 131 GLU A CG  1 
ATOM   892  C CD  . GLU A 1 109 ? -5.639  14.617  13.157  1.00 18.30 ? 131 GLU A CD  1 
ATOM   893  O OE1 . GLU A 1 109 ? -4.939  15.139  14.052  1.00 20.84 ? 131 GLU A OE1 1 
ATOM   894  O OE2 . GLU A 1 109 ? -6.601  15.180  12.580  1.00 21.70 ? 131 GLU A OE2 1 
ATOM   895  N N   . GLU A 1 110 ? -1.801  12.059  10.479  1.00 8.65  ? 132 GLU A N   1 
ATOM   896  C CA  . GLU A 1 110 ? -0.596  11.717  9.725   1.00 9.67  ? 132 GLU A CA  1 
ATOM   897  C C   . GLU A 1 110 ? 0.415   11.039  10.627  1.00 8.79  ? 132 GLU A C   1 
ATOM   898  O O   . GLU A 1 110 ? 0.714   11.557  11.714  1.00 10.45 ? 132 GLU A O   1 
ATOM   899  C CB  . GLU A 1 110 ? 0.009   12.982  9.118   1.00 11.49 ? 132 GLU A CB  1 
ATOM   900  C CG  . GLU A 1 110 ? 1.330   12.779  8.374   1.00 14.17 ? 132 GLU A CG  1 
ATOM   901  C CD  . GLU A 1 110 ? 1.899   14.104  7.890   1.00 17.99 ? 132 GLU A CD  1 
ATOM   902  O OE1 . GLU A 1 110 ? 2.315   14.919  8.743   1.00 22.88 ? 132 GLU A OE1 1 
ATOM   903  O OE2 . GLU A 1 110 ? 1.916   14.328  6.664   1.00 22.64 ? 132 GLU A OE2 1 
ATOM   904  N N   . ASP A 1 111 ? 0.924   9.893   10.207  1.00 8.11  ? 133 ASP A N   1 
ATOM   905  C CA  . ASP A 1 111 ? 1.988   9.202   10.906  1.00 8.44  ? 133 ASP A CA  1 
ATOM   906  C C   . ASP A 1 111 ? 3.108   8.950   9.922   1.00 8.47  ? 133 ASP A C   1 
ATOM   907  O O   . ASP A 1 111 ? 3.056   8.029   9.090   1.00 7.85  ? 133 ASP A O   1 
ATOM   908  C CB  . ASP A 1 111 ? 1.500   7.882   11.510  1.00 8.37  ? 133 ASP A CB  1 
ATOM   909  C CG  . ASP A 1 111 ? 2.605   7.123   12.225  1.00 8.71  ? 133 ASP A CG  1 
ATOM   910  O OD1 . ASP A 1 111 ? 3.690   7.716   12.471  1.00 10.19 ? 133 ASP A OD1 1 
ATOM   911  O OD2 . ASP A 1 111 ? 2.412   5.941   12.540  1.00 10.21 ? 133 ASP A OD2 1 
ATOM   912  N N   . CYS A 1 112 ? 4.134   9.791   9.999   1.00 9.79  ? 134 CYS A N   1 
ATOM   913  C CA  . CYS A 1 112 ? 5.260   9.667   9.089   1.00 11.22 ? 134 CYS A CA  1 
ATOM   914  C C   . CYS A 1 112 ? 6.459   9.021   9.750   1.00 11.58 ? 134 CYS A C   1 
ATOM   915  O O   . CYS A 1 112 ? 7.602   9.204   9.298   1.00 13.18 ? 134 CYS A O   1 
ATOM   916  C CB  . CYS A 1 112 ? 5.627   11.003  8.436   1.00 12.66 ? 134 CYS A CB  1 
ATOM   917  S SG  . CYS A 1 112 ? 4.491   11.433  7.091   1.00 15.12 ? 134 CYS A SG  1 
ATOM   918  N N   . THR A 1 113 ? 6.233   8.243   10.794  1.00 10.73 ? 135 THR A N   1 
ATOM   919  C CA  . THR A 1 113 ? 7.311   7.454   11.341  1.00 10.73 ? 135 THR A CA  1 
ATOM   920  C C   . THR A 1 113 ? 7.542   6.265   10.412  1.00 10.41 ? 135 THR A C   1 
ATOM   921  O O   . THR A 1 113 ? 6.666   5.923   9.578   1.00 11.73 ? 135 THR A O   1 
ATOM   922  C CB  . THR A 1 113 ? 7.018   6.977   12.771  1.00 10.29 ? 135 THR A CB  1 
ATOM   923  O OG1 . THR A 1 113 ? 5.817   6.177   12.767  1.00 11.18 ? 135 THR A OG1 1 
ATOM   924  C CG2 . THR A 1 113 ? 6.841   8.169   13.716  1.00 12.13 ? 135 THR A CG2 1 
ATOM   925  N N   A SER A 1 114 ? 8.708   5.637   10.542  0.50 10.68 ? 136 SER A N   1 
ATOM   926  N N   B SER A 1 114 ? 8.697   5.622   10.551  0.50 10.30 ? 136 SER A N   1 
ATOM   927  C CA  A SER A 1 114 ? 9.048   4.470   9.742   0.50 11.16 ? 136 SER A CA  1 
ATOM   928  C CA  B SER A 1 114 ? 9.056   4.504   9.692   0.50 10.44 ? 136 SER A CA  1 
ATOM   929  C C   A SER A 1 114 ? 8.209   3.273   10.130  0.50 11.40 ? 136 SER A C   1 
ATOM   930  C C   B SER A 1 114 ? 8.432   3.190   10.151  0.50 11.14 ? 136 SER A C   1 
ATOM   931  O O   A SER A 1 114 ? 7.729   3.157   11.260  0.50 11.33 ? 136 SER A O   1 
ATOM   932  O O   B SER A 1 114 ? 8.298   2.916   11.357  0.50 11.06 ? 136 SER A O   1 
ATOM   933  C CB  A SER A 1 114 ? 10.528  4.116   9.886   0.50 11.48 ? 136 SER A CB  1 
ATOM   934  C CB  B SER A 1 114 ? 10.578  4.391   9.575   0.50 10.30 ? 136 SER A CB  1 
ATOM   935  O OG  A SER A 1 114 ? 11.330  4.944   9.071   0.50 12.65 ? 136 SER A OG  1 
ATOM   936  O OG  B SER A 1 114 ? 11.197  4.521   10.845  0.50 9.52  ? 136 SER A OG  1 
ATOM   937  N N   . VAL A 1 115 ? 8.044   2.380   9.166   1.00 11.29 ? 137 VAL A N   1 
ATOM   938  C CA  . VAL A 1 115 ? 7.483   1.049   9.395   1.00 12.22 ? 137 VAL A CA  1 
ATOM   939  C C   . VAL A 1 115 ? 8.670   0.118   9.609   1.00 13.63 ? 137 VAL A C   1 
ATOM   940  O O   . VAL A 1 115 ? 9.605   0.102   8.804   1.00 13.20 ? 137 VAL A O   1 
ATOM   941  C CB  . VAL A 1 115 ? 6.675   0.591   8.161   1.00 11.44 ? 137 VAL A CB  1 
ATOM   942  C CG1 . VAL A 1 115 ? 6.177   -0.840  8.339   1.00 12.89 ? 137 VAL A CG1 1 
ATOM   943  C CG2 . VAL A 1 115 ? 5.506   1.527   7.926   1.00 12.32 ? 137 VAL A CG2 1 
ATOM   944  N N   . THR A 1 116 ? 8.645   -0.657  10.692  1.00 16.62 ? 138 THR A N   1 
ATOM   945  C CA  . THR A 1 116 ? 9.799   -1.491  11.036  1.00 19.11 ? 138 THR A CA  1 
ATOM   946  C C   . THR A 1 116 ? 9.444   -2.952  11.338  1.00 19.25 ? 138 THR A C   1 
ATOM   947  O O   . THR A 1 116 ? 10.204  -3.665  12.005  1.00 19.94 ? 138 THR A O   1 
ATOM   948  C CB  . THR A 1 116 ? 10.623  -0.892  12.209  1.00 19.85 ? 138 THR A CB  1 
ATOM   949  O OG1 . THR A 1 116 ? 9.732   -0.418  13.228  1.00 22.96 ? 138 THR A OG1 1 
ATOM   950  C CG2 . THR A 1 116 ? 11.513  0.251   11.724  1.00 22.37 ? 138 THR A CG2 1 
ATOM   951  N N   . ASP A 1 117 ? 8.293   -3.394  10.844  1.00 19.76 ? 139 ASP A N   1 
ATOM   952  C CA  . ASP A 1 117 ? 7.915   -4.801  10.950  1.00 20.68 ? 139 ASP A CA  1 
ATOM   953  C C   . ASP A 1 117 ? 6.866   -5.176  9.926   1.00 19.96 ? 139 ASP A C   1 
ATOM   954  O O   . ASP A 1 117 ? 6.104   -4.331  9.434   1.00 19.76 ? 139 ASP A O   1 
ATOM   955  C CB  . ASP A 1 117 ? 7.425   -5.161  12.364  1.00 21.82 ? 139 ASP A CB  1 
ATOM   956  C CG  . ASP A 1 117 ? 7.409   -6.682  12.631  1.00 24.32 ? 139 ASP A CG  1 
ATOM   957  O OD1 . ASP A 1 117 ? 7.975   -7.481  11.840  1.00 27.54 ? 139 ASP A OD1 1 
ATOM   958  O OD2 . ASP A 1 117 ? 6.816   -7.080  13.654  1.00 28.66 ? 139 ASP A OD2 1 
ATOM   959  N N   . LEU A 1 118 ? 6.849   -6.463  9.603   1.00 19.16 ? 140 LEU A N   1 
ATOM   960  C CA  . LEU A 1 118 ? 5.832   -7.053  8.775   1.00 18.05 ? 140 LEU A CA  1 
ATOM   961  C C   . LEU A 1 118 ? 5.250   -8.149  9.660   1.00 17.20 ? 140 LEU A C   1 
ATOM   962  O O   . LEU A 1 118 ? 5.615   -9.328  9.520   1.00 16.83 ? 140 LEU A O   1 
ATOM   963  C CB  . LEU A 1 118 ? 6.467   -7.621  7.503   1.00 18.11 ? 140 LEU A CB  1 
ATOM   964  C CG  . LEU A 1 118 ? 5.535   -8.186  6.429   1.00 17.82 ? 140 LEU A CG  1 
ATOM   965  C CD1 . LEU A 1 118 ? 4.619   -7.105  5.846   1.00 18.17 ? 140 LEU A CD1 1 
ATOM   966  C CD2 . LEU A 1 118 ? 6.329   -8.870  5.323   1.00 19.75 ? 140 LEU A CD2 1 
ATOM   967  N N   . PRO A 1 119 ? 4.359   -7.764  10.595  1.00 16.38 ? 141 PRO A N   1 
ATOM   968  C CA  . PRO A 1 119 ? 4.079   -8.606  11.759  1.00 16.33 ? 141 PRO A CA  1 
ATOM   969  C C   . PRO A 1 119 ? 3.385   -9.926  11.452  1.00 15.42 ? 141 PRO A C   1 
ATOM   970  O O   . PRO A 1 119 ? 3.421   -10.855 12.265  1.00 15.97 ? 141 PRO A O   1 
ATOM   971  C CB  . PRO A 1 119 ? 3.159   -7.723  12.609  1.00 16.73 ? 141 PRO A CB  1 
ATOM   972  C CG  . PRO A 1 119 ? 2.552   -6.778  11.656  1.00 17.29 ? 141 PRO A CG  1 
ATOM   973  C CD  . PRO A 1 119 ? 3.590   -6.501  10.637  1.00 16.43 ? 141 PRO A CD  1 
ATOM   974  N N   . ASN A 1 120 ? 2.754   -10.022 10.297  1.00 13.82 ? 142 ASN A N   1 
ATOM   975  C CA  . ASN A 1 120 ? 1.942   -11.185 10.021  1.00 13.62 ? 142 ASN A CA  1 
ATOM   976  C C   . ASN A 1 120 ? 2.406   -11.977 8.807   1.00 12.52 ? 142 ASN A C   1 
ATOM   977  O O   . ASN A 1 120 ? 1.650   -12.766 8.239   1.00 13.52 ? 142 ASN A O   1 
ATOM   978  C CB  . ASN A 1 120 ? 0.488   -10.758 9.902   1.00 14.16 ? 142 ASN A CB  1 
ATOM   979  C CG  . ASN A 1 120 ? -0.464  -11.886 10.111  1.00 16.34 ? 142 ASN A CG  1 
ATOM   980  O OD1 . ASN A 1 120 ? -0.231  -12.773 10.946  1.00 19.29 ? 142 ASN A OD1 1 
ATOM   981  N ND2 . ASN A 1 120 ? -1.551  -11.882 9.354   1.00 17.19 ? 142 ASN A ND2 1 
ATOM   982  N N   . SER A 1 121 ? 3.660   -11.762 8.423   1.00 11.80 ? 143 SER A N   1 
ATOM   983  C CA  . SER A 1 121 ? 4.317   -12.606 7.431   1.00 11.15 ? 143 SER A CA  1 
ATOM   984  C C   . SER A 1 121 ? 4.421   -14.023 7.957   1.00 10.69 ? 143 SER A C   1 
ATOM   985  O O   . SER A 1 121 ? 4.492   -14.240 9.172   1.00 11.02 ? 143 SER A O   1 
ATOM   986  C CB  . SER A 1 121 ? 5.718   -12.051 7.118   1.00 11.50 ? 143 SER A CB  1 
ATOM   987  O OG  . SER A 1 121 ? 6.529   -12.049 8.257   1.00 15.89 ? 143 SER A OG  1 
ATOM   988  N N   . PHE A 1 122 ? 4.429   -14.977 7.047   1.00 9.80  ? 144 PHE A N   1 
ATOM   989  C CA  . PHE A 1 122 ? 4.557   -16.368 7.487   1.00 10.20 ? 144 PHE A CA  1 
ATOM   990  C C   . PHE A 1 122 ? 5.911   -16.929 7.112   1.00 10.35 ? 144 PHE A C   1 
ATOM   991  O O   . PHE A 1 122 ? 6.709   -16.261 6.436   1.00 10.67 ? 144 PHE A O   1 
ATOM   992  C CB  . PHE A 1 122 ? 3.347   -17.244 7.097   1.00 11.57 ? 144 PHE A CB  1 
ATOM   993  C CG  . PHE A 1 122 ? 2.944   -17.182 5.649   1.00 12.51 ? 144 PHE A CG  1 
ATOM   994  C CD1 . PHE A 1 122 ? 3.550   -18.010 4.706   1.00 13.77 ? 144 PHE A CD1 1 
ATOM   995  C CD2 . PHE A 1 122 ? 1.898   -16.355 5.233   1.00 13.70 ? 144 PHE A CD2 1 
ATOM   996  C CE1 . PHE A 1 122 ? 3.158   -17.982 3.365   1.00 14.96 ? 144 PHE A CE1 1 
ATOM   997  C CE2 . PHE A 1 122 ? 1.497   -16.324 3.891   1.00 15.55 ? 144 PHE A CE2 1 
ATOM   998  C CZ  . PHE A 1 122 ? 2.136   -17.128 2.958   1.00 15.51 ? 144 PHE A CZ  1 
ATOM   999  N N   . ASP A 1 123 ? 6.209   -18.131 7.599   1.00 10.32 ? 145 ASP A N   1 
ATOM   1000 C CA  . ASP A 1 123 ? 7.491   -18.766 7.319   1.00 10.39 ? 145 ASP A CA  1 
ATOM   1001 C C   . ASP A 1 123 ? 7.683   -18.899 5.809   1.00 10.11 ? 145 ASP A C   1 
ATOM   1002 O O   . ASP A 1 123 ? 6.744   -19.226 5.092   1.00 10.94 ? 145 ASP A O   1 
ATOM   1003 C CB  . ASP A 1 123 ? 7.527   -20.145 7.981   1.00 11.09 ? 145 ASP A CB  1 
ATOM   1004 C CG  . ASP A 1 123 ? 8.833   -20.855 7.755   1.00 13.93 ? 145 ASP A CG  1 
ATOM   1005 O OD1 . ASP A 1 123 ? 9.785   -20.602 8.515   1.00 14.65 ? 145 ASP A OD1 1 
ATOM   1006 O OD2 . ASP A 1 123 ? 8.904   -21.668 6.816   1.00 15.85 ? 145 ASP A OD2 1 
ATOM   1007 N N   . GLY A 1 124 ? 8.901   -18.666 5.337   1.00 10.30 ? 146 GLY A N   1 
ATOM   1008 C CA  . GLY A 1 124 ? 9.170   -18.797 3.912   1.00 11.23 ? 146 GLY A CA  1 
ATOM   1009 C C   . GLY A 1 124 ? 10.598  -18.432 3.568   1.00 11.69 ? 146 GLY A C   1 
ATOM   1010 O O   . GLY A 1 124 ? 11.345  -18.006 4.434   1.00 11.97 ? 146 GLY A O   1 
ATOM   1011 N N   . PRO A 1 125 ? 10.960  -18.575 2.289   1.00 12.59 ? 147 PRO A N   1 
ATOM   1012 C CA  . PRO A 1 125 ? 12.336  -18.439 1.844   1.00 13.27 ? 147 PRO A CA  1 
ATOM   1013 C C   . PRO A 1 125 ? 12.732  -17.053 1.312   1.00 13.27 ? 147 PRO A C   1 
ATOM   1014 O O   . PRO A 1 125 ? 13.905  -16.854 0.976   1.00 13.40 ? 147 PRO A O   1 
ATOM   1015 C CB  . PRO A 1 125 ? 12.400  -19.454 0.704   1.00 14.17 ? 147 PRO A CB  1 
ATOM   1016 C CG  . PRO A 1 125 ? 11.069  -19.354 0.085   1.00 14.08 ? 147 PRO A CG  1 
ATOM   1017 C CD  . PRO A 1 125 ? 10.100  -19.131 1.229   1.00 13.28 ? 147 PRO A CD  1 
ATOM   1018 N N   . VAL A 1 126 ? 11.782  -16.119 1.217   1.00 12.14 ? 148 VAL A N   1 
ATOM   1019 C CA  . VAL A 1 126 ? 12.021  -14.817 0.576   1.00 12.04 ? 148 VAL A CA  1 
ATOM   1020 C C   . VAL A 1 126 ? 12.589  -13.822 1.577   1.00 11.10 ? 148 VAL A C   1 
ATOM   1021 O O   . VAL A 1 126 ? 12.088  -13.687 2.687   1.00 11.33 ? 148 VAL A O   1 
ATOM   1022 C CB  . VAL A 1 126 ? 10.715  -14.265 -0.051  1.00 12.43 ? 148 VAL A CB  1 
ATOM   1023 C CG1 . VAL A 1 126 ? 10.964  -12.963 -0.802  1.00 13.38 ? 148 VAL A CG1 1 
ATOM   1024 C CG2 . VAL A 1 126 ? 10.081  -15.314 -0.968  1.00 14.38 ? 148 VAL A CG2 1 
ATOM   1025 N N   . THR A 1 127 ? 13.637  -13.111 1.173   1.00 10.87 ? 149 THR A N   1 
ATOM   1026 C CA  . THR A 1 127 ? 14.082  -11.954 1.935   1.00 11.45 ? 149 THR A CA  1 
ATOM   1027 C C   . THR A 1 127 ? 13.176  -10.782 1.574   1.00 9.98  ? 149 THR A C   1 
ATOM   1028 O O   . THR A 1 127 ? 13.195  -10.283 0.454   1.00 10.30 ? 149 THR A O   1 
ATOM   1029 C CB  . THR A 1 127 ? 15.544  -11.609 1.650   1.00 11.82 ? 149 THR A CB  1 
ATOM   1030 O OG1 . THR A 1 127 ? 16.371  -12.719 2.027   1.00 14.28 ? 149 THR A OG1 1 
ATOM   1031 C CG2 . THR A 1 127 ? 15.977  -10.393 2.458   1.00 13.62 ? 149 THR A CG2 1 
ATOM   1032 N N   . ILE A 1 128 ? 12.344  -10.395 2.521   1.00 8.95  ? 150 ILE A N   1 
ATOM   1033 C CA  . ILE A 1 128 ? 11.412  -9.285  2.330   1.00 8.74  ? 150 ILE A CA  1 
ATOM   1034 C C   . ILE A 1 128 ? 11.949  -8.058  3.042   1.00 8.67  ? 150 ILE A C   1 
ATOM   1035 O O   . ILE A 1 128 ? 12.212  -8.105  4.245   1.00 9.47  ? 150 ILE A O   1 
ATOM   1036 C CB  . ILE A 1 128 ? 10.024  -9.637  2.893   1.00 9.32  ? 150 ILE A CB  1 
ATOM   1037 C CG1 . ILE A 1 128 ? 9.482   -10.921 2.260   1.00 10.89 ? 150 ILE A CG1 1 
ATOM   1038 C CG2 . ILE A 1 128 ? 9.041   -8.487  2.667   1.00 9.42  ? 150 ILE A CG2 1 
ATOM   1039 C CD1 . ILE A 1 128 ? 8.304   -11.525 3.034   1.00 13.24 ? 150 ILE A CD1 1 
ATOM   1040 N N   . THR A 1 129 ? 12.116  -6.971  2.297   1.00 7.78  ? 151 THR A N   1 
ATOM   1041 C CA  . THR A 1 129 ? 12.634  -5.732  2.863   1.00 8.17  ? 151 THR A CA  1 
ATOM   1042 C C   . THR A 1 129 ? 11.597  -4.621  2.780   1.00 7.36  ? 151 THR A C   1 
ATOM   1043 O O   . THR A 1 129 ? 11.134  -4.290  1.685   1.00 8.18  ? 151 THR A O   1 
ATOM   1044 C CB  . THR A 1 129 ? 13.927  -5.295  2.132   1.00 8.93  ? 151 THR A CB  1 
ATOM   1045 O OG1 . THR A 1 129 ? 14.879  -6.368  2.214   1.00 11.36 ? 151 THR A OG1 1 
ATOM   1046 C CG2 . THR A 1 129 ? 14.511  -4.044  2.751   1.00 11.03 ? 151 THR A CG2 1 
ATOM   1047 N N   A ILE A 1 130 ? 11.222  -4.083  3.935   0.50 7.39  ? 152 ILE A N   1 
ATOM   1048 N N   B ILE A 1 130 ? 11.239  -4.058  3.930   0.50 7.23  ? 152 ILE A N   1 
ATOM   1049 C CA  A ILE A 1 130 ? 10.432  -2.868  4.002   0.50 7.33  ? 152 ILE A CA  1 
ATOM   1050 C CA  B ILE A 1 130 ? 10.413  -2.858  3.994   0.50 7.05  ? 152 ILE A CA  1 
ATOM   1051 C C   A ILE A 1 130 ? 11.390  -1.718  3.770   0.50 6.30  ? 152 ILE A C   1 
ATOM   1052 C C   B ILE A 1 130 ? 11.307  -1.646  3.862   0.50 6.14  ? 152 ILE A C   1 
ATOM   1053 O O   A ILE A 1 130 ? 12.456  -1.651  4.408   0.50 6.31  ? 152 ILE A O   1 
ATOM   1054 O O   B ILE A 1 130 ? 12.225  -1.444  4.691   0.50 6.14  ? 152 ILE A O   1 
ATOM   1055 C CB  A ILE A 1 130 ? 9.745   -2.701  5.367   0.50 8.23  ? 152 ILE A CB  1 
ATOM   1056 C CB  B ILE A 1 130 ? 9.666   -2.754  5.323   0.50 7.82  ? 152 ILE A CB  1 
ATOM   1057 C CG1 A ILE A 1 130 ? 9.013   -3.986  5.755   0.50 10.00 ? 152 ILE A CG1 1 
ATOM   1058 C CG1 B ILE A 1 130 ? 8.591   -3.831  5.415   0.50 8.74  ? 152 ILE A CG1 1 
ATOM   1059 C CG2 A ILE A 1 130 ? 8.788   -1.520  5.317   0.50 9.13  ? 152 ILE A CG2 1 
ATOM   1060 C CG2 B ILE A 1 130 ? 9.051   -1.368  5.472   0.50 9.01  ? 152 ILE A CG2 1 
ATOM   1061 C CD1 A ILE A 1 130 ? 8.039   -4.449  4.706   0.50 12.70 ? 152 ILE A CD1 1 
ATOM   1062 C CD1 B ILE A 1 130 ? 8.100   -4.024  6.813   0.50 10.22 ? 152 ILE A CD1 1 
ATOM   1063 N N   . VAL A 1 131 ? 11.032  -0.854  2.831   1.00 6.25  ? 153 VAL A N   1 
ATOM   1064 C CA  . VAL A 1 131 ? 11.816  0.334   2.528   1.00 6.21  ? 153 VAL A CA  1 
ATOM   1065 C C   . VAL A 1 131 ? 10.952  1.558   2.767   1.00 5.77  ? 153 VAL A C   1 
ATOM   1066 O O   . VAL A 1 131 ? 9.917   1.747   2.119   1.00 6.41  ? 153 VAL A O   1 
ATOM   1067 C CB  . VAL A 1 131 ? 12.321  0.329   1.076   1.00 6.25  ? 153 VAL A CB  1 
ATOM   1068 C CG1 . VAL A 1 131 ? 13.274  1.493   0.877   1.00 7.10  ? 153 VAL A CG1 1 
ATOM   1069 C CG2 . VAL A 1 131 ? 13.006  -1.002  0.720   1.00 7.63  ? 153 VAL A CG2 1 
ATOM   1070 N N   . ASN A 1 132 ? 11.356  2.370   3.730   1.00 5.51  ? 154 ASN A N   1 
ATOM   1071 C CA  . ASN A 1 132 ? 10.690  3.628   4.031   1.00 6.03  ? 154 ASN A CA  1 
ATOM   1072 C C   . ASN A 1 132 ? 11.187  4.726   3.110   1.00 5.71  ? 154 ASN A C   1 
ATOM   1073 O O   . ASN A 1 132 ? 12.254  4.602   2.499   1.00 5.97  ? 154 ASN A O   1 
ATOM   1074 C CB  . ASN A 1 132 ? 10.884  3.980   5.498   1.00 6.35  ? 154 ASN A CB  1 
ATOM   1075 C CG  . ASN A 1 132 ? 10.173  3.008   6.394   1.00 6.37  ? 154 ASN A CG  1 
ATOM   1076 O OD1 . ASN A 1 132 ? 8.965   3.144   6.632   1.00 6.66  ? 154 ASN A OD1 1 
ATOM   1077 N ND2 . ASN A 1 132 ? 10.892  1.997   6.886   1.00 6.90  ? 154 ASN A ND2 1 
ATOM   1078 N N   . ARG A 1 133 ? 10.427  5.809   3.001   1.00 5.66  ? 155 ARG A N   1 
ATOM   1079 C CA  . ARG A 1 133 ? 10.789  6.879   2.082   1.00 6.43  ? 155 ARG A CA  1 
ATOM   1080 C C   . ARG A 1 133 ? 12.085  7.576   2.511   1.00 5.97  ? 155 ARG A C   1 
ATOM   1081 O O   . ARG A 1 133 ? 12.841  8.051   1.659   1.00 6.18  ? 155 ARG A O   1 
ATOM   1082 C CB  . ARG A 1 133 ? 9.621   7.855   1.892   1.00 6.83  ? 155 ARG A CB  1 
ATOM   1083 C CG  . ARG A 1 133 ? 9.844   9.004   0.893   1.00 8.14  ? 155 ARG A CG  1 
ATOM   1084 C CD  . ARG A 1 133 ? 10.031  8.613   -0.533  1.00 12.55 ? 155 ARG A CD  1 
ATOM   1085 N NE  . ARG A 1 133 ? 11.369  8.085   -0.746  1.00 12.96 ? 155 ARG A NE  1 
ATOM   1086 C CZ  . ARG A 1 133 ? 11.937  7.922   -1.933  1.00 13.73 ? 155 ARG A CZ  1 
ATOM   1087 N NH1 . ARG A 1 133 ? 13.159  7.418   -1.997  1.00 15.38 ? 155 ARG A NH1 1 
ATOM   1088 N NH2 . ARG A 1 133 ? 11.288  8.285   -3.040  1.00 15.65 ? 155 ARG A NH2 1 
ATOM   1089 N N   . ASP A 1 134 ? 12.364  7.593   3.821   1.00 6.18  ? 156 ASP A N   1 
ATOM   1090 C CA  . ASP A 1 134 ? 13.626  8.138   4.324   1.00 6.37  ? 156 ASP A CA  1 
ATOM   1091 C C   . ASP A 1 134 ? 14.780  7.157   4.216   1.00 6.16  ? 156 ASP A C   1 
ATOM   1092 O O   . ASP A 1 134 ? 15.876  7.465   4.690   1.00 7.23  ? 156 ASP A O   1 
ATOM   1093 C CB  . ASP A 1 134 ? 13.487  8.662   5.768   1.00 7.38  ? 156 ASP A CB  1 
ATOM   1094 C CG  . ASP A 1 134 ? 13.295  7.562   6.812   1.00 7.63  ? 156 ASP A CG  1 
ATOM   1095 O OD1 . ASP A 1 134 ? 13.342  6.363   6.480   1.00 7.97  ? 156 ASP A OD1 1 
ATOM   1096 O OD2 . ASP A 1 134 ? 13.110  7.934   8.000   1.00 8.40  ? 156 ASP A OD2 1 
ATOM   1097 N N   . GLY A 1 135 ? 14.550  5.995   3.621   1.00 6.24  ? 157 GLY A N   1 
ATOM   1098 C CA  . GLY A 1 135 ? 15.608  5.028   3.374   1.00 6.78  ? 157 GLY A CA  1 
ATOM   1099 C C   . GLY A 1 135 ? 15.764  3.959   4.441   1.00 6.85  ? 157 GLY A C   1 
ATOM   1100 O O   . GLY A 1 135 ? 16.442  2.958   4.214   1.00 7.38  ? 157 GLY A O   1 
ATOM   1101 N N   A THR A 1 136 ? 15.126  4.181   5.598   0.50 6.21  ? 158 THR A N   1 
ATOM   1102 N N   B THR A 1 136 ? 15.146  4.130   5.591   0.50 7.12  ? 158 THR A N   1 
ATOM   1103 C CA  A THR A 1 136 ? 15.148  3.230   6.723   0.50 5.85  ? 158 THR A CA  1 
ATOM   1104 C CA  B THR A 1 136 ? 15.352  3.129   6.614   0.50 7.58  ? 158 THR A CA  1 
ATOM   1105 C C   A THR A 1 136 ? 14.641  1.883   6.204   0.50 5.76  ? 158 THR A C   1 
ATOM   1106 C C   B THR A 1 136 ? 14.696  1.814   6.213   0.50 7.21  ? 158 THR A C   1 
ATOM   1107 O O   A THR A 1 136 ? 13.635  1.825   5.489   0.50 5.79  ? 158 THR A O   1 
ATOM   1108 O O   B THR A 1 136 ? 13.548  1.779   5.739   0.50 7.05  ? 158 THR A O   1 
ATOM   1109 C CB  A THR A 1 136 ? 14.288  3.705   7.946   0.50 5.52  ? 158 THR A CB  1 
ATOM   1110 C CB  B THR A 1 136 ? 14.859  3.595   7.948   0.50 7.96  ? 158 THR A CB  1 
ATOM   1111 O OG1 A THR A 1 136 ? 14.733  4.994   8.392   0.50 5.87  ? 158 THR A OG1 1 
ATOM   1112 O OG1 B THR A 1 136 ? 13.472  3.909   7.840   0.50 8.96  ? 158 THR A OG1 1 
ATOM   1113 C CG2 A THR A 1 136 ? 14.429  2.739   9.120   0.50 6.63  ? 158 THR A CG2 1 
ATOM   1114 C CG2 B THR A 1 136 ? 15.619  4.835   8.361   0.50 8.83  ? 158 THR A CG2 1 
ATOM   1115 N N   A ARG A 1 137 ? 15.328  0.805   6.561   0.50 6.13  ? 159 ARG A N   1 
ATOM   1116 N N   B ARG A 1 137 ? 15.438  0.732   6.408   0.50 7.47  ? 159 ARG A N   1 
ATOM   1117 C CA  A ARG A 1 137 ? 14.997  -0.516  6.048   0.50 6.89  ? 159 ARG A CA  1 
ATOM   1118 C CA  B ARG A 1 137 ? 15.012  -0.585  5.982   0.50 7.86  ? 159 ARG A CA  1 
ATOM   1119 C C   A ARG A 1 137 ? 14.889  -1.532  7.167   0.50 8.21  ? 159 ARG A C   1 
ATOM   1120 C C   B ARG A 1 137 ? 14.879  -1.526  7.156   0.50 8.77  ? 159 ARG A C   1 
ATOM   1121 O O   A ARG A 1 137 ? 15.644  -1.470  8.147   0.50 9.40  ? 159 ARG A O   1 
ATOM   1122 O O   B ARG A 1 137 ? 15.591  -1.398  8.163   0.50 9.73  ? 159 ARG A O   1 
ATOM   1123 C CB  A ARG A 1 137 ? 16.057  -0.986  5.065   0.50 7.38  ? 159 ARG A CB  1 
ATOM   1124 C CB  B ARG A 1 137 ? 16.002  -1.174  4.983   0.50 8.50  ? 159 ARG A CB  1 
ATOM   1125 C CG  A ARG A 1 137 ? 15.936  -0.343  3.703   0.50 7.34  ? 159 ARG A CG  1 
ATOM   1126 C CG  B ARG A 1 137 ? 15.854  -0.579  3.610   0.50 9.06  ? 159 ARG A CG  1 
ATOM   1127 C CD  A ARG A 1 137 ? 17.083  -0.786  2.804   0.50 6.44  ? 159 ARG A CD  1 
ATOM   1128 C CD  B ARG A 1 137 ? 16.923  -1.071  2.627   0.50 9.54  ? 159 ARG A CD  1 
ATOM   1129 N NE  A ARG A 1 137 ? 16.848  -0.558  1.379   0.50 8.09  ? 159 ARG A NE  1 
ATOM   1130 N NE  B ARG A 1 137 ? 16.825  -0.343  1.363   0.50 10.60 ? 159 ARG A NE  1 
ATOM   1131 C CZ  A ARG A 1 137 ? 16.923  0.630   0.792   0.50 8.39  ? 159 ARG A CZ  1 
ATOM   1132 C CZ  B ARG A 1 137 ? 16.600  -0.887  0.171   0.50 11.10 ? 159 ARG A CZ  1 
ATOM   1133 N NH1 A ARG A 1 137 ? 17.217  1.717   1.503   0.50 8.44  ? 159 ARG A NH1 1 
ATOM   1134 N NH1 B ARG A 1 137 ? 16.466  -2.209  0.018   0.50 11.36 ? 159 ARG A NH1 1 
ATOM   1135 N NH2 A ARG A 1 137 ? 16.705  0.725   -0.517  0.50 8.89  ? 159 ARG A NH2 1 
ATOM   1136 N NH2 B ARG A 1 137 ? 16.521  -0.084  -0.882  0.50 10.93 ? 159 ARG A NH2 1 
ATOM   1137 N N   . TYR A 1 138 ? 13.946  -2.456  7.004   1.00 8.90  ? 160 TYR A N   1 
ATOM   1138 C CA  . TYR A 1 138 ? 13.774  -3.590  7.907   1.00 10.45 ? 160 TYR A CA  1 
ATOM   1139 C C   . TYR A 1 138 ? 13.586  -4.818  7.029   1.00 10.94 ? 160 TYR A C   1 
ATOM   1140 O O   . TYR A 1 138 ? 12.713  -4.838  6.142   1.00 11.42 ? 160 TYR A O   1 
ATOM   1141 C CB  . TYR A 1 138 ? 12.531  -3.403  8.784   1.00 11.46 ? 160 TYR A CB  1 
ATOM   1142 C CG  . TYR A 1 138 ? 12.113  -4.680  9.508   1.00 15.48 ? 160 TYR A CG  1 
ATOM   1143 C CD1 . TYR A 1 138 ? 12.783  -5.092  10.663  1.00 18.23 ? 160 TYR A CD1 1 
ATOM   1144 C CD2 . TYR A 1 138 ? 11.080  -5.491  9.028   1.00 18.12 ? 160 TYR A CD2 1 
ATOM   1145 C CE1 . TYR A 1 138 ? 12.427  -6.268  11.339  1.00 18.63 ? 160 TYR A CE1 1 
ATOM   1146 C CE2 . TYR A 1 138 ? 10.720  -6.685  9.698   1.00 18.57 ? 160 TYR A CE2 1 
ATOM   1147 C CZ  . TYR A 1 138 ? 11.394  -7.058  10.855  1.00 19.14 ? 160 TYR A CZ  1 
ATOM   1148 O OH  . TYR A 1 138 ? 11.049  -8.223  11.523  1.00 21.79 ? 160 TYR A OH  1 
ATOM   1149 N N   . SER A 1 139 ? 14.371  -5.857  7.287   1.00 11.66 ? 161 SER A N   1 
ATOM   1150 C CA  . SER A 1 139 ? 14.313  -7.081  6.503   1.00 12.46 ? 161 SER A CA  1 
ATOM   1151 C C   . SER A 1 139 ? 13.987  -8.287  7.366   1.00 12.64 ? 161 SER A C   1 
ATOM   1152 O O   . SER A 1 139 ? 14.348  -8.343  8.548   1.00 12.69 ? 161 SER A O   1 
ATOM   1153 C CB  . SER A 1 139 ? 15.641  -7.341  5.797   1.00 13.49 ? 161 SER A CB  1 
ATOM   1154 O OG  . SER A 1 139 ? 15.932  -6.334  4.849   1.00 16.58 ? 161 SER A OG  1 
ATOM   1155 N N   . LYS A 1 140 ? 13.311  -9.257  6.766   1.00 12.11 ? 162 LYS A N   1 
ATOM   1156 C CA  . LYS A 1 140 ? 13.071  -10.542 7.412   1.00 13.33 ? 162 LYS A CA  1 
ATOM   1157 C C   . LYS A 1 140 ? 12.887  -11.594 6.339   1.00 13.58 ? 162 LYS A C   1 
ATOM   1158 O O   . LYS A 1 140 ? 12.531  -11.286 5.194   1.00 14.48 ? 162 LYS A O   1 
ATOM   1159 C CB  . LYS A 1 140 ? 11.841  -10.477 8.313   1.00 14.26 ? 162 LYS A CB  1 
ATOM   1160 C CG  . LYS A 1 140 ? 10.509  -10.413 7.577   1.00 16.09 ? 162 LYS A CG  1 
ATOM   1161 C CD  . LYS A 1 140 ? 9.362   -10.028 8.500   1.00 18.46 ? 162 LYS A CD  1 
ATOM   1162 C CE  . LYS A 1 140 ? 9.105   -11.061 9.602   1.00 18.90 ? 162 LYS A CE  1 
ATOM   1163 N NZ  . LYS A 1 140 ? 7.849   -10.773 10.363  1.00 20.91 ? 162 LYS A NZ  1 
ATOM   1164 N N   . LYS A 1 141 ? 13.142  -12.842 6.702   1.00 13.19 ? 163 LYS A N   1 
ATOM   1165 C CA  . LYS A 1 141 ? 12.896  -13.964 5.821   1.00 12.76 ? 163 LYS A CA  1 
ATOM   1166 C C   . LYS A 1 141 ? 11.459  -14.427 6.022   1.00 12.14 ? 163 LYS A C   1 
ATOM   1167 O O   . LYS A 1 141 ? 11.010  -14.584 7.159   1.00 13.60 ? 163 LYS A O   1 
ATOM   1168 C CB  . LYS A 1 141 ? 13.870  -15.100 6.134   1.00 14.30 ? 163 LYS A CB  1 
ATOM   1169 C CG  . LYS A 1 141 ? 13.939  -16.173 5.074   1.00 17.87 ? 163 LYS A CG  1 
ATOM   1170 C CD  . LYS A 1 141 ? 14.876  -17.329 5.467   1.00 22.60 ? 163 LYS A CD  1 
ATOM   1171 C CE  . LYS A 1 141 ? 14.397  -18.096 6.715   1.00 23.93 ? 163 LYS A CE  1 
ATOM   1172 N NZ  . LYS A 1 141 ? 13.171  -18.926 6.480   1.00 25.50 ? 163 LYS A NZ  1 
ATOM   1173 N N   . GLY A 1 142 ? 10.729  -14.618 4.927   1.00 10.56 ? 164 GLY A N   1 
ATOM   1174 C CA  . GLY A 1 142 ? 9.349   -15.059 5.038   1.00 10.27 ? 164 GLY A CA  1 
ATOM   1175 C C   . GLY A 1 142 ? 8.623   -15.202 3.722   1.00 10.05 ? 164 GLY A C   1 
ATOM   1176 O O   . GLY A 1 142 ? 9.231   -15.386 2.674   1.00 10.74 ? 164 GLY A O   1 
ATOM   1177 N N   . GLU A 1 143 ? 7.302   -15.148 3.802   1.00 9.46  ? 165 GLU A N   1 
ATOM   1178 C CA  . GLU A 1 143 ? 6.449   -15.184 2.630   1.00 10.04 ? 165 GLU A CA  1 
ATOM   1179 C C   . GLU A 1 143 ? 5.138   -14.531 3.036   1.00 9.73  ? 165 GLU A C   1 
ATOM   1180 O O   . GLU A 1 143 ? 4.800   -14.488 4.230   1.00 9.87  ? 165 GLU A O   1 
ATOM   1181 C CB  . GLU A 1 143 ? 6.246   -16.637 2.174   1.00 10.62 ? 165 GLU A CB  1 
ATOM   1182 C CG  . GLU A 1 143 ? 5.328   -16.820 0.958   1.00 12.36 ? 165 GLU A CG  1 
ATOM   1183 C CD  . GLU A 1 143 ? 5.771   -16.035 -0.263  1.00 13.39 ? 165 GLU A CD  1 
ATOM   1184 O OE1 . GLU A 1 143 ? 6.596   -16.557 -1.047  1.00 15.52 ? 165 GLU A OE1 1 
ATOM   1185 O OE2 . GLU A 1 143 ? 5.289   -14.889 -0.461  1.00 12.47 ? 165 GLU A OE2 1 
ATOM   1186 N N   . TYR A 1 144 ? 4.397   -14.014 2.056   1.00 9.84  ? 166 TYR A N   1 
ATOM   1187 C CA  . TYR A 1 144 ? 3.049   -13.507 2.322   1.00 10.32 ? 166 TYR A CA  1 
ATOM   1188 C C   . TYR A 1 144 ? 2.033   -13.955 1.274   1.00 10.89 ? 166 TYR A C   1 
ATOM   1189 O O   . TYR A 1 144 ? 0.838   -13.831 1.498   1.00 10.74 ? 166 TYR A O   1 
ATOM   1190 C CB  . TYR A 1 144 ? 3.036   -11.972 2.468   1.00 10.01 ? 166 TYR A CB  1 
ATOM   1191 C CG  . TYR A 1 144 ? 3.467   -11.266 1.220   1.00 9.94  ? 166 TYR A CG  1 
ATOM   1192 C CD1 . TYR A 1 144 ? 2.551   -10.967 0.203   1.00 10.60 ? 166 TYR A CD1 1 
ATOM   1193 C CD2 . TYR A 1 144 ? 4.796   -10.919 1.027   1.00 11.68 ? 166 TYR A CD2 1 
ATOM   1194 C CE1 . TYR A 1 144 ? 2.955   -10.337 -0.972  1.00 11.57 ? 166 TYR A CE1 1 
ATOM   1195 C CE2 . TYR A 1 144 ? 5.211   -10.292 -0.141  1.00 14.26 ? 166 TYR A CE2 1 
ATOM   1196 C CZ  . TYR A 1 144 ? 4.289   -10.008 -1.136  1.00 11.99 ? 166 TYR A CZ  1 
ATOM   1197 O OH  . TYR A 1 144 ? 4.726   -9.387  -2.289  1.00 14.74 ? 166 TYR A OH  1 
ATOM   1198 N N   . ARG A 1 145 ? 2.502   -14.488 0.150   1.00 11.91 ? 167 ARG A N   1 
ATOM   1199 C CA  . ARG A 1 145 ? 1.620   -14.849 -0.964  1.00 13.09 ? 167 ARG A CA  1 
ATOM   1200 C C   . ARG A 1 145 ? 1.012   -16.213 -0.728  1.00 14.36 ? 167 ARG A C   1 
ATOM   1201 O O   . ARG A 1 145 ? 1.739   -17.166 -0.435  1.00 15.33 ? 167 ARG A O   1 
ATOM   1202 C CB  . ARG A 1 145 ? 2.382   -14.834 -2.284  1.00 13.43 ? 167 ARG A CB  1 
ATOM   1203 C CG  . ARG A 1 145 ? 2.887   -13.455 -2.641  1.00 12.78 ? 167 ARG A CG  1 
ATOM   1204 C CD  . ARG A 1 145 ? 3.967   -13.478 -3.700  1.00 15.02 ? 167 ARG A CD  1 
ATOM   1205 N NE  . ARG A 1 145 ? 5.171   -14.166 -3.231  1.00 14.20 ? 167 ARG A NE  1 
ATOM   1206 C CZ  . ARG A 1 145 ? 6.270   -14.354 -3.955  1.00 16.84 ? 167 ARG A CZ  1 
ATOM   1207 N NH1 . ARG A 1 145 ? 6.349   -13.889 -5.195  1.00 17.15 ? 167 ARG A NH1 1 
ATOM   1208 N NH2 . ARG A 1 145 ? 7.295   -15.006 -3.430  1.00 16.33 ? 167 ARG A NH2 1 
ATOM   1209 N N   . THR A 1 146 ? -0.307  -16.300 -0.833  1.00 14.92 ? 168 THR A N   1 
ATOM   1210 C CA  . THR A 1 146 ? -1.017  -17.550 -0.582  1.00 16.95 ? 168 THR A CA  1 
ATOM   1211 C C   . THR A 1 146 ? -1.569  -18.176 -1.860  1.00 18.10 ? 168 THR A C   1 
ATOM   1212 O O   . THR A 1 146 ? -2.050  -19.315 -1.829  1.00 19.21 ? 168 THR A O   1 
ATOM   1213 C CB  . THR A 1 146 ? -2.169  -17.378 0.433   1.00 16.84 ? 168 THR A CB  1 
ATOM   1214 O OG1 . THR A 1 146 ? -3.241  -16.656 -0.181  1.00 17.39 ? 168 THR A OG1 1 
ATOM   1215 C CG2 . THR A 1 146 ? -1.696  -16.666 1.713   1.00 16.89 ? 168 THR A CG2 1 
ATOM   1216 N N   . HIS A 1 147 ? -1.509  -17.448 -2.973  1.00 18.87 ? 169 HIS A N   1 
ATOM   1217 C CA  . HIS A 1 147 ? -1.980  -17.952 -4.267  1.00 20.48 ? 169 HIS A CA  1 
ATOM   1218 C C   . HIS A 1 147 ? -0.799  -18.301 -5.163  1.00 21.34 ? 169 HIS A C   1 
ATOM   1219 O O   . HIS A 1 147 ? 0.070   -17.465 -5.408  1.00 21.23 ? 169 HIS A O   1 
ATOM   1220 C CB  . HIS A 1 147 ? -2.874  -16.924 -4.958  1.00 20.26 ? 169 HIS A CB  1 
ATOM   1221 C CG  . HIS A 1 147 ? -4.151  -16.654 -4.229  1.00 21.40 ? 169 HIS A CG  1 
ATOM   1222 N ND1 . HIS A 1 147 ? -4.252  -15.723 -3.218  1.00 23.32 ? 169 HIS A ND1 1 
ATOM   1223 C CD2 . HIS A 1 147 ? -5.382  -17.201 -4.361  1.00 22.77 ? 169 HIS A CD2 1 
ATOM   1224 C CE1 . HIS A 1 147 ? -5.492  -15.705 -2.761  1.00 23.04 ? 169 HIS A CE1 1 
ATOM   1225 N NE2 . HIS A 1 147 ? -6.196  -16.593 -3.437  1.00 24.57 ? 169 HIS A NE2 1 
ATOM   1226 N N   . GLN A 1 148 ? -0.779  -19.540 -5.652  1.00 22.94 ? 170 GLN A N   1 
ATOM   1227 C CA  . GLN A 1 148 ? 0.301   -20.037 -6.506  1.00 24.28 ? 170 GLN A CA  1 
ATOM   1228 C C   . GLN A 1 148 ? 0.529   -19.176 -7.756  1.00 24.55 ? 170 GLN A C   1 
ATOM   1229 O O   . GLN A 1 148 ? 1.676   -18.922 -8.143  1.00 24.82 ? 170 GLN A O   1 
ATOM   1230 C CB  . GLN A 1 148 ? 0.042   -21.501 -6.889  1.00 24.85 ? 170 GLN A CB  1 
ATOM   1231 C CG  . GLN A 1 148 ? 1.230   -22.218 -7.539  1.00 26.81 ? 170 GLN A CG  1 
ATOM   1232 C CD  . GLN A 1 148 ? 2.521   -22.096 -6.736  1.00 29.30 ? 170 GLN A CD  1 
ATOM   1233 O OE1 . GLN A 1 148 ? 2.562   -22.395 -5.538  1.00 31.22 ? 170 GLN A OE1 1 
ATOM   1234 N NE2 . GLN A 1 148 ? 3.589   -21.661 -7.401  1.00 30.60 ? 170 GLN A NE2 1 
ATOM   1235 N N   . GLU A 1 149 ? -0.567  -18.709 -8.354  1.00 25.22 ? 171 GLU A N   1 
ATOM   1236 C CA  . GLU A 1 149 ? -0.517  -17.880 -9.562  1.00 25.82 ? 171 GLU A CA  1 
ATOM   1237 C C   . GLU A 1 149 ? 0.278   -16.590 -9.351  1.00 25.37 ? 171 GLU A C   1 
ATOM   1238 O O   . GLU A 1 149 ? 0.796   -16.009 -10.307 1.00 25.72 ? 171 GLU A O   1 
ATOM   1239 C CB  . GLU A 1 149 ? -1.927  -17.546 -10.062 1.00 26.36 ? 171 GLU A CB  1 
ATOM   1240 C CG  . GLU A 1 149 ? -2.956  -18.655 -9.857  1.00 29.04 ? 171 GLU A CG  1 
ATOM   1241 C CD  . GLU A 1 149 ? -3.662  -18.551 -8.512  1.00 31.89 ? 171 GLU A CD  1 
ATOM   1242 O OE1 . GLU A 1 149 ? -3.454  -19.443 -7.658  1.00 32.70 ? 171 GLU A OE1 1 
ATOM   1243 O OE2 . GLU A 1 149 ? -4.417  -17.571 -8.307  1.00 33.45 ? 171 GLU A OE2 1 
ATOM   1244 N N   . ASP A 1 150 ? 0.375   -16.149 -8.098  1.00 24.56 ? 172 ASP A N   1 
ATOM   1245 C CA  . ASP A 1 150 ? 1.123   -14.937 -7.770  1.00 24.24 ? 172 ASP A CA  1 
ATOM   1246 C C   . ASP A 1 150 ? 2.623   -15.146 -7.603  1.00 25.35 ? 172 ASP A C   1 
ATOM   1247 O O   . ASP A 1 150 ? 3.394   -14.197 -7.736  1.00 26.16 ? 172 ASP A O   1 
ATOM   1248 C CB  . ASP A 1 150 ? 0.540   -14.262 -6.526  1.00 22.82 ? 172 ASP A CB  1 
ATOM   1249 C CG  . ASP A 1 150 ? -0.829  -13.679 -6.778  1.00 20.05 ? 172 ASP A CG  1 
ATOM   1250 O OD1 . ASP A 1 150 ? -1.081  -13.206 -7.910  1.00 19.07 ? 172 ASP A OD1 1 
ATOM   1251 O OD2 . ASP A 1 150 ? -1.652  -13.698 -5.846  1.00 15.19 ? 172 ASP A OD2 1 
ATOM   1252 N N   . ILE A 1 151 ? 3.038   -16.378 -7.326  1.00 26.21 ? 173 ILE A N   1 
ATOM   1253 C CA  . ILE A 1 151 ? 4.447   -16.652 -7.045  1.00 27.11 ? 173 ILE A CA  1 
ATOM   1254 C C   . ILE A 1 151 ? 5.212   -17.044 -8.306  1.00 27.68 ? 173 ILE A C   1 
ATOM   1255 O O   . ILE A 1 151 ? 5.986   -16.244 -8.836  1.00 28.73 ? 173 ILE A O   1 
ATOM   1256 C CB  . ILE A 1 151 ? 4.613   -17.720 -5.944  1.00 27.17 ? 173 ILE A CB  1 
ATOM   1257 C CG1 . ILE A 1 151 ? 3.917   -17.261 -4.658  1.00 27.22 ? 173 ILE A CG1 1 
ATOM   1258 C CG2 . ILE A 1 151 ? 6.097   -17.992 -5.680  1.00 27.05 ? 173 ILE A CG2 1 
ATOM   1259 C CD1 . ILE A 1 151 ? 3.593   -18.372 -3.680  1.00 27.80 ? 173 ILE A CD1 1 
HETATM 1260 C CAM . 4XL B 2 .   ? 9.187   6.117   -4.854  1.00 14.18 ? 201 4XL A CAM 1 
HETATM 1261 C CAH . 4XL B 2 .   ? 10.065  5.051   -4.185  1.00 12.36 ? 201 4XL A CAH 1 
HETATM 1262 C CAQ . 4XL B 2 .   ? 9.767   4.867   -2.810  1.00 10.08 ? 201 4XL A CAQ 1 
HETATM 1263 C CAD . 4XL B 2 .   ? 10.720  4.255   -1.984  1.00 11.43 ? 201 4XL A CAD 1 
HETATM 1264 C CAB . 4XL B 2 .   ? 10.485  4.052   -0.626  1.00 10.24 ? 201 4XL A CAB 1 
HETATM 1265 C CAC . 4XL B 2 .   ? 9.275   4.435   -0.064  1.00 8.16  ? 201 4XL A CAC 1 
HETATM 1266 C CAP . 4XL B 2 .   ? 8.319   5.057   -0.877  1.00 8.93  ? 201 4XL A CAP 1 
HETATM 1267 N NAA . 4XL B 2 .   ? 7.141   5.431   -0.343  1.00 9.56  ? 201 4XL A NAA 1 
HETATM 1268 C CAR . 4XL B 2 .   ? 8.537   5.273   -2.256  1.00 10.17 ? 201 4XL A CAR 1 
HETATM 1269 C CAN . 4XL B 2 .   ? 7.526   5.899   -3.061  1.00 12.33 ? 201 4XL A CAN 1 
HETATM 1270 N NAT . 4XL B 2 .   ? 7.758   5.949   -4.531  1.00 13.30 ? 201 4XL A NAT 1 
HETATM 1271 C CAJ . 4XL B 2 .   ? 6.917   6.988   -5.184  1.00 16.25 ? 201 4XL A CAJ 1 
HETATM 1272 C CAE . 4XL B 2 .   ? 6.969   6.904   -6.718  1.00 19.65 ? 201 4XL A CAE 1 
HETATM 1273 C CAI . 4XL B 2 .   ? 6.162   8.050   -7.341  1.00 23.34 ? 201 4XL A CAI 1 
HETATM 1274 N NAS . 4XL B 2 .   ? 6.546   8.313   -8.741  1.00 26.19 ? 201 4XL A NAS 1 
HETATM 1275 C CAK . 4XL B 2 .   ? 5.325   8.752   -9.451  1.00 27.63 ? 201 4XL A CAK 1 
HETATM 1276 C CAF . 4XL B 2 .   ? 5.602   9.752   -10.577 1.00 29.16 ? 201 4XL A CAF 1 
HETATM 1277 O OAO . 4XL B 2 .   ? 6.913   9.529   -11.136 1.00 30.58 ? 201 4XL A OAO 1 
HETATM 1278 C CAG . 4XL B 2 .   ? 7.980   9.814   -10.190 1.00 29.51 ? 201 4XL A CAG 1 
HETATM 1279 C CAL . 4XL B 2 .   ? 7.629   9.327   -8.771  1.00 28.17 ? 201 4XL A CAL 1 
HETATM 1280 S S   . DMS C 3 .   ? 9.136   7.105   6.767   1.00 13.39 ? 202 DMS A S   1 
HETATM 1281 O O   . DMS C 3 .   ? 10.089  7.668   5.420   1.00 11.63 ? 202 DMS A O   1 
HETATM 1282 C C1  . DMS C 3 .   ? 9.930   7.880   8.191   1.00 13.50 ? 202 DMS A C1  1 
HETATM 1283 C C2  . DMS C 3 .   ? 7.614   8.027   6.571   1.00 12.87 ? 202 DMS A C2  1 
HETATM 1284 S S   . SO4 D 4 .   ? 1.491   -0.038  9.342   1.00 42.01 ? 203 SO4 A S   1 
HETATM 1285 O O1  . SO4 D 4 .   ? 2.646   -0.137  10.237  1.00 43.44 ? 203 SO4 A O1  1 
HETATM 1286 O O2  . SO4 D 4 .   ? 0.565   0.963   9.871   1.00 42.35 ? 203 SO4 A O2  1 
HETATM 1287 O O3  . SO4 D 4 .   ? 1.956   0.361   8.015   1.00 43.66 ? 203 SO4 A O3  1 
HETATM 1288 O O4  . SO4 D 4 .   ? 0.825   -1.341  9.263   1.00 42.21 ? 203 SO4 A O4  1 
HETATM 1289 O O   . HOH E 5 .   ? 4.408   -12.349 -6.882  1.00 22.52 ? 301 HOH A O   1 
HETATM 1290 O O   . HOH E 5 .   ? 13.203  6.266   10.007  1.00 13.98 ? 302 HOH A O   1 
HETATM 1291 O O   . HOH E 5 .   ? -0.184  -12.807 6.541   1.00 25.84 ? 303 HOH A O   1 
HETATM 1292 O O   . HOH E 5 .   ? 5.779   3.331   12.818  1.00 22.55 ? 304 HOH A O   1 
HETATM 1293 O O   . HOH E 5 .   ? 16.407  2.730   -2.007  1.00 15.23 ? 305 HOH A O   1 
HETATM 1294 O O   . HOH E 5 .   ? 9.194   4.019   13.508  1.00 18.86 ? 306 HOH A O   1 
HETATM 1295 O O   . HOH E 5 .   ? 1.179   -9.973  -8.168  1.00 18.34 ? 307 HOH A O   1 
HETATM 1296 O O   . HOH E 5 .   ? -1.373  -3.238  -14.828 1.00 10.61 ? 308 HOH A O   1 
HETATM 1297 O O   . HOH E 5 .   ? 1.342   5.715   -13.104 1.00 16.20 ? 309 HOH A O   1 
HETATM 1298 O O   . HOH E 5 .   ? -10.571 -1.954  5.176   1.00 11.89 ? 310 HOH A O   1 
HETATM 1299 O O   . HOH E 5 .   ? -0.328  3.233   16.741  1.00 29.97 ? 311 HOH A O   1 
HETATM 1300 O O   . HOH E 5 .   ? 0.565   10.737  14.206  1.00 24.41 ? 312 HOH A O   1 
HETATM 1301 O O   . HOH E 5 .   ? -11.462 -4.572  2.687   1.00 16.46 ? 313 HOH A O   1 
HETATM 1302 O O   . HOH E 5 .   ? 16.051  -15.295 0.785   1.00 25.69 ? 314 HOH A O   1 
HETATM 1303 O O   . HOH E 5 .   ? -6.561  -8.706  5.896   1.00 21.60 ? 315 HOH A O   1 
HETATM 1304 O O   . HOH E 5 .   ? 11.037  -22.732 5.630   1.00 28.67 ? 316 HOH A O   1 
HETATM 1305 O O   . HOH E 5 .   ? -14.013 9.558   -5.939  1.00 23.80 ? 317 HOH A O   1 
HETATM 1306 O O   . HOH E 5 .   ? -3.696  15.476  -9.875  1.00 11.53 ? 318 HOH A O   1 
HETATM 1307 O O   . HOH E 5 .   ? -17.564 6.885   -0.275  1.00 27.51 ? 319 HOH A O   1 
HETATM 1308 O O   . HOH E 5 .   ? -14.427 1.321   -3.976  1.00 16.60 ? 320 HOH A O   1 
HETATM 1309 O O   . HOH E 5 .   ? -14.332 0.759   -14.455 1.00 10.81 ? 321 HOH A O   1 
HETATM 1310 O O   . HOH E 5 .   ? 7.644   -19.002 -1.306  1.00 27.24 ? 322 HOH A O   1 
HETATM 1311 O O   . HOH E 5 .   ? 8.027   -14.262 8.118   1.00 15.52 ? 323 HOH A O   1 
HETATM 1312 O O   . HOH E 5 .   ? -18.273 2.581   4.518   1.00 25.32 ? 324 HOH A O   1 
HETATM 1313 O O   . HOH E 5 .   ? -0.926  -14.438 -3.311  1.00 15.02 ? 325 HOH A O   1 
HETATM 1314 O O   . HOH E 5 .   ? 3.770   -2.576  -7.041  1.00 8.00  ? 326 HOH A O   1 
HETATM 1315 O O   . HOH E 5 .   ? 4.994   -9.459  -8.678  1.00 20.24 ? 327 HOH A O   1 
HETATM 1316 O O   . HOH E 5 .   ? 7.984   5.509   4.566   1.00 11.49 ? 328 HOH A O   1 
HETATM 1317 O O   . HOH E 5 .   ? 1.264   3.720   11.532  1.00 12.91 ? 329 HOH A O   1 
HETATM 1318 O O   . HOH E 5 .   ? 6.823   4.786   6.612   1.00 17.46 ? 330 HOH A O   1 
HETATM 1319 O O   . HOH E 5 .   ? 12.694  10.503  8.731   1.00 10.67 ? 331 HOH A O   1 
HETATM 1320 O O   . HOH E 5 .   ? -3.404  -10.923 -15.142 1.00 18.17 ? 332 HOH A O   1 
HETATM 1321 O O   . HOH E 5 .   ? -2.174  6.993   10.474  1.00 6.54  ? 333 HOH A O   1 
HETATM 1322 O O   . HOH E 5 .   ? -0.256  16.395  2.129   1.00 28.27 ? 334 HOH A O   1 
HETATM 1323 O O   . HOH E 5 .   ? -4.334  0.121   -19.299 1.00 9.61  ? 335 HOH A O   1 
HETATM 1324 O O   . HOH E 5 .   ? 13.168  0.864   -2.779  1.00 18.44 ? 336 HOH A O   1 
HETATM 1325 O O   . HOH E 5 .   ? -0.442  -12.860 3.767   1.00 13.07 ? 337 HOH A O   1 
HETATM 1326 O O   . HOH E 5 .   ? 10.222  -18.390 10.066  1.00 16.07 ? 338 HOH A O   1 
HETATM 1327 O O   . HOH E 5 .   ? -5.741  -3.488  11.248  1.00 22.36 ? 339 HOH A O   1 
HETATM 1328 O O   . HOH E 5 .   ? -10.264 -4.314  -18.972 1.00 9.72  ? 340 HOH A O   1 
HETATM 1329 O O   . HOH E 5 .   ? -15.873 2.001   5.472   1.00 12.83 ? 341 HOH A O   1 
HETATM 1330 O O   . HOH E 5 .   ? 15.955  -2.778  10.537  1.00 25.15 ? 342 HOH A O   1 
HETATM 1331 O O   . HOH E 5 .   ? -12.396 5.810   -19.203 1.00 26.18 ? 343 HOH A O   1 
HETATM 1332 O O   . HOH E 5 .   ? -5.868  -8.005  -10.663 1.00 14.38 ? 344 HOH A O   1 
HETATM 1333 O O   . HOH E 5 .   ? 5.894   -13.013 11.200  1.00 19.91 ? 345 HOH A O   1 
HETATM 1334 O O   . HOH E 5 .   ? 2.650   -19.752 -0.123  1.00 28.65 ? 346 HOH A O   1 
HETATM 1335 O O   . HOH E 5 .   ? 3.373   8.360   -5.494  1.00 11.89 ? 347 HOH A O   1 
HETATM 1336 O O   . HOH E 5 .   ? 10.821  -9.961  -6.328  1.00 25.42 ? 348 HOH A O   1 
HETATM 1337 O O   . HOH E 5 .   ? -7.630  4.849   -19.600 1.00 22.08 ? 349 HOH A O   1 
HETATM 1338 O O   . HOH E 5 .   ? -14.916 9.117   4.833   1.00 26.34 ? 350 HOH A O   1 
HETATM 1339 O O   . HOH E 5 .   ? -14.838 0.427   -0.863  1.00 19.26 ? 351 HOH A O   1 
HETATM 1340 O O   . HOH E 5 .   ? -6.212  -8.133  3.475   1.00 20.52 ? 352 HOH A O   1 
HETATM 1341 O O   . HOH E 5 .   ? -10.548 15.011  8.474   1.00 26.44 ? 353 HOH A O   1 
HETATM 1342 O O   . HOH E 5 .   ? -13.100 8.255   -12.516 1.00 14.57 ? 354 HOH A O   1 
HETATM 1343 O O   . HOH E 5 .   ? 3.356   9.773   14.340  1.00 25.17 ? 355 HOH A O   1 
HETATM 1344 O O   . HOH E 5 .   ? 16.410  -5.528  9.179   1.00 26.70 ? 356 HOH A O   1 
HETATM 1345 O O   . HOH E 5 .   ? -3.411  15.185  9.307   1.00 20.89 ? 357 HOH A O   1 
HETATM 1346 O O   . HOH E 5 .   ? -12.208 13.313  1.564   1.00 16.10 ? 358 HOH A O   1 
HETATM 1347 O O   . HOH E 5 .   ? 4.510   11.698  12.043  1.00 17.55 ? 359 HOH A O   1 
HETATM 1348 O O   . HOH E 5 .   ? -9.755  -2.369  -23.790 1.00 20.85 ? 360 HOH A O   1 
HETATM 1349 O O   . HOH E 5 .   ? -7.131  -2.784  9.717   1.00 19.18 ? 361 HOH A O   1 
HETATM 1350 O O   . HOH E 5 .   ? 5.207   3.618   -1.589  1.00 9.04  ? 362 HOH A O   1 
HETATM 1351 O O   . HOH E 5 .   ? 0.675   12.491  1.308   1.00 12.87 ? 363 HOH A O   1 
HETATM 1352 O O   . HOH E 5 .   ? 3.287   5.291   15.168  1.00 23.22 ? 364 HOH A O   1 
HETATM 1353 O O   . HOH E 5 .   ? -5.424  2.771   -18.480 1.00 12.64 ? 365 HOH A O   1 
HETATM 1354 O O   . HOH E 5 .   ? 5.476   -0.035  -13.348 1.00 22.25 ? 366 HOH A O   1 
HETATM 1355 O O   . HOH E 5 .   ? -16.884 2.628   -7.042  1.00 21.18 ? 367 HOH A O   1 
HETATM 1356 O O   . HOH E 5 .   ? 6.854   -22.965 5.292   1.00 18.35 ? 368 HOH A O   1 
HETATM 1357 O O   . HOH E 5 .   ? 7.794   -6.940  -8.698  1.00 19.10 ? 369 HOH A O   1 
HETATM 1358 O O   . HOH E 5 .   ? 1.910   9.353   0.183   1.00 16.05 ? 370 HOH A O   1 
HETATM 1359 O O   . HOH E 5 .   ? -8.432  -6.886  2.584   1.00 14.41 ? 371 HOH A O   1 
HETATM 1360 O O   . HOH E 5 .   ? -8.428  13.587  14.133  1.00 27.62 ? 372 HOH A O   1 
HETATM 1361 O O   . HOH E 5 .   ? -9.609  -3.401  8.973   1.00 20.59 ? 373 HOH A O   1 
HETATM 1362 O O   . HOH E 5 .   ? 18.522  -1.181  7.929   1.00 20.48 ? 374 HOH A O   1 
HETATM 1363 O O   . HOH E 5 .   ? 16.677  -1.259  -3.535  1.00 18.57 ? 375 HOH A O   1 
HETATM 1364 O O   . HOH E 5 .   ? -9.885  5.510   -17.268 1.00 23.37 ? 376 HOH A O   1 
HETATM 1365 O O   . HOH E 5 .   ? -12.910 12.038  -3.377  1.00 17.55 ? 377 HOH A O   1 
HETATM 1366 O O   . HOH E 5 .   ? 10.733  -17.459 7.502   1.00 16.34 ? 378 HOH A O   1 
HETATM 1367 O O   . HOH E 5 .   ? -2.290  11.089  14.594  1.00 12.94 ? 379 HOH A O   1 
HETATM 1368 O O   . HOH E 5 .   ? 6.414   8.254   -0.003  1.00 11.68 ? 380 HOH A O   1 
HETATM 1369 O O   . HOH E 5 .   ? -16.781 2.951   1.569   1.00 14.86 ? 381 HOH A O   1 
HETATM 1370 O O   . HOH E 5 .   ? -1.506  9.036   -13.327 1.00 23.71 ? 382 HOH A O   1 
HETATM 1371 O O   . HOH E 5 .   ? -20.756 4.906   2.147   1.00 27.34 ? 383 HOH A O   1 
HETATM 1372 O O   . HOH E 5 .   ? 12.199  0.301   -5.263  1.00 13.30 ? 384 HOH A O   1 
HETATM 1373 O O   . HOH E 5 .   ? -6.005  -12.959 -1.440  1.00 28.52 ? 385 HOH A O   1 
HETATM 1374 O O   . HOH E 5 .   ? -10.001 -3.852  -6.182  1.00 11.06 ? 386 HOH A O   1 
HETATM 1375 O O   . HOH E 5 .   ? 8.198   -11.341 -6.690  1.00 30.59 ? 387 HOH A O   1 
HETATM 1376 O O   . HOH E 5 .   ? -12.706 9.579   -10.276 1.00 15.85 ? 388 HOH A O   1 
HETATM 1377 O O   . HOH E 5 .   ? 3.763   6.800   -3.214  1.00 15.68 ? 389 HOH A O   1 
HETATM 1378 O O   . HOH E 5 .   ? 13.027  -2.195  -5.731  1.00 19.29 ? 390 HOH A O   1 
HETATM 1379 O O   . HOH E 5 .   ? 5.510   8.801   2.587   1.00 11.20 ? 391 HOH A O   1 
HETATM 1380 O O   . HOH E 5 .   ? 8.747   9.888   -3.675  1.00 26.53 ? 392 HOH A O   1 
HETATM 1381 O O   . HOH E 5 .   ? -14.183 2.157   -12.167 1.00 13.38 ? 393 HOH A O   1 
HETATM 1382 O O   . HOH E 5 .   ? -2.941  -13.956 3.810   1.00 32.88 ? 394 HOH A O   1 
HETATM 1383 O O   . HOH E 5 .   ? 5.896   -0.503  12.169  1.00 27.16 ? 395 HOH A O   1 
HETATM 1384 O O   . HOH E 5 .   ? -11.146 16.538  -10.092 1.00 26.71 ? 396 HOH A O   1 
HETATM 1385 O O   . HOH E 5 .   ? -1.638  15.114  11.256  1.00 23.43 ? 397 HOH A O   1 
HETATM 1386 O O   . HOH E 5 .   ? -2.414  13.651  15.506  1.00 23.97 ? 398 HOH A O   1 
HETATM 1387 O O   . HOH E 5 .   ? 3.146   10.158  2.259   1.00 18.97 ? 399 HOH A O   1 
HETATM 1388 O O   . HOH E 5 .   ? 13.979  3.684   -2.092  1.00 16.02 ? 400 HOH A O   1 
HETATM 1389 O O   . HOH E 5 .   ? 13.440  4.548   -4.602  1.00 18.49 ? 401 HOH A O   1 
HETATM 1390 O O   . HOH E 5 .   ? 4.245   8.867   -1.669  1.00 15.11 ? 402 HOH A O   1 
HETATM 1391 O O   . HOH E 5 .   ? -16.893 1.512   -2.894  1.00 27.85 ? 403 HOH A O   1 
HETATM 1392 O O   . HOH E 5 .   ? -16.739 1.316   -15.804 1.00 13.81 ? 404 HOH A O   1 
HETATM 1393 O O   . HOH E 5 .   ? -15.492 7.125   -12.043 1.00 22.44 ? 405 HOH A O   1 
HETATM 1394 O O   . HOH E 5 .   ? 13.600  -23.071 9.005   1.00 23.03 ? 406 HOH A O   1 
HETATM 1395 O O   . HOH E 5 .   ? -16.776 2.684   -18.292 1.00 23.85 ? 407 HOH A O   1 
HETATM 1396 O O   . HOH E 5 .   ? -16.037 4.119   -11.766 1.00 20.35 ? 408 HOH A O   1 
HETATM 1397 O O   . HOH E 5 .   ? 6.539   13.240  4.839   1.00 22.22 ? 409 HOH A O   1 
# 
